data_8TP9
#
_entry.id   8TP9
#
_cell.length_a   1.00
_cell.length_b   1.00
_cell.length_c   1.00
_cell.angle_alpha   90.00
_cell.angle_beta   90.00
_cell.angle_gamma   90.00
#
_symmetry.space_group_name_H-M   'P 1'
#
loop_
_entity.id
_entity.type
_entity.pdbx_description
1 polymer Hemagglutinin
2 polymer 'Heavy chain of Fab 2-2-1G06'
3 polymer 'Light chain of Fab 2-2-1G06'
4 branched 2-acetamido-2-deoxy-beta-D-glucopyranose-(1-4)-2-acetamido-2-deoxy-beta-D-glucopyranose
5 non-polymer 2-acetamido-2-deoxy-beta-D-glucopyranose
#
loop_
_entity_poly.entity_id
_entity_poly.type
_entity_poly.pdbx_seq_one_letter_code
_entity_poly.pdbx_strand_id
1 'polypeptide(L)'
;MAIIYLILLFTAVRGDQICIGYHANNSTEKVDTILERNVTVTHAKDILEKTHNGKLCKLNGIPPLELGDCSIAGWLLGNP
ECDRLLSVPEWSYIMEKENPRDGLCYPGSFNDYEELKHLLSSVKHFEKVKILPKDRWTQHTTTGGSRACAVSGNPSFFRN
MVWLTKKGSNYPVAKGSYNNTSGEQMLIIWGVHHPNDETEQRTLYQNVGTYVSVGTSTLNKRSTPDIATRPKVNGQGGRM
EFSWTLLDMWDTINFESTGNLIAPEYGFKISKRGSSGIMKTEGTLENCETKCQTPLGAINTTLPFHNVHPLTIGECPKYV
KSEKLVLATGLRNVPQIESRGLFGAIAGFIEGGWQGMVDGWYGYHHSNDQGSGYAADKESTQKAFDGITNKVNSVIEKMN
TQFEAVGKEFSNLERRLENLNKKMEDGFLDVWTYNAELLVLMENERTLDFHDSNVKNLYDKVRMQLRDNVKELGNGCFEF
YHKCDDECMNSVKNGTYDYPKYEEES
;
A,B,C
2 'polypeptide(L)'
;QVQLRESGPGLVKPSQTLSLTCTVSGDSISNGGLYWNWIRQRPGRGLEWIGYIYYNGVTTYNPSLRSRIAISLETAKNQL
SLRLSSVSAADTAIYYCAREGWVPDYGGRNYYLDFWGQGTLVTVSS
;
D,E,H
3 'polypeptide(L)'
;DIQMTQSPSSLSASVGDRVTITCRASHNIQNFLNWYQQKPGKAPKLLIYAASTLQSGVPSRFSGSGSRTDFTLTISSLQP
EDFAAYYCQQSYGLPRTFGQGTRLEIK
;
F,G,L
#
# COMPACT_ATOMS: atom_id res chain seq x y z
N ASP A 16 -48.07 41.49 -12.99
CA ASP A 16 -46.82 41.42 -13.74
C ASP A 16 -46.22 40.01 -13.54
N GLN A 17 -45.06 39.73 -14.17
CA GLN A 17 -44.35 38.44 -14.14
C GLN A 17 -43.56 38.15 -12.86
N ILE A 18 -43.48 36.86 -12.56
CA ILE A 18 -42.64 36.36 -11.48
C ILE A 18 -41.53 35.57 -12.16
N CYS A 19 -40.30 35.91 -11.82
CA CYS A 19 -39.14 35.24 -12.46
C CYS A 19 -38.48 34.31 -11.46
N ILE A 20 -37.95 33.19 -11.93
CA ILE A 20 -37.19 32.28 -11.10
C ILE A 20 -35.77 32.33 -11.52
N GLY A 21 -34.92 32.63 -10.58
CA GLY A 21 -33.52 32.76 -10.85
C GLY A 21 -32.73 32.36 -9.66
N TYR A 22 -31.53 32.86 -9.61
CA TYR A 22 -30.62 32.51 -8.59
C TYR A 22 -29.61 33.58 -8.28
N HIS A 23 -28.94 33.41 -7.17
CA HIS A 23 -27.87 34.26 -6.67
C HIS A 23 -26.67 34.38 -7.59
N ALA A 24 -26.26 35.63 -7.79
CA ALA A 24 -25.01 35.91 -8.49
C ALA A 24 -24.24 36.85 -7.58
N ASN A 25 -22.93 36.74 -7.51
CA ASN A 25 -22.10 37.58 -6.62
C ASN A 25 -21.01 38.28 -7.40
N ASN A 26 -20.05 38.87 -6.73
CA ASN A 26 -18.85 39.47 -7.32
C ASN A 26 -17.62 38.63 -6.98
N SER A 27 -17.86 37.38 -6.60
CA SER A 27 -16.84 36.43 -6.27
C SER A 27 -16.01 36.10 -7.49
N THR A 28 -14.71 35.97 -7.27
CA THR A 28 -13.78 35.61 -8.33
C THR A 28 -13.21 34.21 -8.13
N GLU A 29 -13.67 33.55 -7.08
CA GLU A 29 -13.23 32.21 -6.71
C GLU A 29 -13.58 31.22 -7.81
N LYS A 30 -12.60 30.40 -8.25
CA LYS A 30 -12.87 29.46 -9.33
C LYS A 30 -12.56 28.01 -8.97
N VAL A 31 -13.32 27.09 -9.57
CA VAL A 31 -13.17 25.65 -9.37
C VAL A 31 -13.02 24.89 -10.67
N ASP A 32 -12.53 23.67 -10.58
CA ASP A 32 -12.47 22.79 -11.75
C ASP A 32 -13.48 21.66 -11.59
N THR A 33 -13.94 21.10 -12.70
CA THR A 33 -14.86 19.96 -12.70
C THR A 33 -14.25 18.93 -13.65
N ILE A 34 -14.83 17.76 -13.78
CA ILE A 34 -14.19 16.79 -14.69
C ILE A 34 -14.12 17.28 -16.12
N LEU A 35 -15.21 17.85 -16.64
CA LEU A 35 -15.26 18.28 -18.03
C LEU A 35 -15.18 19.80 -18.30
N GLU A 36 -14.94 20.58 -17.29
CA GLU A 36 -14.86 22.03 -17.44
C GLU A 36 -13.79 22.56 -16.49
N ARG A 37 -13.06 23.58 -16.90
CA ARG A 37 -12.03 24.11 -16.01
C ARG A 37 -12.16 25.61 -15.83
N ASN A 38 -11.60 26.17 -14.70
CA ASN A 38 -11.56 27.61 -14.40
C ASN A 38 -12.98 28.25 -14.37
N VAL A 39 -13.92 27.61 -13.64
CA VAL A 39 -15.33 28.01 -13.49
C VAL A 39 -15.53 28.91 -12.28
N THR A 40 -16.08 30.10 -12.48
CA THR A 40 -16.29 31.01 -11.36
C THR A 40 -17.51 30.56 -10.59
N VAL A 41 -17.42 30.52 -9.26
CA VAL A 41 -18.54 30.15 -8.40
C VAL A 41 -18.81 31.23 -7.37
N THR A 42 -20.02 31.26 -6.85
CA THR A 42 -20.34 32.28 -5.85
C THR A 42 -19.67 31.98 -4.54
N HIS A 43 -19.57 30.70 -4.22
CA HIS A 43 -18.98 30.24 -2.98
C HIS A 43 -18.21 28.96 -3.19
N ALA A 44 -17.14 28.79 -2.45
CA ALA A 44 -16.43 27.54 -2.46
C ALA A 44 -15.72 27.35 -1.15
N LYS A 45 -15.47 26.11 -0.81
CA LYS A 45 -14.73 25.83 0.37
C LYS A 45 -13.38 25.35 -0.02
N ASP A 46 -12.38 26.11 0.33
CA ASP A 46 -11.04 25.70 0.03
C ASP A 46 -10.77 24.65 1.05
N ILE A 47 -10.40 23.43 0.63
CA ILE A 47 -10.19 22.38 1.61
C ILE A 47 -8.73 22.00 1.74
N LEU A 48 -7.86 22.77 1.08
CA LEU A 48 -6.43 22.51 1.15
C LEU A 48 -5.68 23.67 1.83
N GLU A 49 -4.93 23.34 2.86
CA GLU A 49 -4.16 24.34 3.58
C GLU A 49 -2.85 24.58 2.87
N LYS A 50 -2.64 25.81 2.47
CA LYS A 50 -1.48 26.15 1.68
C LYS A 50 -0.42 26.95 2.42
N THR A 51 -0.58 27.17 3.72
CA THR A 51 0.41 27.95 4.46
C THR A 51 0.90 27.31 5.72
N HIS A 52 2.03 27.82 6.16
CA HIS A 52 2.72 27.46 7.38
C HIS A 52 3.39 28.75 7.85
N ASN A 53 3.78 28.85 9.12
CA ASN A 53 4.40 30.12 9.52
C ASN A 53 5.91 30.19 9.40
N GLY A 54 6.54 29.11 8.97
CA GLY A 54 7.98 29.07 8.77
C GLY A 54 8.78 28.88 10.06
N LYS A 55 8.09 28.70 11.18
CA LYS A 55 8.77 28.56 12.46
C LYS A 55 8.66 27.18 13.06
N LEU A 56 9.62 26.85 13.89
CA LEU A 56 9.53 25.61 14.65
C LEU A 56 9.00 26.07 16.01
N CYS A 57 7.85 25.52 16.45
CA CYS A 57 7.09 25.91 17.63
C CYS A 57 7.04 24.82 18.69
N LYS A 58 6.43 25.17 19.84
CA LYS A 58 6.23 24.23 20.94
C LYS A 58 4.92 23.49 20.74
N LEU A 59 5.03 22.19 20.48
CA LEU A 59 3.87 21.38 20.17
C LEU A 59 3.10 21.08 21.45
N ASN A 60 1.85 21.50 21.46
CA ASN A 60 0.93 21.42 22.57
C ASN A 60 1.49 22.14 23.80
N GLY A 61 2.29 23.18 23.59
CA GLY A 61 2.85 23.97 24.69
C GLY A 61 4.14 23.40 25.27
N ILE A 62 4.59 22.25 24.77
CA ILE A 62 5.78 21.62 25.28
C ILE A 62 6.86 21.73 24.20
N PRO A 63 8.05 22.23 24.51
CA PRO A 63 9.11 22.40 23.56
C PRO A 63 9.68 21.06 23.11
N PRO A 64 10.29 21.01 21.94
CA PRO A 64 11.03 19.91 21.39
C PRO A 64 12.35 19.78 22.04
N LEU A 65 12.98 18.65 21.86
CA LEU A 65 14.35 18.53 22.27
C LEU A 65 15.13 19.16 21.14
N GLU A 66 16.00 20.11 21.43
CA GLU A 66 16.74 20.72 20.35
C GLU A 66 18.15 20.23 20.31
N LEU A 67 18.42 19.28 19.43
CA LEU A 67 19.74 18.70 19.40
C LEU A 67 20.63 19.60 18.60
N GLY A 68 20.05 20.28 17.62
CA GLY A 68 20.87 21.14 16.79
C GLY A 68 21.91 20.28 16.10
N ASP A 69 23.16 20.64 16.36
CA ASP A 69 24.33 19.98 15.80
C ASP A 69 24.56 18.51 16.23
N CYS A 70 23.94 18.07 17.37
CA CYS A 70 24.06 16.74 17.97
C CYS A 70 23.19 15.70 17.26
N SER A 71 23.69 14.49 17.20
CA SER A 71 22.93 13.37 16.66
C SER A 71 22.26 12.64 17.81
N ILE A 72 21.40 11.67 17.52
CA ILE A 72 20.78 10.91 18.60
C ILE A 72 21.84 10.14 19.38
N ALA A 73 22.77 9.47 18.69
CA ALA A 73 23.80 8.76 19.39
C ALA A 73 24.65 9.70 20.22
N GLY A 74 24.92 10.89 19.67
CA GLY A 74 25.73 11.87 20.38
C GLY A 74 25.06 12.21 21.69
N TRP A 75 23.79 12.53 21.63
CA TRP A 75 23.02 12.86 22.81
C TRP A 75 23.00 11.79 23.87
N LEU A 76 22.65 10.57 23.49
CA LEU A 76 22.50 9.50 24.45
C LEU A 76 23.83 8.99 24.98
N LEU A 77 24.87 9.03 24.17
CA LEU A 77 26.17 8.59 24.64
C LEU A 77 26.81 9.69 25.46
N GLY A 78 26.51 10.94 25.14
CA GLY A 78 27.09 12.06 25.84
C GLY A 78 28.28 12.67 25.10
N ASN A 79 28.17 12.91 23.81
CA ASN A 79 29.24 13.54 23.06
C ASN A 79 29.67 14.74 23.90
N PRO A 80 30.96 14.97 24.12
CA PRO A 80 31.47 16.04 24.91
C PRO A 80 30.91 17.41 24.56
N GLU A 81 30.51 17.61 23.29
CA GLU A 81 29.95 18.88 22.82
C GLU A 81 28.41 19.04 22.97
N CYS A 82 27.73 18.03 23.54
CA CYS A 82 26.29 17.90 23.74
C CYS A 82 26.03 17.92 25.25
N ASP A 83 26.81 18.71 25.98
CA ASP A 83 26.73 18.76 27.42
C ASP A 83 25.56 19.56 27.96
N ARG A 84 24.85 20.18 27.06
CA ARG A 84 23.68 20.96 27.40
C ARG A 84 22.44 20.09 27.32
N LEU A 85 22.59 18.86 26.82
CA LEU A 85 21.45 17.97 26.69
C LEU A 85 21.37 16.99 27.84
N LEU A 86 22.28 17.13 28.78
CA LEU A 86 22.37 16.22 29.90
C LEU A 86 21.24 16.43 30.90
N SER A 87 20.57 17.58 30.80
CA SER A 87 19.47 17.93 31.69
C SER A 87 18.17 17.20 31.34
N VAL A 88 18.08 16.66 30.13
CA VAL A 88 16.94 15.91 29.62
C VAL A 88 15.54 16.41 30.12
N PRO A 89 15.03 17.54 29.64
CA PRO A 89 13.69 18.07 29.90
C PRO A 89 12.69 17.26 29.10
N GLU A 90 11.38 17.38 29.37
CA GLU A 90 10.34 16.70 28.57
C GLU A 90 10.26 17.21 27.14
N TRP A 91 10.07 16.30 26.18
CA TRP A 91 10.07 16.65 24.77
C TRP A 91 8.67 16.55 24.20
N SER A 92 8.35 17.41 23.26
CA SER A 92 7.15 17.21 22.47
C SER A 92 7.44 16.50 21.15
N TYR A 93 8.69 16.61 20.70
CA TYR A 93 9.24 16.00 19.49
C TYR A 93 10.75 16.14 19.58
N ILE A 94 11.50 15.43 18.76
CA ILE A 94 12.95 15.64 18.74
C ILE A 94 13.35 16.33 17.47
N MET A 95 14.07 17.43 17.60
CA MET A 95 14.53 18.21 16.48
C MET A 95 16.02 17.96 16.24
N GLU A 96 16.36 17.42 15.06
CA GLU A 96 17.73 17.05 14.73
C GLU A 96 18.13 17.57 13.35
N LYS A 97 19.35 18.12 13.20
CA LYS A 97 19.75 18.56 11.86
C LYS A 97 19.98 17.38 10.96
N GLU A 98 19.67 17.51 9.67
CA GLU A 98 20.02 16.45 8.73
C GLU A 98 21.53 16.42 8.70
N ASN A 99 22.13 15.25 8.76
CA ASN A 99 23.59 15.17 8.73
C ASN A 99 24.24 16.00 9.84
N PRO A 100 23.96 15.70 11.12
CA PRO A 100 24.43 16.39 12.28
C PRO A 100 25.92 16.16 12.41
N ARG A 101 26.63 17.07 13.06
CA ARG A 101 28.07 16.95 13.24
C ARG A 101 28.49 16.20 14.51
N ASP A 102 27.84 16.52 15.62
CA ASP A 102 28.25 16.03 16.91
C ASP A 102 27.61 14.68 17.21
N GLY A 103 28.10 13.69 16.51
CA GLY A 103 27.59 12.33 16.58
C GLY A 103 28.54 11.50 17.39
N LEU A 104 29.27 10.62 16.74
CA LEU A 104 30.22 9.85 17.49
C LEU A 104 31.56 10.53 17.30
N CYS A 105 32.09 11.15 18.40
CA CYS A 105 33.35 11.88 18.41
C CYS A 105 34.51 10.91 18.22
N TYR A 106 34.29 9.68 18.65
CA TYR A 106 35.23 8.61 18.51
C TYR A 106 34.65 7.83 17.33
N PRO A 107 35.37 7.54 16.26
CA PRO A 107 34.85 6.85 15.09
C PRO A 107 34.19 5.58 15.50
N GLY A 108 33.10 5.23 14.86
CA GLY A 108 32.47 4.03 15.30
C GLY A 108 31.21 3.74 14.55
N SER A 109 30.44 2.86 15.12
CA SER A 109 29.19 2.40 14.56
C SER A 109 28.23 2.19 15.69
N PHE A 110 26.96 2.12 15.37
CA PHE A 110 25.97 1.90 16.38
C PHE A 110 25.01 0.89 15.75
N ASN A 111 24.87 -0.26 16.37
CA ASN A 111 24.05 -1.33 15.86
C ASN A 111 22.60 -1.05 16.10
N ASP A 112 21.77 -1.44 15.16
CA ASP A 112 20.35 -1.25 15.33
C ASP A 112 20.06 0.19 15.71
N TYR A 113 20.76 1.10 15.04
CA TYR A 113 20.64 2.51 15.32
C TYR A 113 19.35 3.05 14.81
N GLU A 114 18.96 2.60 13.63
CA GLU A 114 17.72 3.02 13.02
C GLU A 114 16.55 2.52 13.85
N GLU A 115 16.72 1.34 14.44
CA GLU A 115 15.73 0.72 15.29
C GLU A 115 15.59 1.53 16.60
N LEU A 116 16.71 2.03 17.14
CA LEU A 116 16.62 2.89 18.32
C LEU A 116 15.94 4.19 17.99
N LYS A 117 16.28 4.78 16.86
CA LYS A 117 15.63 6.03 16.50
C LYS A 117 14.12 5.82 16.36
N HIS A 118 13.71 4.66 15.85
CA HIS A 118 12.29 4.32 15.76
C HIS A 118 11.69 4.25 17.17
N LEU A 119 12.40 3.60 18.11
CA LEU A 119 11.92 3.50 19.49
C LEU A 119 11.64 4.85 20.09
N LEU A 120 12.46 5.83 19.79
CA LEU A 120 12.35 7.15 20.36
C LEU A 120 11.13 7.91 19.88
N SER A 121 10.41 7.40 18.89
CA SER A 121 9.19 8.03 18.43
C SER A 121 8.05 7.75 19.39
N SER A 122 8.28 6.83 20.34
CA SER A 122 7.33 6.46 21.37
C SER A 122 7.82 6.89 22.75
N VAL A 123 8.80 7.81 22.79
CA VAL A 123 9.33 8.30 24.06
C VAL A 123 9.19 9.80 24.12
N LYS A 124 8.60 10.31 25.20
CA LYS A 124 8.50 11.76 25.41
C LYS A 124 9.48 12.19 26.47
N HIS A 125 9.82 11.30 27.37
CA HIS A 125 10.77 11.72 28.37
C HIS A 125 11.56 10.58 28.93
N PHE A 126 12.85 10.80 29.13
CA PHE A 126 13.67 9.83 29.80
C PHE A 126 14.09 10.40 31.13
N GLU A 127 14.21 9.55 32.11
CA GLU A 127 14.80 9.96 33.35
C GLU A 127 16.17 9.34 33.38
N LYS A 128 17.21 10.13 33.38
CA LYS A 128 18.49 9.48 33.35
C LYS A 128 18.77 8.98 34.76
N VAL A 129 19.10 7.69 34.87
CA VAL A 129 19.35 7.02 36.13
C VAL A 129 20.74 6.47 36.21
N LYS A 130 21.45 6.77 37.27
CA LYS A 130 22.78 6.19 37.36
C LYS A 130 22.59 4.72 37.70
N ILE A 131 23.15 3.83 36.90
CA ILE A 131 22.97 2.40 37.14
C ILE A 131 24.23 1.76 37.67
N LEU A 132 25.37 2.13 37.10
CA LEU A 132 26.66 1.55 37.44
C LEU A 132 27.66 2.66 37.69
N PRO A 133 27.62 3.32 38.86
CA PRO A 133 28.38 4.51 39.15
C PRO A 133 29.79 4.20 38.80
N LYS A 134 30.48 5.12 38.15
CA LYS A 134 31.82 4.75 37.72
C LYS A 134 32.79 4.50 38.86
N ASP A 135 32.43 4.95 40.03
CA ASP A 135 33.25 4.78 41.21
C ASP A 135 33.18 3.36 41.75
N ARG A 136 32.32 2.52 41.18
CA ARG A 136 32.20 1.13 41.62
C ARG A 136 33.28 0.29 40.96
N TRP A 137 33.88 0.77 39.87
CA TRP A 137 34.81 -0.07 39.16
C TRP A 137 36.17 0.11 39.82
N THR A 138 36.33 -0.47 40.98
CA THR A 138 37.51 -0.25 41.83
C THR A 138 38.74 -0.97 41.32
N GLN A 139 38.51 -1.88 40.39
CA GLN A 139 39.50 -2.69 39.76
C GLN A 139 39.95 -2.18 38.40
N HIS A 140 39.40 -1.06 37.94
CA HIS A 140 39.68 -0.58 36.59
C HIS A 140 39.95 0.89 36.50
N THR A 141 40.58 1.32 35.41
CA THR A 141 40.72 2.74 35.19
C THR A 141 39.47 3.23 34.49
N THR A 142 38.85 4.27 35.03
CA THR A 142 37.60 4.86 34.55
C THR A 142 37.79 6.29 34.03
N THR A 143 39.06 6.67 33.85
CA THR A 143 39.48 8.01 33.48
C THR A 143 40.16 8.11 32.12
N GLY A 144 39.92 7.15 31.23
CA GLY A 144 40.55 7.18 29.92
C GLY A 144 39.79 8.09 28.95
N GLY A 145 40.29 8.19 27.72
CA GLY A 145 39.69 9.04 26.71
C GLY A 145 40.62 9.16 25.52
N SER A 146 40.27 10.03 24.58
CA SER A 146 41.06 10.21 23.37
C SER A 146 41.01 11.64 22.84
N ARG A 147 41.95 11.97 21.95
CA ARG A 147 42.02 13.31 21.36
C ARG A 147 40.79 13.64 20.54
N ALA A 148 40.22 12.63 19.91
CA ALA A 148 39.05 12.80 19.06
C ALA A 148 37.83 13.44 19.77
N CYS A 149 37.66 13.19 21.09
CA CYS A 149 36.55 13.66 21.92
C CYS A 149 37.05 14.78 22.85
N ALA A 150 38.27 15.25 22.64
CA ALA A 150 38.89 16.22 23.54
C ALA A 150 38.17 17.52 23.61
N VAL A 151 38.21 18.11 24.80
CA VAL A 151 37.62 19.41 25.03
C VAL A 151 38.71 20.35 25.47
N SER A 152 38.87 21.42 24.71
CA SER A 152 39.89 22.44 24.96
C SER A 152 41.29 21.84 25.07
N GLY A 153 41.57 20.84 24.23
CA GLY A 153 42.87 20.19 24.18
C GLY A 153 43.03 19.00 25.11
N ASN A 154 42.09 18.79 26.02
CA ASN A 154 42.19 17.71 26.98
C ASN A 154 41.46 16.45 26.49
N PRO A 155 42.12 15.29 26.30
CA PRO A 155 41.52 14.08 25.80
C PRO A 155 40.32 13.78 26.65
N SER A 156 39.26 13.29 26.04
CA SER A 156 38.06 13.03 26.82
C SER A 156 37.25 11.91 26.22
N PHE A 157 36.01 11.78 26.68
CA PHE A 157 35.17 10.69 26.23
C PHE A 157 33.71 11.05 26.40
N PHE A 158 32.84 10.15 26.00
CA PHE A 158 31.42 10.36 26.10
C PHE A 158 31.05 10.46 27.57
N ARG A 159 30.22 11.44 27.89
CA ARG A 159 29.82 11.79 29.24
C ARG A 159 28.94 10.78 29.97
N ASN A 160 28.17 9.93 29.27
CA ASN A 160 27.32 8.97 29.99
C ASN A 160 27.91 7.56 30.05
N MET A 161 29.19 7.39 29.64
CA MET A 161 29.77 6.05 29.58
C MET A 161 31.19 5.95 30.10
N VAL A 162 31.55 4.75 30.53
CA VAL A 162 32.85 4.51 31.10
C VAL A 162 33.73 3.61 30.25
N TRP A 163 34.83 4.15 29.78
CA TRP A 163 35.75 3.37 28.99
C TRP A 163 36.62 2.66 29.98
N LEU A 164 36.44 1.36 30.15
CA LEU A 164 37.20 0.68 31.17
C LEU A 164 38.48 0.18 30.60
N THR A 165 39.59 0.55 31.22
CA THR A 165 40.91 0.13 30.75
C THR A 165 41.67 -0.48 31.91
N LYS A 166 42.89 -0.93 31.57
CA LYS A 166 43.72 -1.64 32.57
C LYS A 166 44.13 -0.72 33.72
N LYS A 167 44.25 -1.28 34.92
CA LYS A 167 44.66 -0.57 36.10
C LYS A 167 45.94 -1.21 36.60
N GLY A 168 46.98 -0.42 36.80
CA GLY A 168 48.22 -1.04 37.20
C GLY A 168 48.70 -1.92 36.06
N SER A 169 48.91 -3.20 36.32
CA SER A 169 49.38 -4.14 35.31
C SER A 169 48.35 -5.15 34.81
N ASN A 170 47.06 -4.97 35.13
CA ASN A 170 46.11 -5.98 34.67
C ASN A 170 44.69 -5.45 34.40
N TYR A 171 43.81 -6.35 33.96
CA TYR A 171 42.41 -6.07 33.68
C TYR A 171 41.56 -7.19 34.27
N PRO A 172 41.19 -7.13 35.54
CA PRO A 172 40.40 -8.13 36.20
C PRO A 172 39.10 -8.22 35.45
N VAL A 173 38.45 -9.37 35.46
CA VAL A 173 37.22 -9.44 34.70
C VAL A 173 36.26 -8.43 35.27
N ALA A 174 35.71 -7.62 34.39
CA ALA A 174 34.81 -6.57 34.78
C ALA A 174 33.43 -7.12 34.85
N LYS A 175 32.76 -6.91 35.95
CA LYS A 175 31.39 -7.39 36.08
C LYS A 175 30.51 -6.36 36.71
N GLY A 176 29.23 -6.44 36.40
CA GLY A 176 28.24 -5.60 37.06
C GLY A 176 26.86 -5.90 36.57
N SER A 177 25.86 -5.45 37.32
CA SER A 177 24.49 -5.71 36.94
C SER A 177 23.55 -4.71 37.52
N TYR A 178 22.36 -4.67 36.96
CA TYR A 178 21.30 -3.80 37.44
C TYR A 178 19.96 -4.54 37.38
N ASN A 179 19.14 -4.50 38.48
CA ASN A 179 17.86 -5.25 38.64
C ASN A 179 16.59 -4.49 38.19
N ASN A 180 16.72 -3.30 37.57
CA ASN A 180 15.62 -2.46 37.05
C ASN A 180 14.41 -2.28 37.95
N THR A 181 14.65 -1.68 39.10
CA THR A 181 13.65 -1.45 40.13
C THR A 181 13.21 0.01 40.09
N SER A 182 13.59 0.69 39.01
CA SER A 182 13.38 2.11 38.72
C SER A 182 11.93 2.50 38.53
N GLY A 183 11.10 1.51 38.29
CA GLY A 183 9.67 1.66 38.07
C GLY A 183 9.20 1.52 36.62
N GLU A 184 10.12 1.50 35.65
CA GLU A 184 9.76 1.36 34.24
C GLU A 184 10.91 0.78 33.39
N GLN A 185 10.57 0.25 32.22
CA GLN A 185 11.50 -0.29 31.23
C GLN A 185 12.60 0.72 30.96
N MET A 186 13.84 0.25 30.96
CA MET A 186 14.99 1.12 30.78
C MET A 186 15.86 0.81 29.57
N LEU A 187 16.34 1.87 28.93
CA LEU A 187 17.25 1.76 27.80
C LEU A 187 18.71 1.77 28.21
N ILE A 188 19.41 0.69 27.87
CA ILE A 188 20.80 0.55 28.21
C ILE A 188 21.65 0.42 26.97
N ILE A 189 22.69 1.24 26.90
CA ILE A 189 23.63 1.29 25.78
C ILE A 189 25.01 0.90 26.28
N TRP A 190 25.73 0.12 25.51
CA TRP A 190 27.09 -0.27 25.89
C TRP A 190 27.87 -0.47 24.63
N GLY A 191 29.19 -0.60 24.71
CA GLY A 191 29.88 -0.88 23.46
C GLY A 191 31.16 -1.67 23.59
N VAL A 192 31.77 -1.92 22.43
CA VAL A 192 33.01 -2.67 22.30
C VAL A 192 34.08 -1.88 21.54
N HIS A 193 35.25 -1.78 22.13
CA HIS A 193 36.35 -1.09 21.47
C HIS A 193 37.02 -2.03 20.45
N HIS A 194 37.37 -1.50 19.28
CA HIS A 194 38.07 -2.22 18.21
C HIS A 194 39.39 -1.50 17.82
N PRO A 195 40.52 -1.84 18.44
CA PRO A 195 41.83 -1.25 18.27
C PRO A 195 42.30 -1.47 16.85
N ASN A 196 43.21 -0.65 16.35
CA ASN A 196 43.67 -0.92 14.99
C ASN A 196 44.94 -1.73 14.94
N ASP A 197 45.40 -2.17 16.09
CA ASP A 197 46.65 -2.91 16.21
C ASP A 197 46.69 -3.65 17.51
N GLU A 198 47.38 -4.79 17.52
CA GLU A 198 47.58 -5.54 18.74
C GLU A 198 48.25 -4.68 19.80
N THR A 199 49.12 -3.77 19.39
CA THR A 199 49.80 -2.90 20.31
C THR A 199 48.81 -2.09 21.11
N GLU A 200 47.76 -1.57 20.46
CA GLU A 200 46.77 -0.75 21.13
C GLU A 200 45.96 -1.61 22.09
N GLN A 201 45.63 -2.83 21.65
CA GLN A 201 44.87 -3.72 22.50
C GLN A 201 45.64 -4.02 23.76
N ARG A 202 46.93 -4.22 23.65
CA ARG A 202 47.71 -4.51 24.82
C ARG A 202 47.88 -3.31 25.74
N THR A 203 48.11 -2.10 25.22
CA THR A 203 48.31 -1.01 26.15
C THR A 203 47.01 -0.56 26.81
N LEU A 204 45.87 -0.85 26.20
CA LEU A 204 44.63 -0.52 26.87
C LEU A 204 44.10 -1.62 27.79
N TYR A 205 44.26 -2.90 27.41
CA TYR A 205 43.64 -3.97 28.18
C TYR A 205 44.51 -5.12 28.70
N GLN A 206 45.78 -5.25 28.30
CA GLN A 206 46.66 -6.41 28.61
C GLN A 206 46.27 -7.70 27.89
N ASN A 207 45.02 -8.12 28.06
CA ASN A 207 44.48 -9.30 27.44
C ASN A 207 44.20 -9.00 25.98
N VAL A 208 44.48 -9.96 25.10
CA VAL A 208 44.18 -9.79 23.68
C VAL A 208 42.97 -10.61 23.23
N GLY A 209 42.88 -11.86 23.64
CA GLY A 209 41.77 -12.71 23.23
C GLY A 209 40.54 -12.46 24.11
N THR A 210 40.06 -11.23 24.06
CA THR A 210 38.99 -10.75 24.92
C THR A 210 37.62 -10.91 24.33
N TYR A 211 36.64 -10.75 25.19
CA TYR A 211 35.24 -10.74 24.80
C TYR A 211 34.44 -9.87 25.73
N VAL A 212 33.29 -9.47 25.24
CA VAL A 212 32.30 -8.76 26.01
C VAL A 212 30.99 -9.55 25.95
N SER A 213 30.45 -9.91 27.11
CA SER A 213 29.24 -10.72 27.20
C SER A 213 28.16 -10.00 27.97
N VAL A 214 27.01 -9.87 27.35
CA VAL A 214 25.91 -9.18 27.99
C VAL A 214 24.60 -9.94 27.87
N GLY A 215 23.82 -9.96 28.95
CA GLY A 215 22.50 -10.58 28.81
C GLY A 215 21.48 -10.27 29.89
N THR A 216 20.24 -10.61 29.56
CA THR A 216 19.03 -10.40 30.34
C THR A 216 18.19 -11.66 30.22
N SER A 217 16.91 -11.60 30.60
CA SER A 217 16.08 -12.79 30.45
C SER A 217 15.79 -13.07 28.97
N THR A 218 15.95 -12.06 28.10
CA THR A 218 15.71 -12.20 26.66
C THR A 218 16.94 -11.95 25.78
N LEU A 219 17.93 -11.24 26.30
CA LEU A 219 19.13 -10.87 25.56
C LEU A 219 20.26 -11.82 25.83
N ASN A 220 20.92 -12.25 24.78
CA ASN A 220 22.06 -13.11 24.93
C ASN A 220 23.09 -12.79 23.86
N LYS A 221 24.07 -11.96 24.16
CA LYS A 221 25.08 -11.63 23.17
C LYS A 221 26.50 -11.70 23.65
N ARG A 222 27.37 -12.13 22.75
CA ARG A 222 28.80 -12.15 22.98
C ARG A 222 29.52 -11.59 21.79
N SER A 223 30.37 -10.60 22.02
CA SER A 223 31.14 -10.00 20.95
C SER A 223 32.60 -10.04 21.27
N THR A 224 33.42 -10.03 20.24
CA THR A 224 34.86 -9.98 20.42
C THR A 224 35.33 -8.79 19.62
N PRO A 225 36.47 -8.18 19.94
CA PRO A 225 37.04 -7.10 19.18
C PRO A 225 37.63 -7.57 17.87
N ASP A 226 37.59 -6.70 16.89
CA ASP A 226 38.24 -6.89 15.61
C ASP A 226 39.46 -5.97 15.56
N ILE A 227 40.65 -6.54 15.74
CA ILE A 227 41.84 -5.70 15.79
C ILE A 227 42.46 -5.67 14.41
N ALA A 228 42.37 -4.53 13.74
CA ALA A 228 42.86 -4.45 12.36
C ALA A 228 43.11 -3.04 11.85
N THR A 229 43.99 -2.91 10.86
CA THR A 229 44.19 -1.62 10.23
C THR A 229 42.98 -1.19 9.44
N ARG A 230 42.58 0.05 9.68
CA ARG A 230 41.46 0.69 9.04
C ARG A 230 41.90 2.12 8.71
N PRO A 231 41.27 2.82 7.76
CA PRO A 231 41.52 4.23 7.44
C PRO A 231 41.24 5.08 8.66
N LYS A 232 41.97 6.18 8.80
CA LYS A 232 41.70 7.04 9.92
C LYS A 232 40.48 7.90 9.74
N VAL A 233 39.69 7.99 10.78
CA VAL A 233 38.51 8.83 10.85
C VAL A 233 38.68 9.69 12.09
N ASN A 234 38.57 10.99 11.96
CA ASN A 234 38.76 11.92 13.08
C ASN A 234 40.13 11.68 13.72
N GLY A 235 41.12 11.32 12.92
CA GLY A 235 42.48 11.08 13.37
C GLY A 235 42.75 9.69 13.95
N GLN A 236 41.73 8.86 14.09
CA GLN A 236 41.94 7.55 14.69
C GLN A 236 41.70 6.39 13.75
N GLY A 237 42.58 5.38 13.83
CA GLY A 237 42.45 4.19 12.98
C GLY A 237 41.59 3.12 13.61
N GLY A 238 41.10 3.41 14.80
CA GLY A 238 40.29 2.54 15.61
C GLY A 238 38.80 2.76 15.38
N ARG A 239 37.97 1.85 15.88
CA ARG A 239 36.53 2.01 15.80
C ARG A 239 35.87 1.62 17.12
N MET A 240 34.78 2.25 17.48
CA MET A 240 34.03 1.80 18.65
C MET A 240 32.59 1.43 18.27
N GLU A 241 32.17 0.25 18.66
CA GLU A 241 30.84 -0.28 18.31
C GLU A 241 29.84 -0.24 19.45
N PHE A 242 28.71 0.42 19.25
CA PHE A 242 27.71 0.48 20.32
C PHE A 242 26.50 -0.38 20.03
N SER A 243 25.94 -0.94 21.08
CA SER A 243 24.76 -1.79 21.04
C SER A 243 23.78 -1.35 22.10
N TRP A 244 22.54 -1.82 22.01
CA TRP A 244 21.60 -1.43 23.04
C TRP A 244 20.54 -2.47 23.30
N THR A 245 19.91 -2.38 24.46
CA THR A 245 18.80 -3.27 24.78
C THR A 245 17.81 -2.59 25.69
N LEU A 246 16.59 -3.08 25.70
CA LEU A 246 15.65 -2.59 26.69
C LEU A 246 15.52 -3.61 27.78
N LEU A 247 15.80 -3.17 28.98
CA LEU A 247 15.74 -4.01 30.13
C LEU A 247 14.35 -3.88 30.67
N ASP A 248 13.64 -5.00 30.81
CA ASP A 248 12.25 -4.90 31.19
C ASP A 248 12.13 -4.69 32.68
N MET A 249 10.92 -4.57 33.14
CA MET A 249 10.72 -4.23 34.52
C MET A 249 11.04 -5.42 35.40
N TRP A 250 11.84 -5.19 36.45
CA TRP A 250 12.30 -6.18 37.42
C TRP A 250 13.24 -7.20 36.81
N ASP A 251 13.68 -6.98 35.57
CA ASP A 251 14.65 -7.87 34.96
C ASP A 251 16.05 -7.41 35.31
N THR A 252 17.00 -8.31 35.22
CA THR A 252 18.39 -7.96 35.51
C THR A 252 19.32 -8.07 34.32
N ILE A 253 20.11 -7.02 34.11
CA ILE A 253 21.08 -7.04 33.04
C ILE A 253 22.41 -7.35 33.64
N ASN A 254 23.11 -8.27 33.02
CA ASN A 254 24.40 -8.69 33.48
C ASN A 254 25.50 -8.47 32.47
N PHE A 255 26.49 -7.69 32.87
CA PHE A 255 27.64 -7.40 32.04
C PHE A 255 28.84 -8.16 32.54
N GLU A 256 29.62 -8.70 31.60
CA GLU A 256 30.88 -9.34 31.89
C GLU A 256 31.90 -9.05 30.81
N SER A 257 33.11 -8.68 31.20
CA SER A 257 34.14 -8.43 30.18
C SER A 257 35.56 -8.72 30.57
N THR A 258 36.31 -9.23 29.60
CA THR A 258 37.73 -9.51 29.79
C THR A 258 38.57 -8.47 29.09
N GLY A 259 37.88 -7.48 28.54
CA GLY A 259 38.50 -6.38 27.84
C GLY A 259 37.55 -5.81 26.81
N ASN A 260 37.89 -4.62 26.34
CA ASN A 260 37.17 -3.89 25.32
C ASN A 260 35.77 -3.45 25.69
N LEU A 261 35.45 -3.36 26.97
CA LEU A 261 34.12 -2.91 27.37
C LEU A 261 34.01 -1.43 27.69
N ILE A 262 33.03 -0.82 27.04
CA ILE A 262 32.66 0.55 27.31
C ILE A 262 31.33 0.38 28.05
N ALA A 263 31.37 0.55 29.36
CA ALA A 263 30.22 0.27 30.18
C ALA A 263 29.35 1.49 30.24
N PRO A 264 28.05 1.39 30.39
CA PRO A 264 27.22 2.53 30.65
C PRO A 264 27.44 2.96 32.07
N GLU A 265 27.31 4.25 32.33
CA GLU A 265 27.25 4.66 33.73
C GLU A 265 25.79 4.88 34.01
N TYR A 266 25.10 5.43 33.00
CA TYR A 266 23.70 5.75 33.15
C TYR A 266 22.82 4.96 32.21
N GLY A 267 21.60 4.69 32.66
CA GLY A 267 20.59 4.09 31.81
C GLY A 267 19.52 5.14 31.61
N PHE A 268 18.64 4.94 30.66
CA PHE A 268 17.60 5.93 30.47
C PHE A 268 16.22 5.34 30.73
N LYS A 269 15.62 5.70 31.86
CA LYS A 269 14.34 5.11 32.19
C LYS A 269 13.33 5.76 31.32
N ILE A 270 12.43 5.02 30.74
CA ILE A 270 11.45 5.75 29.99
C ILE A 270 10.44 6.24 30.99
N SER A 271 10.26 7.55 31.14
CA SER A 271 9.32 8.04 32.14
C SER A 271 7.98 8.34 31.52
N LYS A 272 8.01 8.70 30.24
CA LYS A 272 6.79 9.01 29.48
C LYS A 272 6.89 8.35 28.13
N ARG A 273 5.83 7.63 27.76
CA ARG A 273 5.80 6.82 26.54
C ARG A 273 4.82 7.26 25.46
N GLY A 274 4.37 8.50 25.51
CA GLY A 274 3.41 8.88 24.49
C GLY A 274 4.09 9.09 23.14
N SER A 275 3.30 9.20 22.08
CA SER A 275 3.82 9.39 20.73
C SER A 275 4.48 10.75 20.54
N SER A 276 5.56 10.76 19.75
CA SER A 276 6.30 11.96 19.39
C SER A 276 6.85 11.85 17.96
N GLY A 277 8.14 11.59 17.83
CA GLY A 277 8.79 11.42 16.53
C GLY A 277 10.02 12.30 16.40
N ILE A 278 10.87 11.96 15.42
CA ILE A 278 12.10 12.70 15.17
C ILE A 278 11.95 13.46 13.85
N MET A 279 12.13 14.75 13.91
CA MET A 279 12.00 15.63 12.76
C MET A 279 13.35 16.12 12.29
N LYS A 280 13.61 16.03 10.98
CA LYS A 280 14.87 16.51 10.46
C LYS A 280 14.74 17.91 9.90
N THR A 281 15.41 18.84 10.53
CA THR A 281 15.36 20.24 10.15
C THR A 281 16.52 21.02 10.70
N GLU A 282 16.91 22.06 9.98
CA GLU A 282 18.02 22.89 10.40
C GLU A 282 17.63 24.22 11.02
N GLY A 283 16.35 24.37 11.33
CA GLY A 283 15.90 25.59 11.96
C GLY A 283 16.06 25.49 13.48
N THR A 284 15.53 26.48 14.20
CA THR A 284 15.62 26.48 15.66
C THR A 284 14.27 26.76 16.25
N LEU A 285 14.10 26.49 17.54
CA LEU A 285 12.83 26.78 18.20
C LEU A 285 12.62 28.27 18.41
N GLU A 286 11.44 28.72 18.04
CA GLU A 286 10.97 30.08 18.19
C GLU A 286 9.98 30.17 19.33
N ASN A 287 9.75 31.37 19.85
CA ASN A 287 8.78 31.50 20.93
C ASN A 287 7.34 31.59 20.39
N CYS A 288 6.80 30.41 20.01
CA CYS A 288 5.47 30.21 19.42
C CYS A 288 4.93 28.84 19.80
N GLU A 289 3.64 28.63 19.57
CA GLU A 289 2.98 27.36 19.87
C GLU A 289 2.23 26.80 18.69
N THR A 290 2.09 25.49 18.68
CA THR A 290 1.34 24.82 17.64
C THR A 290 0.70 23.52 18.08
N LYS A 291 -0.34 23.11 17.37
CA LYS A 291 -0.93 21.77 17.53
C LYS A 291 -0.47 20.72 16.45
N CYS A 292 0.28 21.20 15.45
CA CYS A 292 0.77 20.36 14.32
C CYS A 292 2.04 21.01 13.75
N GLN A 293 3.17 20.29 13.68
CA GLN A 293 4.45 20.83 13.24
C GLN A 293 5.06 20.06 12.07
N THR A 294 5.50 20.76 10.99
CA THR A 294 6.18 20.04 9.91
C THR A 294 7.63 20.54 9.91
N PRO A 295 8.59 19.88 9.24
CA PRO A 295 9.97 20.32 9.10
C PRO A 295 10.13 21.70 8.47
N LEU A 296 9.13 22.17 7.74
CA LEU A 296 9.21 23.47 7.09
C LEU A 296 8.64 24.58 7.92
N GLY A 297 8.02 24.23 9.04
CA GLY A 297 7.34 25.20 9.89
C GLY A 297 5.99 24.72 10.40
N ALA A 298 5.50 25.38 11.43
CA ALA A 298 4.25 25.03 12.07
C ALA A 298 3.01 25.33 11.24
N ILE A 299 1.96 24.52 11.43
CA ILE A 299 0.70 24.83 10.69
C ILE A 299 -0.52 24.98 11.61
N ASN A 300 -1.33 26.01 11.40
CA ASN A 300 -2.60 26.24 12.17
C ASN A 300 -3.70 25.90 11.17
N THR A 301 -4.31 24.72 11.28
CA THR A 301 -5.26 24.31 10.22
C THR A 301 -6.68 24.02 10.69
N THR A 302 -7.65 24.14 9.77
CA THR A 302 -9.06 23.80 10.07
C THR A 302 -9.58 22.95 8.91
N LEU A 303 -8.76 22.76 7.86
CA LEU A 303 -9.19 22.01 6.69
C LEU A 303 -8.59 20.60 6.69
N PRO A 304 -9.23 19.60 6.04
CA PRO A 304 -8.80 18.22 5.94
C PRO A 304 -7.51 17.90 5.21
N PHE A 305 -7.04 18.76 4.30
CA PHE A 305 -5.81 18.45 3.57
C PHE A 305 -4.81 19.58 3.66
N HIS A 306 -3.54 19.26 3.48
CA HIS A 306 -2.51 20.30 3.41
C HIS A 306 -1.48 19.89 2.39
N ASN A 307 -0.72 20.85 1.90
CA ASN A 307 0.34 20.54 0.95
C ASN A 307 1.70 21.05 1.38
N VAL A 308 1.99 21.04 2.68
CA VAL A 308 3.27 21.54 3.16
C VAL A 308 4.38 20.48 3.16
N HIS A 309 4.13 19.32 3.76
CA HIS A 309 5.18 18.31 3.79
C HIS A 309 4.59 16.94 4.17
N PRO A 310 5.04 15.81 3.59
CA PRO A 310 4.67 14.45 3.97
C PRO A 310 4.90 14.08 5.43
N LEU A 311 5.88 14.67 6.08
CA LEU A 311 6.13 14.28 7.44
C LEU A 311 5.61 15.34 8.36
N THR A 312 5.06 14.92 9.48
CA THR A 312 4.59 15.88 10.44
C THR A 312 4.45 15.26 11.80
N ILE A 313 4.57 16.05 12.85
CA ILE A 313 4.32 15.55 14.17
C ILE A 313 3.21 16.35 14.82
N GLY A 314 2.08 15.70 15.07
CA GLY A 314 0.95 16.40 15.67
C GLY A 314 -0.37 15.88 15.14
N GLU A 315 -1.45 16.59 15.46
CA GLU A 315 -2.77 16.19 15.01
C GLU A 315 -3.02 17.03 13.76
N CYS A 316 -2.72 16.44 12.58
CA CYS A 316 -2.58 17.12 11.30
C CYS A 316 -3.56 16.67 10.20
N PRO A 317 -3.79 17.52 9.18
CA PRO A 317 -4.54 17.26 7.95
C PRO A 317 -3.78 16.24 7.14
N LYS A 318 -4.44 15.60 6.18
CA LYS A 318 -3.77 14.64 5.31
C LYS A 318 -2.92 15.39 4.28
N TYR A 319 -1.72 14.89 3.97
CA TYR A 319 -0.89 15.51 2.94
C TYR A 319 -1.21 15.01 1.56
N VAL A 320 -1.36 15.91 0.61
CA VAL A 320 -1.59 15.53 -0.77
C VAL A 320 -0.59 16.18 -1.71
N LYS A 321 -0.32 15.52 -2.82
CA LYS A 321 0.57 16.09 -3.80
C LYS A 321 -0.23 16.93 -4.77
N SER A 322 -0.70 18.06 -4.28
CA SER A 322 -1.55 18.95 -5.05
C SER A 322 -1.46 20.41 -4.67
N GLU A 323 -1.57 21.27 -5.67
CA GLU A 323 -1.62 22.70 -5.48
C GLU A 323 -3.01 23.22 -5.10
N LYS A 324 -4.06 22.49 -5.46
CA LYS A 324 -5.40 23.02 -5.23
C LYS A 324 -6.53 22.01 -5.11
N LEU A 325 -7.28 22.09 -4.02
CA LEU A 325 -8.47 21.28 -3.83
C LEU A 325 -9.57 22.17 -3.35
N VAL A 326 -10.43 22.60 -4.23
CA VAL A 326 -11.49 23.51 -3.82
C VAL A 326 -12.85 22.97 -4.22
N LEU A 327 -13.75 22.89 -3.25
CA LEU A 327 -15.09 22.38 -3.46
C LEU A 327 -16.05 23.48 -3.75
N ALA A 328 -16.77 23.38 -4.83
CA ALA A 328 -17.78 24.37 -5.08
C ALA A 328 -18.83 24.12 -4.05
N THR A 329 -19.43 25.15 -3.49
CA THR A 329 -20.53 24.91 -2.60
C THR A 329 -21.64 25.71 -3.18
N GLY A 330 -21.22 26.73 -3.90
CA GLY A 330 -22.12 27.71 -4.44
C GLY A 330 -22.54 27.45 -5.86
N LEU A 331 -23.08 28.47 -6.46
CA LEU A 331 -23.68 28.40 -7.77
C LEU A 331 -22.68 28.82 -8.80
N ARG A 332 -22.88 28.42 -10.04
CA ARG A 332 -21.96 28.97 -11.03
C ARG A 332 -22.21 30.46 -10.97
N ASN A 333 -21.16 31.24 -10.89
CA ASN A 333 -21.34 32.67 -10.73
C ASN A 333 -21.52 33.35 -12.04
N VAL A 334 -22.69 33.24 -12.59
CA VAL A 334 -22.93 33.85 -13.87
C VAL A 334 -23.46 35.27 -13.68
N PRO A 335 -22.72 36.32 -14.10
CA PRO A 335 -23.24 37.67 -14.06
C PRO A 335 -24.68 37.76 -14.56
N ILE A 346 -36.03 41.29 -14.57
CA ILE A 346 -36.10 41.07 -16.05
C ILE A 346 -35.08 39.98 -16.41
N ALA A 347 -35.02 38.89 -15.63
CA ALA A 347 -33.98 37.87 -15.82
C ALA A 347 -34.39 36.51 -15.30
N GLY A 348 -33.65 35.49 -15.68
CA GLY A 348 -34.01 34.11 -15.34
C GLY A 348 -32.79 33.30 -15.09
N PHE A 349 -32.97 32.09 -14.63
CA PHE A 349 -31.81 31.18 -14.47
C PHE A 349 -31.17 31.04 -15.84
N ILE A 350 -31.98 31.02 -16.90
CA ILE A 350 -31.39 30.81 -18.25
C ILE A 350 -30.41 31.94 -18.61
N GLU A 351 -30.76 33.22 -18.39
CA GLU A 351 -29.81 34.35 -18.57
C GLU A 351 -28.62 34.41 -17.59
N GLY A 352 -28.84 34.15 -16.30
CA GLY A 352 -27.81 34.30 -15.24
C GLY A 352 -28.45 34.65 -13.91
N GLY A 353 -27.68 34.90 -12.86
CA GLY A 353 -28.21 35.14 -11.54
C GLY A 353 -28.52 36.57 -11.27
N TRP A 354 -29.70 36.82 -10.70
CA TRP A 354 -30.04 38.21 -10.28
C TRP A 354 -29.05 38.64 -9.21
N GLN A 355 -28.37 39.76 -9.45
CA GLN A 355 -27.37 40.30 -8.47
C GLN A 355 -28.02 40.58 -7.12
N GLY A 356 -29.27 41.04 -7.08
CA GLY A 356 -29.88 41.53 -5.83
C GLY A 356 -29.98 40.55 -4.68
N MET A 357 -30.28 39.27 -4.87
CA MET A 357 -30.52 38.32 -3.74
C MET A 357 -29.35 37.96 -2.79
N VAL A 358 -29.47 38.20 -1.49
CA VAL A 358 -28.43 37.78 -0.51
C VAL A 358 -29.07 36.88 0.55
N ASP A 359 -30.40 36.70 0.50
CA ASP A 359 -31.10 35.90 1.48
C ASP A 359 -31.26 34.41 1.12
N GLY A 360 -30.52 33.96 0.10
CA GLY A 360 -30.60 32.57 -0.33
C GLY A 360 -29.90 32.33 -1.65
N TRP A 361 -30.14 31.16 -2.23
CA TRP A 361 -29.51 30.77 -3.48
C TRP A 361 -30.49 30.80 -4.61
N TYR A 362 -31.69 30.36 -4.37
CA TYR A 362 -32.64 30.31 -5.44
C TYR A 362 -33.74 31.22 -5.00
N GLY A 363 -34.40 31.89 -5.92
CA GLY A 363 -35.45 32.80 -5.50
C GLY A 363 -36.26 33.41 -6.61
N TYR A 364 -37.12 34.35 -6.22
CA TYR A 364 -38.07 34.97 -7.11
C TYR A 364 -37.93 36.47 -7.25
N HIS A 365 -38.25 37.01 -8.43
CA HIS A 365 -38.28 38.46 -8.61
C HIS A 365 -39.54 39.17 -8.06
N HIS A 366 -40.69 38.51 -8.17
CA HIS A 366 -41.98 39.06 -7.73
C HIS A 366 -42.42 40.44 -8.28
N SER A 367 -42.41 40.69 -9.59
CA SER A 367 -42.87 42.03 -9.98
C SER A 367 -44.38 42.11 -9.82
N ASN A 368 -44.89 43.23 -9.33
CA ASN A 368 -46.34 43.41 -9.17
C ASN A 368 -46.65 44.91 -9.13
N ASP A 369 -47.92 45.25 -8.91
CA ASP A 369 -48.35 46.66 -8.90
C ASP A 369 -48.11 47.39 -7.57
N GLN A 370 -47.66 46.68 -6.54
CA GLN A 370 -47.38 47.34 -5.27
C GLN A 370 -45.90 47.69 -5.28
N GLY A 371 -45.15 46.88 -6.01
CA GLY A 371 -43.73 47.03 -6.21
C GLY A 371 -43.01 45.70 -6.26
N SER A 372 -41.97 45.66 -7.08
CA SER A 372 -41.12 44.50 -7.28
C SER A 372 -40.10 44.36 -6.18
N GLY A 373 -39.43 43.22 -6.12
CA GLY A 373 -38.40 43.02 -5.15
C GLY A 373 -38.12 41.57 -5.06
N TYR A 374 -36.85 41.26 -4.98
CA TYR A 374 -36.37 39.91 -4.97
C TYR A 374 -36.54 39.32 -3.61
N ALA A 375 -36.80 38.02 -3.57
CA ALA A 375 -36.81 37.30 -2.32
C ALA A 375 -36.39 35.87 -2.53
N ALA A 376 -35.69 35.32 -1.57
CA ALA A 376 -35.29 33.93 -1.69
C ALA A 376 -36.42 32.97 -1.49
N ASP A 377 -36.30 31.83 -2.13
CA ASP A 377 -37.19 30.72 -1.91
C ASP A 377 -36.54 29.95 -0.77
N LYS A 378 -37.08 30.12 0.43
CA LYS A 378 -36.45 29.56 1.62
C LYS A 378 -36.55 28.06 1.68
N GLU A 379 -37.66 27.49 1.19
CA GLU A 379 -37.81 26.05 1.25
C GLU A 379 -36.74 25.38 0.38
N SER A 380 -36.60 25.87 -0.84
CA SER A 380 -35.67 25.31 -1.80
C SER A 380 -34.23 25.55 -1.39
N THR A 381 -33.92 26.78 -0.96
CA THR A 381 -32.57 27.05 -0.58
C THR A 381 -32.20 26.24 0.61
N GLN A 382 -33.08 26.12 1.61
CA GLN A 382 -32.71 25.38 2.80
C GLN A 382 -32.51 23.91 2.50
N LYS A 383 -33.32 23.32 1.63
CA LYS A 383 -33.08 21.92 1.35
C LYS A 383 -31.76 21.74 0.62
N ALA A 384 -31.49 22.62 -0.33
CA ALA A 384 -30.25 22.55 -1.08
C ALA A 384 -29.07 22.83 -0.20
N PHE A 385 -29.25 23.75 0.75
CA PHE A 385 -28.21 24.16 1.66
C PHE A 385 -27.79 23.01 2.50
N ASP A 386 -28.74 22.29 3.07
CA ASP A 386 -28.42 21.14 3.89
C ASP A 386 -27.81 20.08 3.02
N GLY A 387 -28.26 19.98 1.77
CA GLY A 387 -27.68 19.03 0.84
C GLY A 387 -26.19 19.34 0.69
N ILE A 388 -25.87 20.60 0.44
CA ILE A 388 -24.49 21.01 0.27
C ILE A 388 -23.67 20.84 1.54
N THR A 389 -24.19 21.19 2.72
CA THR A 389 -23.37 21.01 3.90
C THR A 389 -23.18 19.53 4.19
N ASN A 390 -24.17 18.69 3.90
CA ASN A 390 -24.01 17.27 4.14
C ASN A 390 -22.97 16.74 3.19
N LYS A 391 -22.97 17.24 1.97
CA LYS A 391 -22.02 16.84 0.95
C LYS A 391 -20.62 17.17 1.38
N VAL A 392 -20.40 18.37 1.88
CA VAL A 392 -19.08 18.76 2.31
C VAL A 392 -18.66 17.88 3.45
N ASN A 393 -19.54 17.63 4.41
CA ASN A 393 -19.17 16.80 5.51
C ASN A 393 -18.89 15.37 5.08
N SER A 394 -19.61 14.84 4.11
CA SER A 394 -19.32 13.49 3.65
C SER A 394 -17.94 13.45 2.99
N VAL A 395 -17.58 14.51 2.29
CA VAL A 395 -16.27 14.60 1.67
C VAL A 395 -15.13 14.71 2.67
N ILE A 396 -15.28 15.55 3.70
CA ILE A 396 -14.17 15.77 4.64
C ILE A 396 -14.13 14.80 5.85
N GLU A 397 -15.27 14.28 6.29
CA GLU A 397 -15.36 13.39 7.46
C GLU A 397 -14.88 11.98 7.14
N LYS A 398 -14.64 11.71 5.87
CA LYS A 398 -14.17 10.42 5.47
C LYS A 398 -12.66 10.37 5.46
N MET A 399 -12.01 11.50 5.76
CA MET A 399 -10.57 11.49 5.83
C MET A 399 -10.21 11.20 7.26
N ASN A 400 -9.38 10.20 7.43
CA ASN A 400 -8.97 9.77 8.74
C ASN A 400 -7.48 9.83 8.90
N THR A 401 -7.05 10.69 9.82
CA THR A 401 -5.64 10.89 10.10
C THR A 401 -5.43 10.63 11.57
N GLN A 402 -4.18 10.50 11.97
CA GLN A 402 -3.83 10.24 13.36
C GLN A 402 -2.47 10.81 13.65
N PHE A 403 -2.16 11.01 14.92
CA PHE A 403 -0.81 11.44 15.24
C PHE A 403 0.10 10.29 14.82
N GLU A 404 1.12 10.56 14.01
CA GLU A 404 2.01 9.48 13.59
C GLU A 404 3.43 9.93 13.24
N ALA A 405 4.42 9.23 13.78
CA ALA A 405 5.80 9.53 13.44
C ALA A 405 6.12 8.82 12.13
N VAL A 406 5.70 9.43 11.04
CA VAL A 406 5.76 8.82 9.73
C VAL A 406 7.16 8.45 9.24
N GLY A 407 8.13 9.30 9.46
CA GLY A 407 9.46 9.03 8.91
C GLY A 407 10.19 7.87 9.56
N LYS A 408 10.93 7.13 8.72
CA LYS A 408 11.76 6.01 9.13
C LYS A 408 13.13 6.14 8.52
N GLU A 409 14.11 5.58 9.19
CA GLU A 409 15.45 5.58 8.67
C GLU A 409 15.90 4.17 8.41
N PHE A 410 16.71 4.00 7.37
CA PHE A 410 17.21 2.69 6.98
C PHE A 410 18.72 2.77 6.80
N SER A 411 19.42 1.66 7.00
CA SER A 411 20.86 1.65 6.84
C SER A 411 21.20 1.51 5.37
N ASN A 412 22.46 1.63 5.03
CA ASN A 412 22.88 1.54 3.66
C ASN A 412 22.88 0.13 3.10
N LEU A 413 22.56 -0.85 3.93
CA LEU A 413 22.48 -2.23 3.49
C LEU A 413 21.03 -2.69 3.44
N GLU A 414 20.11 -1.73 3.56
CA GLU A 414 18.70 -2.00 3.54
C GLU A 414 18.01 -1.27 2.42
N ARG A 415 18.66 -1.15 1.27
CA ARG A 415 18.11 -0.39 0.15
C ARG A 415 16.84 -1.04 -0.32
N ARG A 416 16.78 -2.36 -0.32
CA ARG A 416 15.55 -2.99 -0.79
C ARG A 416 14.37 -2.60 0.09
N LEU A 417 14.58 -2.52 1.40
CA LEU A 417 13.52 -2.20 2.33
C LEU A 417 13.19 -0.73 2.30
N GLU A 418 14.20 0.11 2.16
CA GLU A 418 13.98 1.54 2.08
C GLU A 418 13.14 1.86 0.88
N ASN A 419 13.43 1.18 -0.23
CA ASN A 419 12.70 1.40 -1.45
C ASN A 419 11.30 0.87 -1.33
N LEU A 420 11.12 -0.24 -0.60
CA LEU A 420 9.79 -0.78 -0.41
C LEU A 420 8.99 0.23 0.39
N ASN A 421 9.58 0.75 1.47
CA ASN A 421 8.91 1.72 2.33
C ASN A 421 8.55 2.96 1.55
N LYS A 422 9.48 3.46 0.75
CA LYS A 422 9.23 4.65 -0.01
C LYS A 422 8.15 4.40 -1.01
N LYS A 423 8.19 3.27 -1.71
CA LYS A 423 7.19 2.97 -2.70
C LYS A 423 5.82 2.90 -2.07
N MET A 424 5.74 2.31 -0.89
CA MET A 424 4.50 2.20 -0.17
C MET A 424 3.93 3.57 0.12
N GLU A 425 4.76 4.46 0.68
CA GLU A 425 4.32 5.79 1.04
C GLU A 425 3.96 6.62 -0.18
N ASP A 426 4.72 6.49 -1.27
CA ASP A 426 4.44 7.25 -2.47
C ASP A 426 3.19 6.70 -3.09
N GLY A 427 3.01 5.39 -3.00
CA GLY A 427 1.87 4.71 -3.54
C GLY A 427 0.61 5.17 -2.85
N PHE A 428 0.63 5.26 -1.53
CA PHE A 428 -0.56 5.71 -0.83
C PHE A 428 -0.77 7.18 -1.09
N LEU A 429 0.30 7.95 -1.25
CA LEU A 429 0.11 9.36 -1.54
C LEU A 429 -0.56 9.49 -2.89
N ASP A 430 -0.16 8.71 -3.90
CA ASP A 430 -0.80 8.79 -5.21
C ASP A 430 -2.24 8.38 -5.14
N VAL A 431 -2.56 7.37 -4.34
CA VAL A 431 -3.93 6.92 -4.22
C VAL A 431 -4.78 7.99 -3.57
N TRP A 432 -4.29 8.59 -2.49
CA TRP A 432 -5.07 9.59 -1.82
C TRP A 432 -5.10 10.92 -2.54
N THR A 433 -4.05 11.25 -3.28
CA THR A 433 -4.05 12.49 -4.03
C THR A 433 -5.05 12.33 -5.12
N TYR A 434 -5.02 11.17 -5.79
CA TYR A 434 -5.95 10.83 -6.83
C TYR A 434 -7.36 10.86 -6.30
N ASN A 435 -7.62 10.21 -5.18
CA ASN A 435 -8.95 10.20 -4.65
C ASN A 435 -9.40 11.59 -4.26
N ALA A 436 -8.52 12.40 -3.67
CA ALA A 436 -8.90 13.73 -3.28
C ALA A 436 -9.20 14.61 -4.46
N GLU A 437 -8.39 14.54 -5.50
CA GLU A 437 -8.62 15.38 -6.65
C GLU A 437 -9.79 14.90 -7.45
N LEU A 438 -9.94 13.59 -7.58
CA LEU A 438 -11.01 13.06 -8.35
C LEU A 438 -12.31 13.36 -7.65
N LEU A 439 -12.34 13.20 -6.33
CA LEU A 439 -13.56 13.46 -5.62
C LEU A 439 -13.92 14.92 -5.74
N VAL A 440 -12.95 15.82 -5.64
CA VAL A 440 -13.29 17.22 -5.78
C VAL A 440 -13.84 17.49 -7.16
N LEU A 441 -13.23 16.95 -8.21
CA LEU A 441 -13.73 17.23 -9.54
C LEU A 441 -15.10 16.59 -9.80
N MET A 442 -15.32 15.37 -9.32
CA MET A 442 -16.60 14.71 -9.55
C MET A 442 -17.68 15.43 -8.80
N GLU A 443 -17.35 15.89 -7.60
CA GLU A 443 -18.33 16.58 -6.82
C GLU A 443 -18.57 17.96 -7.35
N ASN A 444 -17.57 18.65 -7.87
CA ASN A 444 -17.85 19.96 -8.38
C ASN A 444 -18.73 19.87 -9.60
N GLU A 445 -18.56 18.82 -10.40
CA GLU A 445 -19.42 18.67 -11.56
C GLU A 445 -20.84 18.44 -11.09
N ARG A 446 -21.02 17.57 -10.09
CA ARG A 446 -22.34 17.28 -9.59
C ARG A 446 -22.95 18.44 -8.82
N THR A 447 -22.13 19.23 -8.14
CA THR A 447 -22.61 20.37 -7.38
C THR A 447 -23.18 21.38 -8.32
N LEU A 448 -22.49 21.65 -9.40
CA LEU A 448 -23.00 22.61 -10.31
C LEU A 448 -24.24 22.06 -11.01
N ASP A 449 -24.27 20.75 -11.35
CA ASP A 449 -25.48 20.19 -11.97
C ASP A 449 -26.64 20.22 -10.99
N PHE A 450 -26.36 19.98 -9.72
CA PHE A 450 -27.30 19.98 -8.61
C PHE A 450 -27.98 21.32 -8.54
N HIS A 451 -27.18 22.37 -8.54
CA HIS A 451 -27.75 23.69 -8.46
C HIS A 451 -28.54 24.05 -9.69
N ASP A 452 -28.09 23.67 -10.88
CA ASP A 452 -28.86 24.01 -12.07
C ASP A 452 -30.16 23.23 -12.10
N SER A 453 -30.11 22.00 -11.59
CA SER A 453 -31.25 21.13 -11.50
C SER A 453 -32.25 21.71 -10.54
N ASN A 454 -31.79 22.22 -9.39
CA ASN A 454 -32.69 22.79 -8.41
C ASN A 454 -33.37 24.05 -8.89
N VAL A 455 -32.69 24.86 -9.69
CA VAL A 455 -33.36 26.04 -10.17
C VAL A 455 -34.43 25.60 -11.15
N LYS A 456 -34.10 24.64 -12.01
CA LYS A 456 -35.08 24.12 -12.95
C LYS A 456 -36.23 23.46 -12.21
N ASN A 457 -35.96 22.78 -11.10
CA ASN A 457 -37.01 22.14 -10.36
C ASN A 457 -37.98 23.18 -9.86
N LEU A 458 -37.49 24.38 -9.47
CA LEU A 458 -38.43 25.42 -9.08
C LEU A 458 -39.21 25.86 -10.28
N TYR A 459 -38.56 25.95 -11.42
CA TYR A 459 -39.25 26.40 -12.61
C TYR A 459 -40.42 25.46 -12.91
N ASP A 460 -40.22 24.15 -12.82
CA ASP A 460 -41.29 23.22 -13.08
C ASP A 460 -42.25 23.09 -11.90
N LYS A 461 -41.78 23.21 -10.67
CA LYS A 461 -42.68 23.13 -9.54
C LYS A 461 -43.72 24.21 -9.67
N VAL A 462 -43.23 25.39 -10.03
CA VAL A 462 -44.05 26.56 -10.23
C VAL A 462 -44.90 26.43 -11.48
N ARG A 463 -44.35 25.98 -12.59
CA ARG A 463 -45.16 25.82 -13.80
C ARG A 463 -46.33 24.87 -13.56
N MET A 464 -46.09 23.76 -12.85
CA MET A 464 -47.16 22.81 -12.57
C MET A 464 -48.21 23.42 -11.65
N GLN A 465 -47.78 24.17 -10.64
CA GLN A 465 -48.70 24.82 -9.72
C GLN A 465 -49.55 25.87 -10.42
N LEU A 466 -48.95 26.59 -11.37
CA LEU A 466 -49.61 27.67 -12.10
C LEU A 466 -50.45 27.22 -13.31
N ARG A 467 -50.15 26.04 -13.85
CA ARG A 467 -50.83 25.47 -15.00
C ARG A 467 -50.95 26.43 -16.17
N ASP A 468 -52.18 26.65 -16.64
CA ASP A 468 -52.44 27.46 -17.81
C ASP A 468 -52.91 28.87 -17.47
N ASN A 469 -52.75 29.28 -16.21
CA ASN A 469 -53.21 30.61 -15.83
C ASN A 469 -52.09 31.62 -16.01
N VAL A 470 -50.95 31.11 -16.48
CA VAL A 470 -49.74 31.86 -16.77
C VAL A 470 -49.18 31.46 -18.12
N LYS A 471 -48.29 32.27 -18.65
CA LYS A 471 -47.57 31.86 -19.84
C LYS A 471 -46.09 31.93 -19.61
N GLU A 472 -45.37 30.99 -20.18
CA GLU A 472 -43.93 31.03 -20.06
C GLU A 472 -43.42 32.03 -21.04
N LEU A 473 -42.45 32.83 -20.64
CA LEU A 473 -41.87 33.79 -21.56
C LEU A 473 -40.62 33.26 -22.26
N GLY A 474 -40.16 32.10 -21.81
CA GLY A 474 -38.99 31.46 -22.41
C GLY A 474 -37.66 31.97 -21.89
N ASN A 475 -37.71 32.87 -20.91
CA ASN A 475 -36.50 33.46 -20.35
C ASN A 475 -36.43 33.25 -18.85
N GLY A 476 -37.05 32.16 -18.39
CA GLY A 476 -37.10 31.80 -16.96
C GLY A 476 -38.19 32.50 -16.11
N CYS A 477 -39.17 33.19 -16.75
CA CYS A 477 -40.24 33.97 -16.12
C CYS A 477 -41.65 33.54 -16.54
N PHE A 478 -42.58 33.69 -15.61
CA PHE A 478 -43.99 33.41 -15.84
C PHE A 478 -44.86 34.64 -15.76
N GLU A 479 -45.54 34.95 -16.84
CA GLU A 479 -46.42 36.12 -16.86
C GLU A 479 -47.84 35.66 -16.57
N PHE A 480 -48.50 36.33 -15.66
CA PHE A 480 -49.84 35.96 -15.26
C PHE A 480 -50.87 36.53 -16.19
N TYR A 481 -51.99 35.81 -16.35
CA TYR A 481 -53.10 36.31 -17.15
C TYR A 481 -54.15 37.00 -16.29
N HIS A 482 -53.82 37.22 -15.03
CA HIS A 482 -54.70 37.86 -14.09
C HIS A 482 -53.93 38.76 -13.19
N LYS A 483 -54.62 39.72 -12.60
CA LYS A 483 -53.97 40.57 -11.64
C LYS A 483 -53.49 39.64 -10.51
N CYS A 484 -52.19 39.73 -10.14
CA CYS A 484 -51.56 38.90 -9.12
C CYS A 484 -50.83 39.82 -8.14
N ASP A 485 -51.50 40.14 -7.05
CA ASP A 485 -50.99 41.08 -6.07
C ASP A 485 -50.09 40.38 -5.09
N ASP A 486 -49.52 41.12 -4.15
CA ASP A 486 -48.64 40.55 -3.15
C ASP A 486 -49.17 39.24 -2.54
N GLU A 487 -50.43 39.21 -2.15
CA GLU A 487 -51.03 37.99 -1.59
C GLU A 487 -50.92 36.75 -2.52
N CYS A 488 -51.06 36.95 -3.86
CA CYS A 488 -50.94 35.95 -4.93
C CYS A 488 -49.47 35.54 -5.03
N MET A 489 -48.58 36.50 -5.08
CA MET A 489 -47.18 36.20 -5.23
C MET A 489 -46.66 35.40 -4.05
N ASN A 490 -47.22 35.67 -2.89
CA ASN A 490 -46.88 35.00 -1.66
C ASN A 490 -47.40 33.57 -1.66
N SER A 491 -48.38 33.30 -2.51
CA SER A 491 -48.99 31.99 -2.59
C SER A 491 -48.20 31.17 -3.60
N VAL A 492 -47.77 31.83 -4.68
CA VAL A 492 -47.03 31.19 -5.75
C VAL A 492 -45.70 30.67 -5.24
N LYS A 493 -45.05 31.43 -4.37
CA LYS A 493 -43.77 31.00 -3.81
C LYS A 493 -43.84 29.74 -2.90
N ASN A 494 -45.04 29.28 -2.44
CA ASN A 494 -45.20 28.09 -1.59
C ASN A 494 -46.29 27.18 -2.20
N GLY A 495 -46.79 26.15 -1.48
CA GLY A 495 -47.71 25.14 -2.05
C GLY A 495 -49.18 25.52 -2.26
N THR A 496 -49.45 26.64 -2.93
CA THR A 496 -50.84 27.02 -3.21
C THR A 496 -51.04 28.04 -4.34
N TYR A 497 -52.14 27.88 -5.08
CA TYR A 497 -52.54 28.81 -6.15
C TYR A 497 -53.82 28.34 -6.82
N ASP A 498 -54.87 29.17 -6.87
CA ASP A 498 -56.10 28.76 -7.57
C ASP A 498 -56.87 29.95 -8.16
N TYR A 499 -56.76 30.16 -9.48
CA TYR A 499 -57.38 31.28 -10.22
C TYR A 499 -58.12 30.79 -11.48
N PRO A 500 -59.31 30.16 -11.33
CA PRO A 500 -60.07 29.42 -12.35
C PRO A 500 -60.63 30.11 -13.60
N LYS A 501 -60.85 31.42 -13.60
CA LYS A 501 -61.47 32.00 -14.80
C LYS A 501 -60.89 33.32 -15.25
N TYR A 502 -59.65 33.31 -15.67
CA TYR A 502 -59.01 34.54 -16.09
C TYR A 502 -58.59 34.57 -17.53
N GLU A 503 -59.15 33.68 -18.34
CA GLU A 503 -58.79 33.69 -19.74
C GLU A 503 -59.52 34.84 -20.42
N GLU A 504 -58.81 35.61 -21.25
CA GLU A 504 -59.46 36.67 -22.03
C GLU A 504 -59.28 36.33 -23.49
N GLU A 505 -58.14 35.70 -23.74
CA GLU A 505 -57.65 35.28 -25.06
C GLU A 505 -58.39 34.07 -25.69
N SER A 506 -59.18 33.34 -24.86
CA SER A 506 -59.94 32.13 -25.15
C SER A 506 -61.31 32.49 -25.76
N ASP B 16 -42.10 23.52 -43.30
CA ASP B 16 -42.08 22.14 -42.84
C ASP B 16 -41.38 22.10 -41.47
N GLN B 17 -41.27 20.88 -40.87
CA GLN B 17 -40.68 20.65 -39.54
C GLN B 17 -39.15 20.66 -39.48
N ILE B 18 -38.66 21.06 -38.31
CA ILE B 18 -37.25 21.01 -37.98
C ILE B 18 -37.12 19.96 -36.90
N CYS B 19 -36.25 18.98 -37.13
CA CYS B 19 -36.09 17.87 -36.15
C CYS B 19 -34.76 18.02 -35.43
N ILE B 20 -34.71 17.66 -34.16
CA ILE B 20 -33.48 17.65 -33.40
C ILE B 20 -33.11 16.25 -33.13
N GLY B 21 -31.92 15.90 -33.53
CA GLY B 21 -31.44 14.56 -33.38
C GLY B 21 -29.97 14.57 -33.19
N TYR B 22 -29.47 13.36 -33.24
CA TYR B 22 -28.05 13.22 -33.03
C TYR B 22 -27.45 12.31 -34.07
N HIS B 23 -26.15 12.20 -34.08
CA HIS B 23 -25.38 11.38 -35.05
C HIS B 23 -25.60 9.90 -34.87
N ALA B 24 -25.59 9.13 -35.95
CA ALA B 24 -25.57 7.67 -35.81
C ALA B 24 -24.46 7.19 -36.73
N ASN B 25 -23.88 6.03 -36.47
CA ASN B 25 -22.78 5.62 -37.31
C ASN B 25 -22.83 4.12 -37.54
N ASN B 26 -21.88 3.59 -38.30
CA ASN B 26 -21.84 2.16 -38.54
C ASN B 26 -20.79 1.49 -37.65
N SER B 27 -20.42 2.20 -36.58
CA SER B 27 -19.46 1.75 -35.61
C SER B 27 -20.01 0.56 -34.85
N THR B 28 -19.13 -0.40 -34.59
CA THR B 28 -19.47 -1.59 -33.85
C THR B 28 -18.80 -1.62 -32.48
N GLU B 29 -18.06 -0.56 -32.19
CA GLU B 29 -17.32 -0.41 -30.94
C GLU B 29 -18.28 -0.37 -29.75
N LYS B 30 -18.02 -1.20 -28.72
CA LYS B 30 -18.93 -1.24 -27.58
C LYS B 30 -18.25 -0.95 -26.24
N VAL B 31 -19.02 -0.36 -25.32
CA VAL B 31 -18.56 -0.02 -23.98
C VAL B 31 -19.46 -0.56 -22.89
N ASP B 32 -18.95 -0.61 -21.67
CA ASP B 32 -19.77 -0.99 -20.52
C ASP B 32 -19.98 0.23 -19.64
N THR B 33 -21.07 0.24 -18.88
CA THR B 33 -21.39 1.30 -17.93
C THR B 33 -21.71 0.61 -16.62
N ILE B 34 -21.95 1.33 -15.54
CA ILE B 34 -22.23 0.63 -14.29
C ILE B 34 -23.48 -0.25 -14.38
N LEU B 35 -24.56 0.28 -14.94
CA LEU B 35 -25.82 -0.45 -15.00
C LEU B 35 -26.24 -1.04 -16.36
N GLU B 36 -25.38 -0.97 -17.34
CA GLU B 36 -25.68 -1.48 -18.67
C GLU B 36 -24.41 -2.07 -19.27
N ARG B 37 -24.52 -3.14 -20.04
CA ARG B 37 -23.31 -3.72 -20.61
C ARG B 37 -23.45 -3.92 -22.11
N ASN B 38 -22.30 -4.00 -22.85
CA ASN B 38 -22.24 -4.26 -24.30
C ASN B 38 -23.05 -3.22 -25.13
N VAL B 39 -22.83 -1.91 -24.85
CA VAL B 39 -23.49 -0.76 -25.48
C VAL B 39 -22.72 -0.25 -26.67
N THR B 40 -23.34 -0.20 -27.84
CA THR B 40 -22.65 0.27 -29.03
C THR B 40 -22.57 1.79 -28.98
N VAL B 41 -21.40 2.35 -29.28
CA VAL B 41 -21.20 3.80 -29.31
C VAL B 41 -20.63 4.23 -30.65
N THR B 42 -20.83 5.50 -31.00
CA THR B 42 -20.32 5.96 -32.27
C THR B 42 -18.81 6.10 -32.24
N HIS B 43 -18.30 6.50 -31.08
CA HIS B 43 -16.88 6.70 -30.88
C HIS B 43 -16.47 6.29 -29.49
N ALA B 44 -15.26 5.79 -29.36
CA ALA B 44 -14.72 5.51 -28.06
C ALA B 44 -13.22 5.58 -28.12
N LYS B 45 -12.62 5.85 -26.98
CA LYS B 45 -11.20 5.87 -26.92
C LYS B 45 -10.75 4.67 -26.16
N ASP B 46 -10.06 3.80 -26.83
CA ASP B 46 -9.55 2.63 -26.16
C ASP B 46 -8.39 3.16 -25.38
N ILE B 47 -8.36 2.98 -24.06
CA ILE B 47 -7.28 3.53 -23.27
C ILE B 47 -6.36 2.46 -22.73
N LEU B 48 -6.57 1.22 -23.17
CA LEU B 48 -5.74 0.11 -22.73
C LEU B 48 -4.95 -0.50 -23.89
N GLU B 49 -3.64 -0.56 -23.74
CA GLU B 49 -2.78 -1.12 -24.77
C GLU B 49 -2.74 -2.62 -24.62
N LYS B 50 -3.15 -3.30 -25.65
CA LYS B 50 -3.26 -4.74 -25.60
C LYS B 50 -2.20 -5.49 -26.40
N THR B 51 -1.22 -4.79 -26.97
CA THR B 51 -0.21 -5.48 -27.77
C THR B 51 1.21 -5.14 -27.42
N HIS B 52 2.08 -6.01 -27.85
CA HIS B 52 3.52 -5.92 -27.73
C HIS B 52 4.08 -6.60 -28.97
N ASN B 53 5.34 -6.35 -29.35
CA ASN B 53 5.80 -7.00 -30.57
C ASN B 53 6.48 -8.36 -30.39
N GLY B 54 6.61 -8.80 -29.15
CA GLY B 54 7.19 -10.10 -28.85
C GLY B 54 8.72 -10.11 -28.88
N LYS B 55 9.33 -8.95 -29.09
CA LYS B 55 10.78 -8.88 -29.20
C LYS B 55 11.43 -8.16 -28.06
N LEU B 56 12.68 -8.48 -27.82
CA LEU B 56 13.45 -7.72 -26.85
C LEU B 56 14.26 -6.75 -27.72
N CYS B 57 14.11 -5.42 -27.47
CA CYS B 57 14.65 -4.33 -28.27
C CYS B 57 15.68 -3.49 -27.52
N LYS B 58 16.28 -2.54 -28.23
CA LYS B 58 17.23 -1.61 -27.65
C LYS B 58 16.50 -0.40 -27.09
N LEU B 59 16.53 -0.28 -25.77
CA LEU B 59 15.80 0.77 -25.08
C LEU B 59 16.51 2.09 -25.24
N ASN B 60 15.80 3.03 -25.84
CA ASN B 60 16.28 4.36 -26.18
C ASN B 60 17.49 4.29 -27.10
N GLY B 61 17.57 3.24 -27.93
CA GLY B 61 18.67 3.09 -28.88
C GLY B 61 19.91 2.42 -28.29
N ILE B 62 19.90 2.11 -27.01
CA ILE B 62 21.04 1.51 -26.35
C ILE B 62 20.68 0.06 -26.03
N PRO B 63 21.49 -0.92 -26.41
CA PRO B 63 21.20 -2.30 -26.16
C PRO B 63 21.33 -2.65 -24.69
N PRO B 64 20.67 -3.71 -24.24
CA PRO B 64 20.76 -4.31 -22.94
C PRO B 64 22.01 -5.08 -22.79
N LEU B 65 22.36 -5.40 -21.57
CA LEU B 65 23.42 -6.32 -21.35
C LEU B 65 22.79 -7.67 -21.55
N GLU B 66 23.35 -8.51 -22.41
CA GLU B 66 22.72 -9.82 -22.60
C GLU B 66 23.50 -10.89 -21.91
N LEU B 67 23.04 -11.29 -20.74
CA LEU B 67 23.79 -12.26 -19.99
C LEU B 67 23.44 -13.63 -20.51
N GLY B 68 22.22 -13.77 -20.98
CA GLY B 68 21.82 -15.08 -21.46
C GLY B 68 21.91 -16.07 -20.32
N ASP B 69 22.72 -17.09 -20.54
CA ASP B 69 22.95 -18.17 -19.58
C ASP B 69 23.66 -17.77 -18.28
N CYS B 70 24.36 -16.60 -18.23
CA CYS B 70 25.12 -16.06 -17.11
C CYS B 70 24.23 -15.41 -16.06
N SER B 71 24.63 -15.54 -14.81
CA SER B 71 23.93 -14.87 -13.71
C SER B 71 24.67 -13.57 -13.42
N ILE B 72 24.12 -12.73 -12.55
CA ILE B 72 24.83 -11.50 -12.19
C ILE B 72 26.14 -11.82 -11.50
N ALA B 73 26.14 -12.77 -10.55
CA ALA B 73 27.38 -13.10 -9.89
C ALA B 73 28.37 -13.69 -10.89
N GLY B 74 27.88 -14.47 -11.84
CA GLY B 74 28.75 -15.07 -12.83
C GLY B 74 29.45 -13.97 -13.60
N TRP B 75 28.69 -13.01 -14.08
CA TRP B 75 29.24 -11.90 -14.81
C TRP B 75 30.28 -11.09 -14.07
N LEU B 76 29.96 -10.66 -12.86
CA LEU B 76 30.85 -9.80 -12.11
C LEU B 76 32.06 -10.54 -11.57
N LEU B 77 31.92 -11.81 -11.25
CA LEU B 77 33.05 -12.57 -10.75
C LEU B 77 33.90 -13.01 -11.92
N GLY B 78 33.29 -13.23 -13.07
CA GLY B 78 34.01 -13.68 -14.24
C GLY B 78 33.92 -15.18 -14.46
N ASN B 79 32.75 -15.76 -14.36
CA ASN B 79 32.58 -17.18 -14.62
C ASN B 79 33.33 -17.45 -15.90
N PRO B 80 34.15 -18.50 -15.99
CA PRO B 80 34.92 -18.84 -17.16
C PRO B 80 34.13 -18.88 -18.44
N GLU B 81 32.83 -19.19 -18.37
CA GLU B 81 31.95 -19.28 -19.54
C GLU B 81 31.26 -17.95 -19.96
N CYS B 82 31.52 -16.85 -19.23
CA CYS B 82 30.97 -15.51 -19.38
C CYS B 82 32.10 -14.58 -19.84
N ASP B 83 33.00 -15.10 -20.67
CA ASP B 83 34.17 -14.35 -21.10
C ASP B 83 33.89 -13.33 -22.17
N ARG B 84 32.67 -13.32 -22.64
CA ARG B 84 32.23 -12.37 -23.64
C ARG B 84 31.64 -11.14 -22.97
N LEU B 85 31.49 -11.18 -21.65
CA LEU B 85 30.91 -10.06 -20.93
C LEU B 85 31.99 -9.20 -20.31
N LEU B 86 33.23 -9.55 -20.55
CA LEU B 86 34.36 -8.86 -19.96
C LEU B 86 34.58 -7.49 -20.59
N SER B 87 33.98 -7.27 -21.76
CA SER B 87 34.10 -6.01 -22.48
C SER B 87 33.24 -4.90 -21.90
N VAL B 88 32.26 -5.26 -21.07
CA VAL B 88 31.35 -4.34 -20.40
C VAL B 88 30.96 -3.06 -21.20
N PRO B 89 30.12 -3.15 -22.23
CA PRO B 89 29.57 -2.04 -23.01
C PRO B 89 28.50 -1.37 -22.17
N GLU B 90 28.03 -0.16 -22.55
CA GLU B 90 26.91 0.51 -21.85
C GLU B 90 25.59 -0.23 -21.98
N TRP B 91 24.83 -0.29 -20.89
CA TRP B 91 23.59 -1.05 -20.86
C TRP B 91 22.39 -0.11 -20.82
N SER B 92 21.31 -0.51 -21.43
CA SER B 92 20.05 0.18 -21.22
C SER B 92 19.20 -0.52 -20.15
N TYR B 93 19.45 -1.81 -19.96
CA TYR B 93 18.81 -2.69 -18.98
C TYR B 93 19.65 -3.95 -18.91
N ILE B 94 19.46 -4.78 -17.91
CA ILE B 94 20.16 -6.06 -17.89
C ILE B 94 19.20 -7.19 -18.16
N MET B 95 19.52 -8.01 -19.14
CA MET B 95 18.69 -9.14 -19.52
C MET B 95 19.31 -10.45 -18.99
N GLU B 96 18.58 -11.15 -18.14
CA GLU B 96 19.06 -12.36 -17.48
C GLU B 96 18.04 -13.49 -17.57
N LYS B 97 18.46 -14.72 -17.88
CA LYS B 97 17.47 -15.81 -17.88
C LYS B 97 17.01 -16.13 -16.49
N GLU B 98 15.75 -16.51 -16.32
CA GLU B 98 15.30 -16.97 -15.02
C GLU B 98 16.06 -18.25 -14.75
N ASN B 99 16.59 -18.43 -13.56
CA ASN B 99 17.34 -19.64 -13.26
C ASN B 99 18.49 -19.89 -14.26
N PRO B 100 19.47 -18.96 -14.34
CA PRO B 100 20.60 -18.98 -15.24
C PRO B 100 21.50 -20.11 -14.82
N ARG B 101 22.29 -20.64 -15.76
CA ARG B 101 23.20 -21.74 -15.47
C ARG B 101 24.60 -21.30 -15.04
N ASP B 102 25.14 -20.31 -15.72
CA ASP B 102 26.52 -19.91 -15.53
C ASP B 102 26.64 -18.88 -14.42
N GLY B 103 26.45 -19.37 -13.21
CA GLY B 103 26.45 -18.55 -12.01
C GLY B 103 27.75 -18.76 -11.30
N LEU B 104 27.71 -19.45 -10.18
CA LEU B 104 28.95 -19.69 -9.50
C LEU B 104 29.39 -21.08 -9.90
N CYS B 105 30.49 -21.17 -10.70
CA CYS B 105 31.05 -22.42 -11.21
C CYS B 105 31.64 -23.24 -10.06
N TYR B 106 32.07 -22.52 -9.04
CA TYR B 106 32.59 -23.10 -7.85
C TYR B 106 31.43 -22.96 -6.87
N PRO B 107 30.94 -24.00 -6.20
CA PRO B 107 29.79 -23.94 -5.33
C PRO B 107 29.97 -22.87 -4.31
N GLY B 108 28.94 -22.16 -3.99
CA GLY B 108 29.14 -21.12 -3.04
C GLY B 108 27.91 -20.34 -2.76
N SER B 109 28.11 -19.19 -2.17
CA SER B 109 27.07 -18.28 -1.78
C SER B 109 27.55 -16.88 -2.01
N PHE B 110 26.62 -15.95 -2.05
CA PHE B 110 27.00 -14.58 -2.25
C PHE B 110 26.12 -13.80 -1.26
N ASN B 111 26.74 -13.10 -0.35
CA ASN B 111 26.04 -12.37 0.69
C ASN B 111 25.45 -11.11 0.14
N ASP B 112 24.28 -10.76 0.63
CA ASP B 112 23.66 -9.53 0.20
C ASP B 112 23.61 -9.48 -1.32
N TYR B 113 23.29 -10.62 -1.91
CA TYR B 113 23.25 -10.76 -3.34
C TYR B 113 22.06 -10.05 -3.91
N GLU B 114 20.94 -10.17 -3.24
CA GLU B 114 19.72 -9.53 -3.66
C GLU B 114 19.88 -8.02 -3.58
N GLU B 115 20.64 -7.57 -2.57
CA GLU B 115 20.93 -6.17 -2.35
C GLU B 115 21.83 -5.65 -3.49
N LEU B 116 22.80 -6.46 -3.94
CA LEU B 116 23.62 -6.06 -5.07
C LEU B 116 22.79 -5.97 -6.33
N LYS B 117 21.93 -6.94 -6.56
CA LYS B 117 21.10 -6.89 -7.75
C LYS B 117 20.24 -5.64 -7.73
N HIS B 118 19.77 -5.23 -6.55
CA HIS B 118 19.00 -3.99 -6.42
C HIS B 118 19.89 -2.80 -6.80
N LEU B 119 21.14 -2.78 -6.32
CA LEU B 119 22.07 -1.70 -6.66
C LEU B 119 22.23 -1.52 -8.15
N LEU B 120 22.25 -2.63 -8.88
CA LEU B 120 22.48 -2.60 -10.31
C LEU B 120 21.33 -1.99 -11.08
N SER B 121 20.20 -1.73 -10.45
CA SER B 121 19.08 -1.08 -11.10
C SER B 121 19.34 0.42 -11.25
N SER B 122 20.40 0.90 -10.60
CA SER B 122 20.83 2.28 -10.65
C SER B 122 22.17 2.41 -11.35
N VAL B 123 22.58 1.37 -12.08
CA VAL B 123 23.85 1.41 -12.80
C VAL B 123 23.61 1.16 -14.28
N LYS B 124 24.13 2.04 -15.13
CA LYS B 124 24.03 1.84 -16.58
C LYS B 124 25.38 1.41 -17.13
N HIS B 125 26.44 1.77 -16.46
CA HIS B 125 27.71 1.35 -16.99
C HIS B 125 28.77 1.24 -15.91
N PHE B 126 29.57 0.19 -16.00
CA PHE B 126 30.71 0.08 -15.13
C PHE B 126 31.96 0.21 -15.95
N GLU B 127 32.97 0.79 -15.37
CA GLU B 127 34.26 0.78 -16.01
C GLU B 127 35.09 -0.20 -15.22
N LYS B 128 35.51 -1.28 -15.82
CA LYS B 128 36.26 -2.21 -15.01
C LYS B 128 37.65 -1.64 -14.85
N VAL B 129 38.11 -1.54 -13.61
CA VAL B 129 39.40 -0.97 -13.25
C VAL B 129 40.27 -1.97 -12.54
N LYS B 130 41.49 -2.14 -13.00
CA LYS B 130 42.34 -3.06 -12.27
C LYS B 130 42.75 -2.36 -10.99
N ILE B 131 42.50 -2.98 -9.85
CA ILE B 131 42.82 -2.35 -8.57
C ILE B 131 44.02 -2.99 -7.91
N LEU B 132 44.08 -4.31 -7.95
CA LEU B 132 45.12 -5.08 -7.30
C LEU B 132 45.68 -6.09 -8.27
N PRO B 133 46.55 -5.68 -9.22
CA PRO B 133 47.01 -6.50 -10.31
C PRO B 133 47.49 -7.76 -9.72
N LYS B 134 47.17 -8.89 -10.33
CA LYS B 134 47.56 -10.13 -9.66
C LYS B 134 49.06 -10.34 -9.58
N ASP B 135 49.79 -9.59 -10.36
CA ASP B 135 51.24 -9.69 -10.40
C ASP B 135 51.87 -8.99 -9.19
N ARG B 136 51.06 -8.33 -8.35
CA ARG B 136 51.58 -7.66 -7.17
C ARG B 136 51.71 -8.66 -6.03
N TRP B 137 51.04 -9.80 -6.12
CA TRP B 137 51.05 -10.71 -5.00
C TRP B 137 52.27 -11.59 -5.13
N THR B 138 53.43 -11.02 -4.87
CA THR B 138 54.72 -11.66 -5.11
C THR B 138 55.04 -12.75 -4.12
N GLN B 139 54.27 -12.77 -3.04
CA GLN B 139 54.38 -13.69 -1.95
C GLN B 139 53.39 -14.85 -2.02
N HIS B 140 52.55 -14.89 -3.06
CA HIS B 140 51.49 -15.89 -3.11
C HIS B 140 51.34 -16.55 -4.47
N THR B 141 50.69 -17.70 -4.50
CA THR B 141 50.36 -18.29 -5.78
C THR B 141 49.04 -17.69 -6.23
N THR B 142 49.02 -17.19 -7.47
CA THR B 142 47.88 -16.52 -8.09
C THR B 142 47.33 -17.30 -9.28
N THR B 143 47.79 -18.54 -9.42
CA THR B 143 47.49 -19.42 -10.53
C THR B 143 46.68 -20.67 -10.18
N GLY B 144 45.95 -20.64 -9.06
CA GLY B 144 45.17 -21.81 -8.65
C GLY B 144 43.83 -21.86 -9.38
N GLY B 145 43.05 -22.88 -9.09
CA GLY B 145 41.75 -23.08 -9.72
C GLY B 145 41.21 -24.45 -9.39
N SER B 146 40.11 -24.83 -10.03
CA SER B 146 39.48 -26.12 -9.77
C SER B 146 38.79 -26.70 -11.00
N ARG B 147 38.49 -28.00 -10.94
CA ARG B 147 37.82 -28.68 -12.05
C ARG B 147 36.44 -28.12 -12.34
N ALA B 148 35.77 -27.68 -11.30
CA ALA B 148 34.42 -27.15 -11.42
C ALA B 148 34.29 -25.94 -12.39
N CYS B 149 35.35 -25.11 -12.52
CA CYS B 149 35.41 -23.91 -13.35
C CYS B 149 36.28 -24.17 -14.59
N ALA B 150 36.67 -25.43 -14.80
CA ALA B 150 37.59 -25.78 -15.86
C ALA B 150 37.08 -25.47 -17.23
N VAL B 151 38.02 -25.09 -18.09
CA VAL B 151 37.72 -24.82 -19.49
C VAL B 151 38.51 -25.79 -20.34
N SER B 152 37.80 -26.56 -21.15
CA SER B 152 38.39 -27.56 -22.03
C SER B 152 39.30 -28.52 -21.27
N GLY B 153 38.89 -28.90 -20.07
CA GLY B 153 39.61 -29.85 -19.24
C GLY B 153 40.66 -29.24 -18.32
N ASN B 154 40.97 -27.96 -18.50
CA ASN B 154 41.99 -27.30 -17.70
C ASN B 154 41.38 -26.59 -16.49
N PRO B 155 41.74 -26.94 -15.23
CA PRO B 155 41.19 -26.36 -14.02
C PRO B 155 41.32 -24.87 -14.14
N SER B 156 40.33 -24.14 -13.67
CA SER B 156 40.40 -22.70 -13.81
C SER B 156 39.64 -22.00 -12.70
N PHE B 157 39.41 -20.71 -12.88
CA PHE B 157 38.76 -19.93 -11.85
C PHE B 157 38.09 -18.71 -12.45
N PHE B 158 37.43 -17.94 -11.62
CA PHE B 158 36.74 -16.75 -12.04
C PHE B 158 37.78 -15.76 -12.58
N ARG B 159 37.46 -15.17 -13.73
CA ARG B 159 38.34 -14.29 -14.47
C ARG B 159 38.65 -12.93 -13.82
N ASN B 160 37.79 -12.41 -12.94
CA ASN B 160 38.09 -11.11 -12.34
C ASN B 160 38.65 -11.20 -10.92
N MET B 161 39.00 -12.42 -10.46
CA MET B 161 39.45 -12.60 -9.08
C MET B 161 40.65 -13.51 -8.92
N VAL B 162 41.37 -13.31 -7.83
CA VAL B 162 42.57 -14.07 -7.55
C VAL B 162 42.43 -14.98 -6.34
N TRP B 163 42.54 -16.27 -6.58
CA TRP B 163 42.46 -17.21 -5.49
C TRP B 163 43.86 -17.29 -4.94
N LEU B 164 44.10 -16.72 -3.77
CA LEU B 164 45.46 -16.70 -3.27
C LEU B 164 45.72 -17.92 -2.46
N THR B 165 46.76 -18.66 -2.81
CA THR B 165 47.12 -19.87 -2.10
C THR B 165 48.57 -19.81 -1.70
N LYS B 166 48.99 -20.87 -1.01
CA LYS B 166 50.38 -20.93 -0.47
C LYS B 166 51.41 -20.96 -1.59
N LYS B 167 52.56 -20.35 -1.34
CA LYS B 167 53.67 -20.31 -2.27
C LYS B 167 54.85 -20.99 -1.60
N GLY B 168 55.44 -21.97 -2.25
CA GLY B 168 56.51 -22.66 -1.58
C GLY B 168 55.93 -23.39 -0.37
N SER B 169 56.45 -23.10 0.82
CA SER B 169 56.00 -23.74 2.04
C SER B 169 55.19 -22.84 2.98
N ASN B 170 54.75 -21.66 2.53
CA ASN B 170 54.03 -20.80 3.48
C ASN B 170 52.98 -19.88 2.83
N TYR B 171 52.29 -19.12 3.68
CA TYR B 171 51.28 -18.16 3.28
C TYR B 171 51.50 -16.86 4.07
N PRO B 172 52.37 -15.96 3.63
CA PRO B 172 52.66 -14.72 4.29
C PRO B 172 51.37 -13.96 4.39
N VAL B 173 51.22 -13.11 5.38
CA VAL B 173 49.95 -12.42 5.46
C VAL B 173 49.78 -11.60 4.21
N ALA B 174 48.63 -11.76 3.58
CA ALA B 174 48.33 -11.10 2.35
C ALA B 174 47.75 -9.76 2.65
N LYS B 175 48.30 -8.73 2.06
CA LYS B 175 47.76 -7.40 2.29
C LYS B 175 47.68 -6.62 1.01
N GLY B 176 46.77 -5.67 0.98
CA GLY B 176 46.69 -4.74 -0.14
C GLY B 176 45.60 -3.74 0.07
N SER B 177 45.64 -2.66 -0.70
CA SER B 177 44.65 -1.62 -0.56
C SER B 177 44.50 -0.82 -1.81
N TYR B 178 43.41 -0.09 -1.87
CA TYR B 178 43.13 0.81 -2.98
C TYR B 178 42.49 2.10 -2.47
N ASN B 179 42.98 3.31 -2.90
CA ASN B 179 42.57 4.65 -2.41
C ASN B 179 41.41 5.30 -3.21
N ASN B 180 40.79 4.61 -4.17
CA ASN B 180 39.65 5.06 -5.00
C ASN B 180 39.75 6.45 -5.58
N THR B 181 40.76 6.65 -6.42
CA THR B 181 41.06 7.91 -7.05
C THR B 181 40.59 7.88 -8.50
N SER B 182 39.77 6.87 -8.81
CA SER B 182 39.21 6.55 -10.12
C SER B 182 38.24 7.58 -10.66
N GLY B 183 37.75 8.41 -9.77
CA GLY B 183 36.80 9.47 -10.08
C GLY B 183 35.36 9.23 -9.63
N GLU B 184 35.03 7.99 -9.23
CA GLU B 184 33.67 7.67 -8.78
C GLU B 184 33.64 6.45 -7.84
N GLN B 185 32.56 6.32 -7.07
CA GLN B 185 32.29 5.20 -6.16
C GLN B 185 32.48 3.89 -6.89
N MET B 186 33.19 2.96 -6.26
CA MET B 186 33.52 1.69 -6.88
C MET B 186 33.00 0.46 -6.14
N LEU B 187 32.55 -0.52 -6.90
CA LEU B 187 32.09 -1.80 -6.38
C LEU B 187 33.19 -2.83 -6.27
N ILE B 188 33.43 -3.29 -5.05
CA ILE B 188 34.46 -4.27 -4.80
C ILE B 188 33.87 -5.55 -4.22
N ILE B 189 34.24 -6.66 -4.84
CA ILE B 189 33.78 -7.99 -4.47
C ILE B 189 34.97 -8.81 -4.01
N TRP B 190 34.82 -9.59 -2.97
CA TRP B 190 35.90 -10.44 -2.48
C TRP B 190 35.28 -11.65 -1.86
N GLY B 191 36.04 -12.69 -1.55
CA GLY B 191 35.40 -13.78 -0.86
C GLY B 191 36.29 -14.61 0.04
N VAL B 192 35.67 -15.61 0.68
CA VAL B 192 36.32 -16.51 1.61
C VAL B 192 36.12 -17.97 1.21
N HIS B 193 37.21 -18.70 1.14
CA HIS B 193 37.12 -20.13 0.82
C HIS B 193 36.75 -20.93 2.07
N HIS B 194 35.87 -21.92 1.93
CA HIS B 194 35.45 -22.82 2.99
C HIS B 194 35.69 -24.30 2.60
N PRO B 195 36.85 -24.88 2.94
CA PRO B 195 37.30 -26.21 2.61
C PRO B 195 36.38 -27.22 3.26
N ASN B 196 36.32 -28.43 2.73
CA ASN B 196 35.45 -29.40 3.41
C ASN B 196 36.19 -30.29 4.39
N ASP B 197 37.46 -30.01 4.57
CA ASP B 197 38.32 -30.81 5.43
C ASP B 197 39.55 -30.04 5.81
N GLU B 198 40.08 -30.32 7.00
CA GLU B 198 41.32 -29.71 7.43
C GLU B 198 42.44 -29.99 6.43
N THR B 199 42.41 -31.16 5.79
CA THR B 199 43.41 -31.52 4.82
C THR B 199 43.45 -30.52 3.70
N GLU B 200 42.27 -30.09 3.22
CA GLU B 200 42.20 -29.15 2.11
C GLU B 200 42.71 -27.79 2.56
N GLN B 201 42.36 -27.40 3.79
CA GLN B 201 42.81 -26.12 4.31
C GLN B 201 44.32 -26.10 4.38
N ARG B 202 44.92 -27.18 4.79
CA ARG B 202 46.35 -27.21 4.87
C ARG B 202 47.04 -27.22 3.52
N THR B 203 46.54 -27.98 2.54
CA THR B 203 47.27 -27.99 1.28
C THR B 203 47.07 -26.71 0.48
N LEU B 204 46.01 -25.95 0.75
CA LEU B 204 45.88 -24.68 0.08
C LEU B 204 46.54 -23.53 0.81
N TYR B 205 46.50 -23.50 2.16
CA TYR B 205 46.98 -22.33 2.89
C TYR B 205 48.04 -22.51 3.99
N GLN B 206 48.39 -23.75 4.39
CA GLN B 206 49.27 -24.04 5.55
C GLN B 206 48.67 -23.71 6.91
N ASN B 207 48.22 -22.48 7.08
CA ASN B 207 47.59 -22.00 8.29
C ASN B 207 46.17 -22.53 8.35
N VAL B 208 45.72 -22.93 9.53
CA VAL B 208 44.35 -23.41 9.69
C VAL B 208 43.46 -22.39 10.41
N GLY B 209 43.95 -21.79 11.48
CA GLY B 209 43.15 -20.82 12.24
C GLY B 209 43.22 -19.45 11.58
N THR B 210 42.74 -19.38 10.36
CA THR B 210 42.84 -18.19 9.52
C THR B 210 41.65 -17.29 9.62
N TYR B 211 41.84 -16.09 9.10
CA TYR B 211 40.79 -15.10 8.99
C TYR B 211 41.01 -14.23 7.80
N VAL B 212 39.94 -13.58 7.37
CA VAL B 212 39.97 -12.58 6.35
C VAL B 212 39.36 -11.30 6.93
N SER B 213 40.11 -10.20 6.89
CA SER B 213 39.68 -8.92 7.45
C SER B 213 39.66 -7.84 6.41
N VAL B 214 38.52 -7.19 6.28
CA VAL B 214 38.38 -6.15 5.29
C VAL B 214 37.72 -4.90 5.85
N GLY B 215 38.22 -3.73 5.48
CA GLY B 215 37.51 -2.53 5.91
C GLY B 215 37.84 -1.24 5.19
N THR B 216 36.97 -0.26 5.42
CA THR B 216 36.97 1.07 4.83
C THR B 216 36.62 2.05 5.93
N SER B 217 36.26 3.29 5.60
CA SER B 217 35.88 4.22 6.64
C SER B 217 34.53 3.84 7.26
N THR B 218 33.73 3.02 6.54
CA THR B 218 32.41 2.59 7.02
C THR B 218 32.27 1.07 7.19
N LEU B 219 33.12 0.30 6.52
CA LEU B 219 33.06 -1.16 6.54
C LEU B 219 34.02 -1.74 7.54
N ASN B 220 33.55 -2.68 8.32
CA ASN B 220 34.39 -3.35 9.27
C ASN B 220 33.98 -4.80 9.40
N LYS B 221 34.62 -5.70 8.66
CA LYS B 221 34.26 -7.11 8.75
C LYS B 221 35.42 -8.06 8.91
N ARG B 222 35.18 -9.10 9.69
CA ARG B 222 36.12 -10.19 9.85
C ARG B 222 35.41 -11.50 9.74
N SER B 223 35.89 -12.36 8.86
CA SER B 223 35.30 -13.68 8.67
C SER B 223 36.33 -14.75 8.85
N THR B 224 35.90 -15.92 9.23
CA THR B 224 36.79 -17.06 9.34
C THR B 224 36.19 -18.15 8.48
N PRO B 225 36.95 -19.12 7.99
CA PRO B 225 36.45 -20.23 7.24
C PRO B 225 35.73 -21.22 8.11
N ASP B 226 34.75 -21.89 7.54
CA ASP B 226 34.04 -22.99 8.15
C ASP B 226 34.49 -24.27 7.47
N ILE B 227 35.35 -25.04 8.13
CA ILE B 227 35.88 -26.24 7.50
C ILE B 227 35.04 -27.42 7.92
N ALA B 228 34.26 -27.97 6.99
CA ALA B 228 33.34 -29.05 7.35
C ALA B 228 32.83 -29.87 6.18
N THR B 229 32.44 -31.10 6.44
CA THR B 229 31.82 -31.91 5.40
C THR B 229 30.46 -31.39 5.02
N ARG B 230 30.27 -31.25 3.72
CA ARG B 230 29.06 -30.78 3.10
C ARG B 230 28.80 -31.68 1.88
N PRO B 231 27.57 -31.78 1.37
CA PRO B 231 27.21 -32.50 0.16
C PRO B 231 27.97 -31.92 -1.02
N LYS B 232 28.30 -32.75 -2.00
CA LYS B 232 28.98 -32.21 -3.16
C LYS B 232 28.05 -31.49 -4.10
N VAL B 233 28.50 -30.35 -4.57
CA VAL B 233 27.83 -29.55 -5.57
C VAL B 233 28.84 -29.32 -6.69
N ASN B 234 28.48 -29.64 -7.92
CA ASN B 234 29.37 -29.49 -9.06
C ASN B 234 30.66 -30.29 -8.81
N GLY B 235 30.55 -31.41 -8.10
CA GLY B 235 31.68 -32.28 -7.80
C GLY B 235 32.51 -31.87 -6.57
N GLN B 236 32.23 -30.73 -5.97
CA GLN B 236 33.04 -30.28 -4.84
C GLN B 236 32.29 -30.22 -3.52
N GLY B 237 32.97 -30.67 -2.46
CA GLY B 237 32.36 -30.66 -1.12
C GLY B 237 32.60 -29.35 -0.38
N GLY B 238 33.31 -28.45 -1.04
CA GLY B 238 33.69 -27.16 -0.54
C GLY B 238 32.70 -26.08 -0.92
N ARG B 239 32.82 -24.90 -0.31
CA ARG B 239 31.99 -23.77 -0.65
C ARG B 239 32.81 -22.48 -0.71
N MET B 240 32.45 -21.55 -1.56
CA MET B 240 33.11 -20.25 -1.56
C MET B 240 32.10 -19.13 -1.32
N GLU B 241 32.38 -18.28 -0.35
CA GLU B 241 31.48 -17.20 0.05
C GLU B 241 31.91 -15.82 -0.43
N PHE B 242 31.06 -15.14 -1.18
CA PHE B 242 31.42 -13.81 -1.67
C PHE B 242 30.68 -12.70 -0.95
N SER B 243 31.36 -11.58 -0.76
CA SER B 243 30.84 -10.39 -0.11
C SER B 243 31.15 -9.18 -0.95
N TRP B 244 30.50 -8.06 -0.67
CA TRP B 244 30.82 -6.88 -1.45
C TRP B 244 30.63 -5.60 -0.67
N THR B 245 31.27 -4.54 -1.15
CA THR B 245 31.10 -3.22 -0.57
C THR B 245 31.25 -2.14 -1.59
N LEU B 246 30.70 -0.97 -1.31
CA LEU B 246 30.97 0.16 -2.17
C LEU B 246 31.97 1.05 -1.50
N LEU B 247 33.07 1.27 -2.19
CA LEU B 247 34.12 2.08 -1.70
C LEU B 247 33.84 3.48 -2.17
N ASP B 248 33.75 4.42 -1.24
CA ASP B 248 33.34 5.75 -1.64
C ASP B 248 34.49 6.50 -2.25
N MET B 249 34.24 7.71 -2.66
CA MET B 249 35.24 8.44 -3.37
C MET B 249 36.32 8.90 -2.41
N TRP B 250 37.59 8.66 -2.79
CA TRP B 250 38.79 9.00 -2.03
C TRP B 250 38.92 8.17 -0.76
N ASP B 251 38.07 7.16 -0.59
CA ASP B 251 38.20 6.30 0.57
C ASP B 251 39.15 5.16 0.24
N THR B 252 39.70 4.54 1.26
CA THR B 252 40.61 3.43 1.07
C THR B 252 40.11 2.11 1.61
N ILE B 253 40.19 1.08 0.78
CA ILE B 253 39.80 -0.25 1.22
C ILE B 253 41.04 -1.01 1.55
N ASN B 254 41.02 -1.65 2.70
CA ASN B 254 42.14 -2.40 3.18
C ASN B 254 41.83 -3.87 3.38
N PHE B 255 42.57 -4.71 2.69
CA PHE B 255 42.42 -6.15 2.80
C PHE B 255 43.57 -6.73 3.57
N GLU B 256 43.27 -7.68 4.44
CA GLU B 256 44.27 -8.45 5.16
C GLU B 256 43.85 -9.90 5.31
N SER B 257 44.74 -10.83 5.04
CA SER B 257 44.39 -12.23 5.22
C SER B 257 45.50 -13.17 5.61
N THR B 258 45.15 -14.12 6.46
CA THR B 258 46.09 -15.15 6.87
C THR B 258 45.79 -16.47 6.19
N GLY B 259 44.82 -16.41 5.30
CA GLY B 259 44.38 -17.54 4.52
C GLY B 259 42.94 -17.38 4.10
N ASN B 260 42.55 -18.19 3.14
CA ASN B 260 41.21 -18.27 2.60
C ASN B 260 40.72 -17.02 1.88
N LEU B 261 41.61 -16.16 1.42
CA LEU B 261 41.19 -14.98 0.67
C LEU B 261 41.19 -15.11 -0.82
N ILE B 262 40.04 -14.77 -1.38
CA ILE B 262 39.86 -14.67 -2.81
C ILE B 262 39.82 -13.17 -3.05
N ALA B 263 40.92 -12.62 -3.54
CA ALA B 263 41.06 -11.19 -3.66
C ALA B 263 40.47 -10.75 -4.97
N PRO B 264 39.94 -9.56 -5.10
CA PRO B 264 39.55 -9.03 -6.37
C PRO B 264 40.79 -8.66 -7.13
N GLU B 265 40.77 -8.75 -8.45
CA GLU B 265 41.84 -8.15 -9.21
C GLU B 265 41.28 -6.84 -9.71
N TYR B 266 40.00 -6.89 -10.07
CA TYR B 266 39.34 -5.72 -10.62
C TYR B 266 38.22 -5.22 -9.76
N GLY B 267 38.00 -3.92 -9.80
CA GLY B 267 36.85 -3.31 -9.15
C GLY B 267 35.97 -2.77 -10.25
N PHE B 268 34.74 -2.43 -9.95
CA PHE B 268 33.89 -1.90 -10.99
C PHE B 268 33.48 -0.46 -10.71
N LYS B 269 34.07 0.48 -11.42
CA LYS B 269 33.77 1.87 -11.15
C LYS B 269 32.42 2.14 -11.69
N ILE B 270 31.57 2.81 -10.97
CA ILE B 270 30.32 3.09 -11.61
C ILE B 270 30.56 4.29 -12.48
N SER B 271 30.40 4.17 -13.80
CA SER B 271 30.68 5.30 -14.67
C SER B 271 29.41 6.05 -15.00
N LYS B 272 28.29 5.33 -14.99
CA LYS B 272 26.98 5.92 -15.27
C LYS B 272 26.00 5.37 -14.27
N ARG B 273 25.24 6.27 -13.65
CA ARG B 273 24.32 5.93 -12.55
C ARG B 273 22.84 6.13 -12.85
N GLY B 274 22.46 6.21 -14.11
CA GLY B 274 21.04 6.42 -14.35
C GLY B 274 20.23 5.17 -14.09
N SER B 275 18.92 5.31 -14.05
CA SER B 275 18.03 4.19 -13.80
C SER B 275 18.00 3.17 -14.94
N SER B 276 17.90 1.88 -14.59
CA SER B 276 17.80 0.78 -15.54
C SER B 276 16.90 -0.33 -14.97
N GLY B 277 17.50 -1.41 -14.50
CA GLY B 277 16.77 -2.52 -13.90
C GLY B 277 17.17 -3.84 -14.52
N ILE B 278 16.84 -4.94 -13.83
CA ILE B 278 17.15 -6.29 -14.29
C ILE B 278 15.86 -6.98 -14.68
N MET B 279 15.81 -7.44 -15.92
CA MET B 279 14.64 -8.10 -16.47
C MET B 279 14.87 -9.58 -16.61
N LYS B 280 13.92 -10.40 -16.14
CA LYS B 280 14.06 -11.84 -16.28
C LYS B 280 13.32 -12.35 -17.49
N THR B 281 14.06 -12.87 -18.45
CA THR B 281 13.50 -13.37 -19.70
C THR B 281 14.45 -14.29 -20.41
N GLU B 282 13.90 -15.23 -21.15
CA GLU B 282 14.70 -16.18 -21.89
C GLU B 282 14.82 -15.89 -23.37
N GLY B 283 14.39 -14.71 -23.79
CA GLY B 283 14.51 -14.35 -25.19
C GLY B 283 15.88 -13.74 -25.46
N THR B 284 16.07 -13.21 -26.67
CA THR B 284 17.34 -12.59 -27.04
C THR B 284 17.09 -11.25 -27.66
N LEU B 285 18.13 -10.42 -27.76
CA LEU B 285 17.99 -9.12 -28.40
C LEU B 285 17.82 -9.23 -29.90
N GLU B 286 16.84 -8.52 -30.41
CA GLU B 286 16.51 -8.42 -31.81
C GLU B 286 16.95 -7.06 -32.35
N ASN B 287 17.08 -6.94 -33.66
CA ASN B 287 17.47 -5.65 -34.21
C ASN B 287 16.25 -4.70 -34.36
N CYS B 288 15.83 -4.12 -33.23
CA CYS B 288 14.67 -3.23 -33.07
C CYS B 288 14.92 -2.24 -31.94
N GLU B 289 14.07 -1.22 -31.88
CA GLU B 289 14.18 -0.19 -30.84
C GLU B 289 12.88 0.02 -30.12
N THR B 290 12.99 0.48 -28.87
CA THR B 290 11.83 0.80 -28.07
C THR B 290 12.06 1.88 -27.04
N LYS B 291 10.98 2.52 -26.62
CA LYS B 291 11.02 3.45 -25.48
C LYS B 291 10.51 2.82 -24.13
N CYS B 292 9.98 1.58 -24.22
CA CYS B 292 9.41 0.86 -23.05
C CYS B 292 9.49 -0.65 -23.34
N GLN B 293 10.13 -1.44 -22.46
CA GLN B 293 10.34 -2.87 -22.67
C GLN B 293 9.79 -3.75 -21.54
N THR B 294 9.00 -4.80 -21.85
CA THR B 294 8.56 -5.71 -20.79
C THR B 294 9.24 -7.05 -21.05
N PRO B 295 9.27 -8.01 -20.11
CA PRO B 295 9.80 -9.35 -20.28
C PRO B 295 9.16 -10.14 -21.42
N LEU B 296 7.95 -9.76 -21.82
CA LEU B 296 7.25 -10.49 -22.88
C LEU B 296 7.49 -9.89 -24.25
N GLY B 297 8.16 -8.75 -24.30
CA GLY B 297 8.37 -8.03 -25.54
C GLY B 297 8.17 -6.52 -25.41
N ALA B 298 8.69 -5.80 -26.38
CA ALA B 298 8.63 -4.35 -26.40
C ALA B 298 7.25 -3.77 -26.65
N ILE B 299 6.97 -2.59 -26.08
CA ILE B 299 5.65 -1.97 -26.38
C ILE B 299 5.77 -0.54 -26.93
N ASN B 300 5.02 -0.23 -27.99
CA ASN B 300 4.97 1.15 -28.58
C ASN B 300 3.61 1.69 -28.17
N THR B 301 3.56 2.57 -27.17
CA THR B 301 2.23 2.96 -26.62
C THR B 301 1.94 4.46 -26.69
N THR B 302 0.64 4.80 -26.71
CA THR B 302 0.21 6.22 -26.67
C THR B 302 -0.91 6.33 -25.64
N LEU B 303 -1.33 5.19 -25.06
CA LEU B 303 -2.43 5.20 -24.10
C LEU B 303 -1.91 5.05 -22.66
N PRO B 304 -2.64 5.54 -21.64
CA PRO B 304 -2.29 5.49 -20.23
C PRO B 304 -2.19 4.15 -19.54
N PHE B 305 -2.84 3.09 -20.06
CA PHE B 305 -2.77 1.79 -19.40
C PHE B 305 -2.35 0.71 -20.34
N HIS B 306 -1.78 -0.37 -19.81
CA HIS B 306 -1.47 -1.53 -20.62
C HIS B 306 -1.73 -2.79 -19.82
N ASN B 307 -1.89 -3.91 -20.50
CA ASN B 307 -2.09 -5.16 -19.80
C ASN B 307 -1.09 -6.24 -20.20
N VAL B 308 0.15 -5.87 -20.48
CA VAL B 308 1.15 -6.85 -20.90
C VAL B 308 1.88 -7.50 -19.71
N HIS B 309 2.42 -6.72 -18.80
CA HIS B 309 3.15 -7.31 -17.69
C HIS B 309 3.37 -6.29 -16.57
N PRO B 310 3.28 -6.64 -15.27
CA PRO B 310 3.62 -5.80 -14.14
C PRO B 310 5.01 -5.21 -14.12
N LEU B 311 5.99 -5.87 -14.72
CA LEU B 311 7.32 -5.33 -14.66
C LEU B 311 7.66 -4.74 -15.99
N THR B 312 8.37 -3.64 -15.96
CA THR B 312 8.81 -3.03 -17.20
C THR B 312 9.96 -2.10 -16.98
N ILE B 313 10.79 -1.92 -17.99
CA ILE B 313 11.85 -0.95 -17.89
C ILE B 313 11.70 0.08 -18.99
N GLY B 314 11.42 1.32 -18.61
CA GLY B 314 11.22 2.37 -19.59
C GLY B 314 10.17 3.37 -19.15
N GLU B 315 9.78 4.24 -20.07
CA GLU B 315 8.77 5.25 -19.76
C GLU B 315 7.47 4.64 -20.28
N CYS B 316 6.71 3.99 -19.36
CA CYS B 316 5.61 3.08 -19.66
C CYS B 316 4.24 3.51 -19.09
N PRO B 317 3.13 3.00 -19.66
CA PRO B 317 1.76 3.11 -19.21
C PRO B 317 1.61 2.35 -17.91
N LYS B 318 0.56 2.61 -17.15
CA LYS B 318 0.32 1.88 -15.91
C LYS B 318 -0.21 0.49 -16.23
N TYR B 319 0.22 -0.53 -15.49
CA TYR B 319 -0.30 -1.88 -15.70
C TYR B 319 -1.56 -2.13 -14.90
N VAL B 320 -2.56 -2.70 -15.55
CA VAL B 320 -3.79 -3.06 -14.85
C VAL B 320 -4.16 -4.52 -15.08
N LYS B 321 -4.85 -5.10 -14.13
CA LYS B 321 -5.30 -6.46 -14.27
C LYS B 321 -6.66 -6.46 -14.95
N SER B 322 -6.65 -6.13 -16.23
CA SER B 322 -7.88 -6.01 -17.00
C SER B 322 -7.72 -6.28 -18.47
N GLU B 323 -8.76 -6.88 -19.05
CA GLU B 323 -8.84 -7.12 -20.47
C GLU B 323 -9.32 -5.91 -21.27
N LYS B 324 -10.06 -5.01 -20.64
CA LYS B 324 -10.64 -3.91 -21.40
C LYS B 324 -10.97 -2.64 -20.64
N LEU B 325 -10.46 -1.51 -21.12
CA LEU B 325 -10.80 -0.21 -20.55
C LEU B 325 -11.10 0.71 -21.69
N VAL B 326 -12.36 0.91 -22.00
CA VAL B 326 -12.69 1.75 -23.14
C VAL B 326 -13.66 2.84 -22.71
N LEU B 327 -13.30 4.09 -23.03
CA LEU B 327 -14.09 5.25 -22.68
C LEU B 327 -15.00 5.64 -23.80
N ALA B 328 -16.27 5.75 -23.53
CA ALA B 328 -17.15 6.23 -24.55
C ALA B 328 -16.80 7.67 -24.74
N THR B 329 -16.79 8.16 -25.96
CA THR B 329 -16.57 9.58 -26.11
C THR B 329 -17.76 10.03 -26.89
N GLY B 330 -18.29 9.07 -27.63
CA GLY B 330 -19.37 9.31 -28.55
C GLY B 330 -20.74 9.06 -27.99
N LEU B 331 -21.68 8.97 -28.90
CA LEU B 331 -23.07 8.87 -28.57
C LEU B 331 -23.49 7.43 -28.56
N ARG B 332 -24.58 7.11 -27.88
CA ARG B 332 -25.02 5.74 -28.01
C ARG B 332 -25.32 5.58 -29.49
N ASN B 333 -24.82 4.54 -30.10
CA ASN B 333 -25.00 4.39 -31.53
C ASN B 333 -26.28 3.74 -31.86
N VAL B 334 -27.35 4.50 -31.79
CA VAL B 334 -28.64 3.93 -32.08
C VAL B 334 -28.97 4.10 -33.55
N PRO B 335 -29.02 3.00 -34.34
CA PRO B 335 -29.23 3.00 -35.78
C PRO B 335 -30.69 3.15 -36.08
N ILE B 346 -36.04 12.33 -40.65
CA ILE B 346 -37.53 12.44 -40.49
C ILE B 346 -37.90 12.11 -39.05
N ALA B 347 -36.99 11.53 -38.26
CA ALA B 347 -37.28 11.28 -36.83
C ALA B 347 -36.15 11.81 -36.00
N GLY B 348 -36.44 12.28 -34.81
CA GLY B 348 -35.47 12.90 -33.89
C GLY B 348 -34.80 11.95 -32.95
N PHE B 349 -34.26 12.47 -31.86
CA PHE B 349 -33.49 11.69 -30.88
C PHE B 349 -34.39 10.61 -30.30
N ILE B 350 -35.71 10.82 -30.28
CA ILE B 350 -36.57 9.80 -29.62
C ILE B 350 -36.33 8.48 -30.34
N GLU B 351 -36.52 8.49 -31.66
CA GLU B 351 -36.27 7.28 -32.48
C GLU B 351 -34.80 6.79 -32.51
N GLY B 352 -33.80 7.68 -32.62
CA GLY B 352 -32.39 7.32 -32.81
C GLY B 352 -31.64 8.38 -33.60
N GLY B 353 -30.43 8.11 -34.07
CA GLY B 353 -29.62 9.11 -34.74
C GLY B 353 -29.89 9.27 -36.20
N TRP B 354 -30.02 10.51 -36.64
CA TRP B 354 -30.09 10.71 -38.10
C TRP B 354 -28.77 10.23 -38.66
N GLN B 355 -28.83 9.25 -39.56
CA GLN B 355 -27.59 8.69 -40.19
C GLN B 355 -26.75 9.73 -40.91
N GLY B 356 -27.38 10.71 -41.58
CA GLY B 356 -26.66 11.64 -42.47
C GLY B 356 -25.57 12.50 -41.86
N MET B 357 -25.70 13.02 -40.65
CA MET B 357 -24.72 14.00 -40.10
C MET B 357 -23.28 13.53 -39.83
N VAL B 358 -22.27 14.20 -40.40
CA VAL B 358 -20.84 13.88 -40.10
C VAL B 358 -20.15 15.16 -39.61
N ASP B 359 -20.86 16.29 -39.63
CA ASP B 359 -20.28 17.55 -39.23
C ASP B 359 -20.44 17.90 -37.74
N GLY B 360 -20.85 16.92 -36.93
CA GLY B 360 -21.04 17.14 -35.50
C GLY B 360 -21.75 15.98 -34.83
N TRP B 361 -22.19 16.21 -33.60
CA TRP B 361 -22.86 15.19 -32.81
C TRP B 361 -24.33 15.47 -32.69
N TYR B 362 -24.68 16.72 -32.51
CA TYR B 362 -26.07 17.02 -32.31
C TYR B 362 -26.40 17.91 -33.47
N GLY B 363 -27.62 17.86 -33.96
CA GLY B 363 -27.95 18.71 -35.10
C GLY B 363 -29.39 18.70 -35.51
N TYR B 364 -29.65 19.37 -36.63
CA TYR B 364 -30.99 19.58 -37.13
C TYR B 364 -31.26 19.01 -38.51
N HIS B 365 -32.49 18.60 -38.76
CA HIS B 365 -32.88 18.14 -40.10
C HIS B 365 -33.17 19.29 -41.11
N HIS B 366 -33.77 20.37 -40.62
CA HIS B 366 -34.15 21.52 -41.45
C HIS B 366 -35.05 21.27 -42.69
N SER B 367 -36.19 20.58 -42.58
CA SER B 367 -36.95 20.43 -43.82
C SER B 367 -37.61 21.76 -44.18
N ASN B 368 -37.63 22.13 -45.45
CA ASN B 368 -38.28 23.37 -45.87
C ASN B 368 -38.63 23.27 -47.35
N ASP B 369 -39.16 24.36 -47.93
CA ASP B 369 -39.58 24.36 -49.34
C ASP B 369 -38.44 24.59 -50.34
N GLN B 370 -37.25 24.88 -49.87
CA GLN B 370 -36.13 25.08 -50.78
C GLN B 370 -35.42 23.75 -50.91
N GLY B 371 -35.53 22.98 -49.83
CA GLY B 371 -34.98 21.65 -49.71
C GLY B 371 -34.45 21.36 -48.31
N SER B 372 -34.58 20.11 -47.91
CA SER B 372 -34.14 19.60 -46.63
C SER B 372 -32.66 19.30 -46.64
N GLY B 373 -32.09 19.06 -45.47
CA GLY B 373 -30.71 18.70 -45.38
C GLY B 373 -30.28 18.88 -43.96
N TYR B 374 -29.57 17.85 -43.47
CA TYR B 374 -29.12 17.84 -42.07
C TYR B 374 -27.87 18.70 -41.89
N ALA B 375 -27.81 19.41 -40.77
CA ALA B 375 -26.65 20.20 -40.42
C ALA B 375 -26.39 20.11 -38.94
N ALA B 376 -25.14 20.12 -38.55
CA ALA B 376 -24.83 20.08 -37.14
C ALA B 376 -25.10 21.38 -36.45
N ASP B 377 -25.41 21.27 -35.17
CA ASP B 377 -25.52 22.41 -34.30
C ASP B 377 -24.11 22.61 -33.76
N LYS B 378 -23.41 23.59 -34.32
CA LYS B 378 -22.00 23.76 -34.00
C LYS B 378 -21.78 24.27 -32.59
N GLU B 379 -22.68 25.12 -32.10
CA GLU B 379 -22.49 25.64 -30.76
C GLU B 379 -22.56 24.52 -29.74
N SER B 380 -23.60 23.68 -29.87
CA SER B 380 -23.83 22.60 -28.95
C SER B 380 -22.78 21.51 -29.07
N THR B 381 -22.44 21.14 -30.30
CA THR B 381 -21.45 20.11 -30.46
C THR B 381 -20.14 20.58 -29.96
N GLN B 382 -19.74 21.82 -30.23
CA GLN B 382 -18.44 22.26 -29.77
C GLN B 382 -18.36 22.33 -28.26
N LYS B 383 -19.43 22.76 -27.59
CA LYS B 383 -19.34 22.79 -26.14
C LYS B 383 -19.23 21.38 -25.59
N ALA B 384 -20.02 20.46 -26.15
CA ALA B 384 -20.00 19.09 -25.71
C ALA B 384 -18.69 18.45 -26.02
N PHE B 385 -18.12 18.80 -27.17
CA PHE B 385 -16.88 18.26 -27.65
C PHE B 385 -15.77 18.60 -26.71
N ASP B 386 -15.69 19.85 -26.30
CA ASP B 386 -14.66 20.27 -25.38
C ASP B 386 -14.92 19.62 -24.04
N GLY B 387 -16.19 19.43 -23.69
CA GLY B 387 -16.52 18.75 -22.46
C GLY B 387 -15.92 17.34 -22.50
N ILE B 388 -16.16 16.62 -23.59
CA ILE B 388 -15.63 15.28 -23.74
C ILE B 388 -14.12 15.24 -23.78
N THR B 389 -13.45 16.15 -24.49
CA THR B 389 -12.00 16.06 -24.52
C THR B 389 -11.43 16.42 -23.16
N ASN B 390 -12.07 17.34 -22.42
CA ASN B 390 -11.57 17.68 -21.11
C ASN B 390 -11.75 16.49 -20.20
N LYS B 391 -12.86 15.78 -20.36
CA LYS B 391 -13.15 14.61 -19.57
C LYS B 391 -12.13 13.54 -19.78
N VAL B 392 -11.76 13.30 -21.04
CA VAL B 392 -10.77 12.28 -21.31
C VAL B 392 -9.47 12.69 -20.71
N ASN B 393 -9.08 13.95 -20.86
CA ASN B 393 -7.83 14.39 -20.29
C ASN B 393 -7.84 14.31 -18.77
N SER B 394 -8.95 14.60 -18.12
CA SER B 394 -8.99 14.48 -16.67
C SER B 394 -8.82 13.03 -16.26
N VAL B 395 -9.37 12.11 -17.03
CA VAL B 395 -9.23 10.70 -16.77
C VAL B 395 -7.81 10.18 -16.97
N ILE B 396 -7.15 10.57 -18.06
CA ILE B 396 -5.82 10.03 -18.34
C ILE B 396 -4.63 10.81 -17.73
N GLU B 397 -4.78 12.13 -17.52
CA GLU B 397 -3.71 12.99 -16.97
C GLU B 397 -3.52 12.79 -15.49
N LYS B 398 -4.42 12.06 -14.87
CA LYS B 398 -4.32 11.81 -13.45
C LYS B 398 -3.53 10.55 -13.19
N MET B 399 -3.12 9.85 -14.24
CA MET B 399 -2.30 8.68 -14.05
C MET B 399 -0.87 9.12 -14.08
N ASN B 400 -0.15 8.77 -13.05
CA ASN B 400 1.23 9.16 -12.93
C ASN B 400 2.13 7.96 -12.80
N THR B 401 3.00 7.81 -13.80
CA THR B 401 3.94 6.71 -13.85
C THR B 401 5.33 7.30 -13.95
N GLN B 402 6.33 6.47 -13.75
CA GLN B 402 7.72 6.89 -13.81
C GLN B 402 8.59 5.74 -14.23
N PHE B 403 9.78 6.03 -14.71
CA PHE B 403 10.69 4.94 -15.00
C PHE B 403 10.98 4.27 -13.66
N GLU B 404 10.79 2.96 -13.55
CA GLU B 404 11.06 2.29 -12.28
C GLU B 404 11.44 0.82 -12.42
N ALA B 405 12.51 0.42 -11.75
CA ALA B 405 12.90 -0.98 -11.74
C ALA B 405 12.07 -1.68 -10.68
N VAL B 406 10.84 -2.01 -11.03
CA VAL B 406 9.86 -2.52 -10.10
C VAL B 406 10.24 -3.83 -9.41
N GLY B 407 10.80 -4.77 -10.14
CA GLY B 407 11.07 -6.07 -9.55
C GLY B 407 12.16 -6.09 -8.49
N LYS B 408 11.95 -6.91 -7.46
CA LYS B 408 12.90 -7.13 -6.37
C LYS B 408 13.08 -8.59 -6.13
N GLU B 409 14.23 -8.97 -5.63
CA GLU B 409 14.50 -10.34 -5.31
C GLU B 409 14.72 -10.47 -3.82
N PHE B 410 14.29 -11.60 -3.27
CA PHE B 410 14.41 -11.87 -1.84
C PHE B 410 15.04 -13.25 -1.65
N SER B 411 15.74 -13.45 -0.54
CA SER B 411 16.35 -14.74 -0.28
C SER B 411 15.32 -15.69 0.28
N ASN B 412 15.67 -16.94 0.44
CA ASN B 412 14.74 -17.92 0.95
C ASN B 412 14.48 -17.82 2.45
N LEU B 413 15.16 -16.90 3.12
CA LEU B 413 14.96 -16.68 4.53
C LEU B 413 14.23 -15.37 4.76
N GLU B 414 13.71 -14.79 3.69
CA GLU B 414 12.99 -13.54 3.75
C GLU B 414 11.58 -13.68 3.24
N ARG B 415 10.93 -14.81 3.52
CA ARG B 415 9.60 -15.06 3.01
C ARG B 415 8.64 -14.06 3.56
N ARG B 416 8.81 -13.66 4.81
CA ARG B 416 7.86 -12.69 5.35
C ARG B 416 7.93 -11.37 4.58
N LEU B 417 9.13 -10.96 4.19
CA LEU B 417 9.32 -9.70 3.49
C LEU B 417 8.90 -9.81 2.04
N GLU B 418 9.18 -10.96 1.42
CA GLU B 418 8.79 -11.18 0.05
C GLU B 418 7.29 -11.12 -0.06
N ASN B 419 6.61 -11.72 0.92
CA ASN B 419 5.17 -11.74 0.92
C ASN B 419 4.63 -10.36 1.18
N LEU B 420 5.31 -9.58 2.03
CA LEU B 420 4.86 -8.23 2.30
C LEU B 420 4.96 -7.44 1.00
N ASN B 421 6.10 -7.56 0.31
CA ASN B 421 6.34 -6.84 -0.93
C ASN B 421 5.31 -7.23 -1.97
N LYS B 422 5.05 -8.52 -2.10
CA LYS B 422 4.09 -8.98 -3.07
C LYS B 422 2.73 -8.48 -2.73
N LYS B 423 2.33 -8.56 -1.46
CA LYS B 423 1.02 -8.10 -1.07
C LYS B 423 0.85 -6.64 -1.37
N MET B 424 1.89 -5.85 -1.12
CA MET B 424 1.87 -4.44 -1.39
C MET B 424 1.62 -4.17 -2.86
N GLU B 425 2.38 -4.84 -3.73
CA GLU B 425 2.26 -4.65 -5.15
C GLU B 425 0.92 -5.13 -5.69
N ASP B 426 0.42 -6.26 -5.17
CA ASP B 426 -0.85 -6.79 -5.62
C ASP B 426 -1.94 -5.89 -5.12
N GLY B 427 -1.77 -5.36 -3.92
CA GLY B 427 -2.71 -4.47 -3.29
C GLY B 427 -2.85 -3.21 -4.11
N PHE B 428 -1.74 -2.61 -4.52
CA PHE B 428 -1.84 -1.41 -5.31
C PHE B 428 -2.39 -1.73 -6.68
N LEU B 429 -2.08 -2.91 -7.22
CA LEU B 429 -2.63 -3.25 -8.51
C LEU B 429 -4.14 -3.36 -8.39
N ASP B 430 -4.66 -3.97 -7.32
CA ASP B 430 -6.10 -4.08 -7.15
C ASP B 430 -6.74 -2.73 -6.99
N VAL B 431 -6.08 -1.81 -6.28
CA VAL B 431 -6.62 -0.49 -6.09
C VAL B 431 -6.68 0.25 -7.40
N TRP B 432 -5.60 0.20 -8.18
CA TRP B 432 -5.60 0.91 -9.43
C TRP B 432 -6.42 0.25 -10.51
N THR B 433 -6.55 -1.07 -10.48
CA THR B 433 -7.36 -1.75 -11.46
C THR B 433 -8.77 -1.37 -11.17
N TYR B 434 -9.15 -1.42 -9.89
CA TYR B 434 -10.45 -1.04 -9.44
C TYR B 434 -10.75 0.38 -9.81
N ASN B 435 -9.84 1.30 -9.52
CA ASN B 435 -10.09 2.68 -9.84
C ASN B 435 -10.20 2.89 -11.33
N ALA B 436 -9.37 2.21 -12.13
CA ALA B 436 -9.43 2.38 -13.56
C ALA B 436 -10.71 1.84 -14.14
N GLU B 437 -11.16 0.67 -13.68
CA GLU B 437 -12.37 0.11 -14.22
C GLU B 437 -13.58 0.83 -13.72
N LEU B 438 -13.57 1.24 -12.47
CA LEU B 438 -14.69 1.92 -11.91
C LEU B 438 -14.83 3.26 -12.56
N LEU B 439 -13.71 3.96 -12.77
CA LEU B 439 -13.78 5.26 -13.39
C LEU B 439 -14.29 5.13 -14.79
N VAL B 440 -13.83 4.12 -15.54
CA VAL B 440 -14.34 3.98 -16.89
C VAL B 440 -15.83 3.70 -16.87
N LEU B 441 -16.31 2.83 -15.99
CA LEU B 441 -17.74 2.56 -15.98
C LEU B 441 -18.57 3.75 -15.51
N MET B 442 -18.09 4.48 -14.50
CA MET B 442 -18.86 5.63 -14.00
C MET B 442 -18.89 6.71 -15.04
N GLU B 443 -17.78 6.87 -15.75
CA GLU B 443 -17.74 7.89 -16.74
C GLU B 443 -18.52 7.48 -17.95
N ASN B 444 -18.54 6.21 -18.33
CA ASN B 444 -19.30 5.86 -19.50
C ASN B 444 -20.78 6.05 -19.22
N GLU B 445 -21.21 5.80 -17.99
CA GLU B 445 -22.60 6.01 -17.67
C GLU B 445 -22.91 7.49 -17.78
N ARG B 446 -22.03 8.35 -17.24
CA ARG B 446 -22.26 9.77 -17.29
C ARG B 446 -22.11 10.34 -18.68
N THR B 447 -21.22 9.77 -19.50
CA THR B 447 -21.00 10.23 -20.85
C THR B 447 -22.24 10.01 -21.65
N LEU B 448 -22.82 8.85 -21.53
CA LEU B 448 -24.00 8.59 -22.28
C LEU B 448 -25.16 9.44 -21.75
N ASP B 449 -25.25 9.66 -20.43
CA ASP B 449 -26.32 10.52 -19.91
C ASP B 449 -26.11 11.96 -20.36
N PHE B 450 -24.86 12.38 -20.42
CA PHE B 450 -24.42 13.71 -20.85
C PHE B 450 -24.90 13.96 -22.24
N HIS B 451 -24.66 13.01 -23.13
CA HIS B 451 -25.08 13.19 -24.49
C HIS B 451 -26.57 13.18 -24.64
N ASP B 452 -27.29 12.33 -23.89
CA ASP B 452 -28.74 12.33 -24.03
C ASP B 452 -29.32 13.62 -23.46
N SER B 453 -28.68 14.12 -22.42
CA SER B 453 -29.07 15.36 -21.78
C SER B 453 -28.87 16.50 -22.73
N ASN B 454 -27.74 16.54 -23.45
CA ASN B 454 -27.46 17.61 -24.38
C ASN B 454 -28.41 17.62 -25.55
N VAL B 455 -28.85 16.46 -26.02
CA VAL B 455 -29.78 16.48 -27.13
C VAL B 455 -31.10 17.04 -26.60
N LYS B 456 -31.51 16.60 -25.42
CA LYS B 456 -32.73 17.11 -24.81
C LYS B 456 -32.60 18.60 -24.55
N ASN B 457 -31.43 19.08 -24.15
CA ASN B 457 -31.26 20.49 -23.88
C ASN B 457 -31.49 21.27 -25.16
N LEU B 458 -31.09 20.73 -26.32
CA LEU B 458 -31.41 21.43 -27.56
C LEU B 458 -32.89 21.41 -27.78
N TYR B 459 -33.52 20.29 -27.48
CA TYR B 459 -34.95 20.19 -27.70
C TYR B 459 -35.67 21.28 -26.90
N ASP B 460 -35.29 21.50 -25.64
CA ASP B 460 -35.93 22.52 -24.85
C ASP B 460 -35.43 23.92 -25.17
N LYS B 461 -34.16 24.07 -25.53
CA LYS B 461 -33.66 25.39 -25.89
C LYS B 461 -34.47 25.91 -27.03
N VAL B 462 -34.70 25.03 -28.00
CA VAL B 462 -35.47 25.32 -29.18
C VAL B 462 -36.94 25.49 -28.86
N ARG B 463 -37.53 24.61 -28.05
CA ARG B 463 -38.93 24.76 -27.71
C ARG B 463 -39.20 26.10 -27.03
N MET B 464 -38.32 26.53 -26.12
CA MET B 464 -38.50 27.80 -25.45
C MET B 464 -38.36 28.96 -26.43
N GLN B 465 -37.39 28.88 -27.35
CA GLN B 465 -37.19 29.93 -28.33
C GLN B 465 -38.39 30.04 -29.28
N LEU B 466 -38.98 28.90 -29.63
CA LEU B 466 -40.10 28.82 -30.57
C LEU B 466 -41.48 29.07 -29.95
N ARG B 467 -41.61 28.87 -28.64
CA ARG B 467 -42.84 29.05 -27.90
C ARG B 467 -44.04 28.34 -28.52
N ASP B 468 -45.10 29.10 -28.80
CA ASP B 468 -46.34 28.55 -29.31
C ASP B 468 -46.50 28.74 -30.81
N ASN B 469 -45.42 29.10 -31.50
CA ASN B 469 -45.54 29.32 -32.93
C ASN B 469 -45.27 28.04 -33.69
N VAL B 470 -44.99 26.98 -32.91
CA VAL B 470 -44.72 25.64 -33.37
C VAL B 470 -45.51 24.63 -32.56
N LYS B 471 -45.60 23.42 -33.05
CA LYS B 471 -46.17 22.36 -32.26
C LYS B 471 -45.21 21.20 -32.17
N GLU B 472 -45.19 20.57 -31.01
CA GLU B 472 -44.34 19.41 -30.86
C GLU B 472 -45.05 18.24 -31.49
N LEU B 473 -44.33 17.41 -32.22
CA LEU B 473 -44.94 16.24 -32.80
C LEU B 473 -44.80 15.00 -31.93
N GLY B 474 -44.02 15.12 -30.87
CA GLY B 474 -43.82 14.02 -29.93
C GLY B 474 -42.76 13.01 -30.37
N ASN B 475 -42.10 13.29 -31.49
CA ASN B 475 -41.08 12.38 -32.02
C ASN B 475 -39.75 13.10 -32.19
N GLY B 476 -39.53 14.12 -31.36
CA GLY B 476 -38.30 14.93 -31.40
C GLY B 476 -38.25 16.07 -32.45
N CYS B 477 -39.41 16.41 -33.08
CA CYS B 477 -39.55 17.40 -34.15
C CYS B 477 -40.57 18.50 -33.85
N PHE B 478 -40.29 19.68 -34.36
CA PHE B 478 -41.17 20.84 -34.24
C PHE B 478 -41.74 21.28 -35.56
N GLU B 479 -43.06 21.26 -35.68
CA GLU B 479 -43.71 21.69 -36.91
C GLU B 479 -44.13 23.14 -36.77
N PHE B 480 -43.80 23.96 -37.75
CA PHE B 480 -44.12 25.37 -37.68
C PHE B 480 -45.52 25.65 -38.14
N TYR B 481 -46.12 26.70 -37.58
CA TYR B 481 -47.44 27.13 -38.02
C TYR B 481 -47.37 28.25 -39.05
N HIS B 482 -46.18 28.50 -39.53
CA HIS B 482 -45.94 29.51 -40.53
C HIS B 482 -44.91 29.07 -41.51
N LYS B 483 -44.92 29.67 -42.68
CA LYS B 483 -43.90 29.36 -43.65
C LYS B 483 -42.56 29.72 -42.99
N CYS B 484 -41.59 28.80 -42.97
CA CYS B 484 -40.28 28.97 -42.35
C CYS B 484 -39.21 28.57 -43.38
N ASP B 485 -38.69 29.58 -44.07
CA ASP B 485 -37.74 29.37 -45.14
C ASP B 485 -36.35 29.24 -44.60
N ASP B 486 -35.37 29.03 -45.46
CA ASP B 486 -33.99 28.91 -45.05
C ASP B 486 -33.56 29.98 -44.04
N GLU B 487 -33.88 31.24 -44.29
CA GLU B 487 -33.54 32.33 -43.36
C GLU B 487 -34.07 32.11 -41.92
N CYS B 488 -35.30 31.54 -41.78
CA CYS B 488 -35.99 31.19 -40.54
C CYS B 488 -35.25 30.03 -39.90
N MET B 489 -34.98 28.99 -40.68
CA MET B 489 -34.33 27.82 -40.13
C MET B 489 -32.94 28.16 -39.60
N ASN B 490 -32.30 29.11 -40.26
CA ASN B 490 -30.99 29.57 -39.88
C ASN B 490 -31.04 30.38 -38.59
N SER B 491 -32.23 30.88 -38.25
CA SER B 491 -32.42 31.68 -37.07
C SER B 491 -32.74 30.76 -35.91
N VAL B 492 -33.52 29.71 -36.20
CA VAL B 492 -33.94 28.75 -35.20
C VAL B 492 -32.74 28.00 -34.64
N LYS B 493 -31.78 27.68 -35.50
CA LYS B 493 -30.58 26.98 -35.05
C LYS B 493 -29.66 27.80 -34.10
N ASN B 494 -29.83 29.14 -33.95
CA ASN B 494 -29.03 29.99 -33.06
C ASN B 494 -29.98 30.85 -32.20
N GLY B 495 -29.47 31.88 -31.48
CA GLY B 495 -30.28 32.65 -30.50
C GLY B 495 -31.27 33.69 -31.02
N THR B 496 -32.15 33.31 -31.95
CA THR B 496 -33.17 34.24 -32.45
C THR B 496 -34.37 33.61 -33.15
N TYR B 497 -35.54 34.22 -32.98
CA TYR B 497 -36.79 33.80 -33.64
C TYR B 497 -37.95 34.70 -33.20
N ASP B 498 -38.65 35.35 -34.14
CA ASP B 498 -39.82 36.15 -33.74
C ASP B 498 -40.90 36.21 -34.84
N TYR B 499 -41.98 35.44 -34.69
CA TYR B 499 -43.10 35.31 -35.65
C TYR B 499 -44.47 35.47 -34.96
N PRO B 500 -44.86 36.71 -34.58
CA PRO B 500 -46.00 37.05 -33.72
C PRO B 500 -47.45 36.75 -34.14
N LYS B 501 -47.76 36.60 -35.42
CA LYS B 501 -49.18 36.41 -35.75
C LYS B 501 -49.45 35.36 -36.80
N TYR B 502 -49.16 34.12 -36.51
CA TYR B 502 -49.36 33.06 -37.48
C TYR B 502 -50.37 32.02 -37.07
N GLU B 503 -51.20 32.33 -36.09
CA GLU B 503 -52.19 31.36 -35.69
C GLU B 503 -53.32 31.35 -36.70
N GLU B 504 -53.76 30.17 -37.13
CA GLU B 504 -54.91 30.07 -38.03
C GLU B 504 -55.99 29.32 -37.30
N GLU B 505 -55.52 28.41 -36.46
CA GLU B 505 -56.31 27.48 -35.65
C GLU B 505 -57.05 28.11 -34.43
N SER B 506 -56.65 29.36 -34.07
CA SER B 506 -57.11 30.17 -32.96
C SER B 506 -58.39 30.93 -33.34
N ASP C 16 -61.81 8.80 -17.38
CA ASP C 16 -61.22 9.35 -16.17
C ASP C 16 -59.69 9.43 -16.39
N GLN C 17 -58.94 9.93 -15.38
CA GLN C 17 -57.49 10.12 -15.40
C GLN C 17 -56.64 8.87 -15.21
N ILE C 18 -55.46 8.90 -15.83
CA ILE C 18 -54.45 7.89 -15.64
C ILE C 18 -53.31 8.57 -14.91
N CYS C 19 -52.86 8.01 -13.78
CA CYS C 19 -51.79 8.58 -12.95
C CYS C 19 -50.53 7.76 -13.04
N ILE C 20 -49.41 8.43 -13.08
CA ILE C 20 -48.13 7.77 -13.08
C ILE C 20 -47.50 7.94 -11.76
N GLY C 21 -47.17 6.83 -11.15
CA GLY C 21 -46.60 6.85 -9.84
C GLY C 21 -45.67 5.70 -9.68
N TYR C 22 -45.33 5.51 -8.42
CA TYR C 22 -44.36 4.48 -8.14
C TYR C 22 -44.78 3.70 -6.92
N HIS C 23 -44.11 2.60 -6.63
CA HIS C 23 -44.38 1.72 -5.48
C HIS C 23 -44.11 2.40 -4.16
N ALA C 24 -44.90 2.12 -3.14
CA ALA C 24 -44.53 2.56 -1.79
C ALA C 24 -44.65 1.31 -0.93
N ASN C 25 -43.99 1.23 0.22
CA ASN C 25 -44.07 0.02 0.99
C ASN C 25 -44.06 0.33 2.47
N ASN C 26 -44.13 -0.68 3.32
CA ASN C 26 -44.10 -0.46 4.76
C ASN C 26 -42.70 -0.74 5.32
N SER C 27 -41.71 -0.74 4.41
CA SER C 27 -40.33 -0.96 4.73
C SER C 27 -39.80 0.16 5.59
N THR C 28 -38.98 -0.20 6.57
CA THR C 28 -38.35 0.75 7.46
C THR C 28 -36.85 0.84 7.23
N GLU C 29 -36.38 0.09 6.25
CA GLU C 29 -34.97 0.02 5.89
C GLU C 29 -34.48 1.38 5.41
N LYS C 30 -33.35 1.86 5.96
CA LYS C 30 -32.85 3.18 5.57
C LYS C 30 -31.41 3.17 5.04
N VAL C 31 -31.13 4.09 4.13
CA VAL C 31 -29.81 4.25 3.52
C VAL C 31 -29.28 5.67 3.63
N ASP C 32 -27.98 5.83 3.44
CA ASP C 32 -27.39 7.16 3.37
C ASP C 32 -26.94 7.44 1.95
N THR C 33 -26.87 8.72 1.58
CA THR C 33 -26.40 9.16 0.28
C THR C 33 -25.35 10.23 0.55
N ILE C 34 -24.69 10.75 -0.46
CA ILE C 34 -23.68 11.76 -0.16
C ILE C 34 -24.26 13.01 0.51
N LEU C 35 -25.38 13.51 0.00
CA LEU C 35 -25.98 14.74 0.53
C LEU C 35 -27.25 14.59 1.38
N GLU C 36 -27.63 13.38 1.69
CA GLU C 36 -28.84 13.14 2.48
C GLU C 36 -28.59 11.94 3.39
N ARG C 37 -29.13 11.94 4.59
CA ARG C 37 -28.90 10.81 5.48
C ARG C 37 -30.21 10.27 6.03
N ASN C 38 -30.21 8.97 6.48
CA ASN C 38 -31.37 8.31 7.12
C ASN C 38 -32.64 8.32 6.22
N VAL C 39 -32.48 7.92 4.92
CA VAL C 39 -33.53 7.88 3.90
C VAL C 39 -34.20 6.54 3.84
N THR C 40 -35.53 6.49 3.99
CA THR C 40 -36.23 5.23 3.96
C THR C 40 -36.37 4.79 2.51
N VAL C 41 -36.10 3.51 2.23
CA VAL C 41 -36.24 2.96 0.89
C VAL C 41 -37.14 1.73 0.90
N THR C 42 -37.72 1.41 -0.25
CA THR C 42 -38.60 0.24 -0.28
C THR C 42 -37.80 -1.03 -0.20
N HIS C 43 -36.63 -1.03 -0.81
CA HIS C 43 -35.75 -2.18 -0.85
C HIS C 43 -34.30 -1.75 -0.76
N ALA C 44 -33.50 -2.58 -0.13
CA ALA C 44 -32.08 -2.34 -0.12
C ALA C 44 -31.36 -3.65 0.04
N LYS C 45 -30.13 -3.69 -0.42
CA LYS C 45 -29.34 -4.86 -0.24
C LYS C 45 -28.28 -4.57 0.77
N ASP C 46 -28.36 -5.25 1.88
CA ASP C 46 -27.36 -5.04 2.89
C ASP C 46 -26.18 -5.79 2.36
N ILE C 47 -25.03 -5.14 2.19
CA ILE C 47 -23.89 -5.83 1.62
C ILE C 47 -22.79 -6.05 2.63
N LEU C 48 -23.09 -5.77 3.91
CA LEU C 48 -22.12 -5.98 4.97
C LEU C 48 -22.59 -7.04 5.96
N GLU C 49 -21.78 -8.05 6.18
CA GLU C 49 -22.11 -9.11 7.10
C GLU C 49 -21.74 -8.69 8.50
N LYS C 50 -22.72 -8.65 9.37
CA LYS C 50 -22.52 -8.17 10.71
C LYS C 50 -22.53 -9.24 11.79
N THR C 51 -22.60 -10.51 11.42
CA THR C 51 -22.65 -11.56 12.43
C THR C 51 -21.67 -12.68 12.21
N HIS C 52 -21.44 -13.39 13.29
CA HIS C 52 -20.60 -14.57 13.39
C HIS C 52 -21.27 -15.45 14.44
N ASN C 53 -20.96 -16.75 14.48
CA ASN C 53 -21.65 -17.56 15.49
C ASN C 53 -20.94 -17.69 16.84
N GLY C 54 -19.77 -17.09 16.96
CA GLY C 54 -19.02 -17.11 18.21
C GLY C 54 -18.25 -18.39 18.45
N LYS C 55 -18.29 -19.32 17.50
CA LYS C 55 -17.63 -20.61 17.67
C LYS C 55 -16.45 -20.81 16.77
N LEU C 56 -15.54 -21.65 17.21
CA LEU C 56 -14.44 -22.05 16.34
C LEU C 56 -14.89 -23.39 15.76
N CYS C 57 -14.97 -23.49 14.41
CA CYS C 57 -15.52 -24.61 13.65
C CYS C 57 -14.47 -25.33 12.82
N LYS C 58 -14.91 -26.42 12.17
CA LYS C 58 -14.06 -27.19 11.27
C LYS C 58 -14.15 -26.63 9.87
N LEU C 59 -13.04 -26.05 9.42
CA LEU C 59 -13.00 -25.37 8.14
C LEU C 59 -12.96 -26.40 7.02
N ASN C 60 -13.96 -26.33 6.17
CA ASN C 60 -14.21 -27.23 5.06
C ASN C 60 -14.35 -28.68 5.55
N GLY C 61 -14.83 -28.86 6.77
CA GLY C 61 -15.05 -30.20 7.33
C GLY C 61 -13.81 -30.80 7.99
N ILE C 62 -12.68 -30.10 7.95
CA ILE C 62 -11.46 -30.59 8.54
C ILE C 62 -11.15 -29.75 9.76
N PRO C 63 -10.90 -30.36 10.93
CA PRO C 63 -10.64 -29.65 12.15
C PRO C 63 -9.28 -28.96 12.11
N PRO C 64 -9.09 -27.92 12.90
CA PRO C 64 -7.86 -27.22 13.15
C PRO C 64 -6.98 -28.01 14.03
N LEU C 65 -5.72 -27.64 14.07
CA LEU C 65 -4.84 -28.20 15.05
C LEU C 65 -5.13 -27.40 16.30
N GLU C 66 -5.44 -28.05 17.41
CA GLU C 66 -5.74 -27.28 18.61
C GLU C 66 -4.58 -27.33 19.56
N LEU C 67 -3.78 -26.29 19.57
CA LEU C 67 -2.61 -26.31 20.42
C LEU C 67 -3.03 -25.91 21.80
N GLY C 68 -4.04 -25.07 21.89
CA GLY C 68 -4.46 -24.62 23.19
C GLY C 68 -3.30 -23.90 23.85
N ASP C 69 -2.91 -24.42 25.00
CA ASP C 69 -1.83 -23.89 25.81
C ASP C 69 -0.42 -23.96 25.20
N CYS C 70 -0.20 -24.83 24.17
CA CYS C 70 1.07 -25.08 23.49
C CYS C 70 1.39 -24.00 22.46
N SER C 71 2.67 -23.70 22.32
CA SER C 71 3.14 -22.78 21.28
C SER C 71 3.56 -23.60 20.09
N ILE C 72 3.88 -22.95 18.97
CA ILE C 72 4.37 -23.68 17.81
C ILE C 72 5.69 -24.38 18.12
N ALA C 73 6.63 -23.68 18.78
CA ALA C 73 7.87 -24.33 19.12
C ALA C 73 7.64 -25.48 20.07
N GLY C 74 6.70 -25.32 21.00
CA GLY C 74 6.40 -26.37 21.96
C GLY C 74 5.95 -27.60 21.22
N TRP C 75 5.02 -27.44 20.31
CA TRP C 75 4.52 -28.53 19.52
C TRP C 75 5.56 -29.27 18.71
N LEU C 76 6.35 -28.53 17.94
CA LEU C 76 7.31 -29.15 17.06
C LEU C 76 8.51 -29.73 17.79
N LEU C 77 8.90 -29.13 18.90
CA LEU C 77 10.02 -29.64 19.67
C LEU C 77 9.54 -30.80 20.52
N GLY C 78 8.29 -30.78 20.93
CA GLY C 78 7.75 -31.82 21.78
C GLY C 78 7.74 -31.46 23.25
N ASN C 79 7.29 -30.28 23.61
CA ASN C 79 7.21 -29.88 25.00
C ASN C 79 6.55 -31.05 25.71
N PRO C 80 7.06 -31.51 26.86
CA PRO C 80 6.54 -32.62 27.60
C PRO C 80 5.05 -32.56 27.85
N GLU C 81 4.48 -31.35 27.93
CA GLU C 81 3.05 -31.14 28.20
C GLU C 81 2.13 -31.11 26.94
N CYS C 82 2.72 -31.27 25.73
CA CYS C 82 2.12 -31.22 24.41
C CYS C 82 2.18 -32.63 23.82
N ASP C 83 2.02 -33.65 24.66
CA ASP C 83 2.16 -35.03 24.24
C ASP C 83 0.96 -35.57 23.49
N ARG C 84 -0.07 -34.76 23.42
CA ARG C 84 -1.28 -35.11 22.71
C ARG C 84 -1.21 -34.62 21.28
N LEU C 85 -0.17 -33.86 20.95
CA LEU C 85 -0.03 -33.32 19.60
C LEU C 85 0.92 -34.15 18.78
N LEU C 86 1.42 -35.22 19.37
CA LEU C 86 2.39 -36.08 18.72
C LEU C 86 1.78 -36.92 17.61
N SER C 87 0.45 -37.02 17.61
CA SER C 87 -0.28 -37.79 16.62
C SER C 87 -0.40 -37.08 15.28
N VAL C 88 -0.17 -35.76 15.26
CA VAL C 88 -0.21 -34.91 14.08
C VAL C 88 -1.28 -35.32 13.01
N PRO C 89 -2.57 -35.07 13.24
CA PRO C 89 -3.68 -35.26 12.31
C PRO C 89 -3.63 -34.14 11.28
N GLU C 90 -4.37 -34.23 10.16
CA GLU C 90 -4.47 -33.14 9.17
C GLU C 90 -5.15 -31.90 9.72
N TRP C 91 -4.62 -30.72 9.38
CA TRP C 91 -5.12 -29.46 9.91
C TRP C 91 -5.85 -28.68 8.83
N SER C 92 -6.87 -27.96 9.21
CA SER C 92 -7.44 -26.97 8.31
C SER C 92 -6.89 -25.57 8.57
N TYR C 93 -6.41 -25.36 9.79
CA TYR C 93 -5.78 -24.13 10.28
C TYR C 93 -5.10 -24.48 11.59
N ILE C 94 -4.24 -23.62 12.10
CA ILE C 94 -3.66 -23.86 13.42
C ILE C 94 -4.22 -22.90 14.42
N MET C 95 -4.76 -23.42 15.51
CA MET C 95 -5.34 -22.61 16.56
C MET C 95 -4.38 -22.54 17.77
N GLU C 96 -3.93 -21.34 18.09
CA GLU C 96 -2.95 -21.12 19.16
C GLU C 96 -3.39 -20.01 20.11
N LYS C 97 -3.24 -20.19 21.43
CA LYS C 97 -3.60 -19.07 22.32
C LYS C 97 -2.62 -17.94 22.19
N GLU C 98 -3.08 -16.70 22.33
CA GLU C 98 -2.14 -15.59 22.36
C GLU C 98 -1.34 -15.76 23.63
N ASN C 99 -0.03 -15.61 23.56
CA ASN C 99 0.79 -15.78 24.75
C ASN C 99 0.59 -17.15 25.41
N PRO C 100 0.89 -18.26 24.70
CA PRO C 100 0.72 -19.63 25.12
C PRO C 100 1.71 -19.91 26.22
N ARG C 101 1.41 -20.87 27.08
CA ARG C 101 2.29 -21.22 28.19
C ARG C 101 3.32 -22.29 27.87
N ASP C 102 2.87 -23.34 27.19
CA ASP C 102 3.70 -24.50 26.95
C ASP C 102 4.54 -24.35 25.70
N GLY C 103 5.52 -23.49 25.83
CA GLY C 103 6.42 -23.14 24.73
C GLY C 103 7.72 -23.84 24.94
N LEU C 104 8.75 -23.10 25.30
CA LEU C 104 10.00 -23.75 25.53
C LEU C 104 10.10 -23.95 27.03
N CYS C 105 10.01 -25.23 27.49
CA CYS C 105 10.06 -25.62 28.89
C CYS C 105 11.45 -25.36 29.46
N TYR C 106 12.43 -25.43 28.58
CA TYR C 106 13.79 -25.15 28.90
C TYR C 106 13.98 -23.74 28.34
N PRO C 107 14.45 -22.75 29.08
CA PRO C 107 14.58 -21.38 28.62
C PRO C 107 15.37 -21.33 27.37
N GLY C 108 15.00 -20.48 26.45
CA GLY C 108 15.75 -20.49 25.24
C GLY C 108 15.22 -19.51 24.24
N SER C 109 15.65 -19.71 23.02
CA SER C 109 15.31 -18.87 21.90
C SER C 109 15.15 -19.75 20.69
N PHE C 110 14.50 -19.23 19.68
CA PHE C 110 14.33 -19.99 18.47
C PHE C 110 14.58 -19.00 17.35
N ASN C 111 15.56 -19.27 16.53
CA ASN C 111 15.96 -18.38 15.46
C ASN C 111 15.01 -18.46 14.32
N ASP C 112 14.76 -17.34 13.68
CA ASP C 112 13.89 -17.34 12.53
C ASP C 112 12.58 -18.03 12.88
N TYR C 113 12.08 -17.74 14.07
CA TYR C 113 10.89 -18.35 14.55
C TYR C 113 9.68 -17.81 13.86
N GLU C 114 9.68 -16.52 13.63
CA GLU C 114 8.60 -15.85 12.95
C GLU C 114 8.52 -16.35 11.51
N GLU C 115 9.70 -16.62 10.94
CA GLU C 115 9.83 -17.13 9.59
C GLU C 115 9.26 -18.55 9.52
N LEU C 116 9.51 -19.37 10.55
CA LEU C 116 8.92 -20.70 10.58
C LEU C 116 7.41 -20.63 10.71
N LYS C 117 6.92 -19.76 11.57
CA LYS C 117 5.48 -19.64 11.71
C LYS C 117 4.86 -19.23 10.38
N HIS C 118 5.55 -18.38 9.61
CA HIS C 118 5.08 -18.00 8.29
C HIS C 118 5.03 -19.24 7.38
N LEU C 119 6.09 -20.07 7.42
CA LEU C 119 6.13 -21.29 6.61
C LEU C 119 4.94 -22.17 6.85
N LEU C 120 4.49 -22.26 8.09
CA LEU C 120 3.40 -23.13 8.48
C LEU C 120 2.06 -22.69 7.93
N SER C 121 1.98 -21.50 7.34
CA SER C 121 0.75 -21.04 6.74
C SER C 121 0.53 -21.72 5.39
N SER C 122 1.55 -22.42 4.91
CA SER C 122 1.53 -23.17 3.67
C SER C 122 1.62 -24.66 3.93
N VAL C 123 1.37 -25.09 5.17
CA VAL C 123 1.42 -26.50 5.51
C VAL C 123 0.08 -26.94 6.10
N LYS C 124 -0.49 -28.00 5.56
CA LYS C 124 -1.73 -28.56 6.11
C LYS C 124 -1.42 -29.83 6.85
N HIS C 125 -0.36 -30.50 6.49
CA HIS C 125 -0.08 -31.72 7.22
C HIS C 125 1.38 -32.07 7.20
N PHE C 126 1.89 -32.51 8.35
CA PHE C 126 3.22 -33.04 8.40
C PHE C 126 3.17 -34.50 8.67
N GLU C 127 4.10 -35.24 8.12
CA GLU C 127 4.23 -36.62 8.48
C GLU C 127 5.47 -36.69 9.33
N LYS C 128 5.34 -37.05 10.58
CA LYS C 128 6.56 -37.05 11.36
C LYS C 128 7.33 -38.30 10.99
N VAL C 129 8.60 -38.12 10.64
CA VAL C 129 9.48 -39.18 10.19
C VAL C 129 10.68 -39.32 11.08
N LYS C 130 10.95 -40.52 11.55
CA LYS C 130 12.14 -40.65 12.36
C LYS C 130 13.33 -40.57 11.42
N ILE C 131 14.26 -39.65 11.68
CA ILE C 131 15.40 -39.48 10.79
C ILE C 131 16.68 -40.02 11.41
N LEU C 132 16.87 -39.74 12.69
CA LEU C 132 18.07 -40.10 13.41
C LEU C 132 17.70 -40.78 14.70
N PRO C 133 17.29 -42.06 14.69
CA PRO C 133 16.74 -42.76 15.81
C PRO C 133 17.67 -42.55 16.94
N LYS C 134 17.17 -42.27 18.13
CA LYS C 134 18.11 -41.97 19.20
C LYS C 134 18.99 -43.13 19.59
N ASP C 135 18.60 -44.32 19.19
CA ASP C 135 19.34 -45.52 19.51
C ASP C 135 20.58 -45.66 18.63
N ARG C 136 20.76 -44.77 17.66
CA ARG C 136 21.93 -44.81 16.79
C ARG C 136 23.10 -44.12 17.46
N TRP C 137 22.85 -43.30 18.48
CA TRP C 137 23.93 -42.54 19.05
C TRP C 137 24.58 -43.42 20.11
N THR C 138 25.33 -44.40 19.66
CA THR C 138 25.88 -45.44 20.54
C THR C 138 27.05 -44.95 21.36
N GLN C 139 27.56 -43.79 20.98
CA GLN C 139 28.67 -43.13 21.60
C GLN C 139 28.27 -42.04 22.58
N HIS C 140 26.97 -41.81 22.76
CA HIS C 140 26.52 -40.67 23.57
C HIS C 140 25.40 -41.02 24.52
N THR C 141 25.21 -40.18 25.54
CA THR C 141 24.05 -40.36 26.39
C THR C 141 22.89 -39.63 25.74
N THR C 142 21.77 -40.33 25.57
CA THR C 142 20.56 -39.83 24.93
C THR C 142 19.38 -39.74 25.90
N THR C 143 19.69 -39.85 27.19
CA THR C 143 18.72 -39.92 28.28
C THR C 143 18.80 -38.74 29.25
N GLY C 144 19.34 -37.61 28.83
CA GLY C 144 19.46 -36.45 29.73
C GLY C 144 18.15 -35.66 29.77
N GLY C 145 18.14 -34.59 30.55
CA GLY C 145 16.97 -33.76 30.71
C GLY C 145 17.18 -32.78 31.86
N SER C 146 16.13 -32.06 32.22
CA SER C 146 16.21 -31.07 33.29
C SER C 146 14.90 -30.93 34.06
N ARG C 147 14.98 -30.31 35.25
CA ARG C 147 13.80 -30.09 36.09
C ARG C 147 12.77 -29.22 35.42
N ALA C 148 13.22 -28.27 34.63
CA ALA C 148 12.35 -27.33 33.95
C ALA C 148 11.28 -28.00 33.04
N CYS C 149 11.59 -29.17 32.44
CA CYS C 149 10.74 -29.92 31.51
C CYS C 149 10.19 -31.17 32.22
N ALA C 150 10.40 -31.27 33.53
CA ALA C 150 10.05 -32.46 34.27
C ALA C 150 8.58 -32.77 34.26
N VAL C 151 8.29 -34.06 34.26
CA VAL C 151 6.92 -34.53 34.33
C VAL C 151 6.76 -35.36 35.58
N SER C 152 5.83 -34.93 36.42
CA SER C 152 5.54 -35.59 37.69
C SER C 152 6.79 -35.75 38.56
N GLY C 153 7.65 -34.73 38.54
CA GLY C 153 8.86 -34.70 39.33
C GLY C 153 10.09 -35.31 38.67
N ASN C 154 9.91 -35.98 37.53
CA ASN C 154 11.02 -36.63 36.86
C ASN C 154 11.62 -35.73 35.77
N PRO C 155 12.91 -35.35 35.83
CA PRO C 155 13.55 -34.46 34.88
C PRO C 155 13.30 -35.02 33.51
N SER C 156 13.07 -34.16 32.55
CA SER C 156 12.78 -34.65 31.21
C SER C 156 13.21 -33.67 30.14
N PHE C 157 12.75 -33.89 28.93
CA PHE C 157 13.15 -33.06 27.82
C PHE C 157 12.12 -33.09 26.72
N PHE C 158 12.37 -32.34 25.66
CA PHE C 158 11.47 -32.28 24.54
C PHE C 158 11.41 -33.66 23.89
N ARG C 159 10.19 -34.09 23.58
CA ARG C 159 9.90 -35.40 23.06
C ARG C 159 10.39 -35.72 21.64
N ASN C 160 10.61 -34.72 20.78
CA ASN C 160 11.08 -35.02 19.43
C ASN C 160 12.58 -34.79 19.23
N MET C 161 13.33 -34.55 20.34
CA MET C 161 14.75 -34.23 20.21
C MET C 161 15.65 -34.92 21.20
N VAL C 162 16.90 -35.07 20.84
CA VAL C 162 17.88 -35.74 21.67
C VAL C 162 18.96 -34.83 22.21
N TRP C 163 19.01 -34.69 23.51
CA TRP C 163 20.03 -33.87 24.11
C TRP C 163 21.22 -34.76 24.26
N LEU C 164 22.25 -34.56 23.45
CA LEU C 164 23.37 -35.47 23.50
C LEU C 164 24.38 -34.99 24.48
N THR C 165 24.73 -35.84 25.43
CA THR C 165 25.70 -35.48 26.46
C THR C 165 26.78 -36.54 26.51
N LYS C 166 27.73 -36.29 27.41
CA LYS C 166 28.91 -37.18 27.54
C LYS C 166 28.52 -38.58 28.00
N LYS C 167 29.24 -39.58 27.51
CA LYS C 167 29.02 -40.96 27.89
C LYS C 167 30.30 -41.45 28.54
N GLY C 168 30.20 -42.01 29.74
CA GLY C 168 31.43 -42.42 30.37
C GLY C 168 32.25 -41.17 30.66
N SER C 169 33.48 -41.12 30.16
CA SER C 169 34.37 -39.98 30.38
C SER C 169 34.60 -39.10 29.16
N ASN C 170 33.83 -39.25 28.07
CA ASN C 170 34.12 -38.41 26.91
C ASN C 170 32.90 -38.07 26.05
N TYR C 171 33.13 -37.29 25.00
CA TYR C 171 32.12 -36.89 24.04
C TYR C 171 32.71 -37.03 22.63
N PRO C 172 32.66 -38.20 22.02
CA PRO C 172 33.18 -38.46 20.70
C PRO C 172 32.48 -37.53 19.75
N VAL C 173 33.10 -37.15 18.67
CA VAL C 173 32.42 -36.21 17.80
C VAL C 173 31.15 -36.88 17.32
N ALA C 174 30.05 -36.17 17.47
CA ALA C 174 28.75 -36.67 17.11
C ALA C 174 28.51 -36.39 15.67
N LYS C 175 28.14 -37.40 14.91
CA LYS C 175 27.86 -37.19 13.50
C LYS C 175 26.63 -37.93 13.08
N GLY C 176 25.98 -37.42 12.06
CA GLY C 176 24.86 -38.13 11.45
C GLY C 176 24.32 -37.37 10.27
N SER C 177 23.54 -38.05 9.45
CA SER C 177 22.99 -37.41 8.27
C SER C 177 21.74 -38.09 7.81
N TYR C 178 21.01 -37.39 6.97
CA TYR C 178 19.80 -37.92 6.37
C TYR C 178 19.71 -37.46 4.91
N ASN C 179 19.42 -38.40 3.94
CA ASN C 179 19.40 -38.16 2.48
C ASN C 179 18.04 -37.75 1.88
N ASN C 180 17.01 -37.49 2.71
CA ASN C 180 15.65 -37.05 2.33
C ASN C 180 15.01 -37.77 1.16
N THR C 181 14.80 -39.06 1.34
CA THR C 181 14.24 -39.94 0.34
C THR C 181 12.78 -40.22 0.68
N SER C 182 12.24 -39.42 1.60
CA SER C 182 10.89 -39.49 2.17
C SER C 182 9.78 -39.19 1.19
N GLY C 183 10.15 -38.58 0.08
CA GLY C 183 9.25 -38.20 -0.99
C GLY C 183 8.91 -36.71 -1.07
N GLU C 184 9.26 -35.92 -0.06
CA GLU C 184 8.98 -34.48 -0.06
C GLU C 184 9.93 -33.69 0.85
N GLN C 185 10.04 -32.38 0.61
CA GLN C 185 10.83 -31.45 1.40
C GLN C 185 10.51 -31.61 2.87
N MET C 186 11.55 -31.67 3.69
CA MET C 186 11.39 -31.89 5.12
C MET C 186 11.92 -30.80 6.03
N LEU C 187 11.20 -30.53 7.10
CA LEU C 187 11.59 -29.56 8.11
C LEU C 187 12.40 -30.17 9.22
N ILE C 188 13.62 -29.66 9.39
CA ILE C 188 14.51 -30.16 10.40
C ILE C 188 14.89 -29.06 11.38
N ILE C 189 14.72 -29.38 12.67
CA ILE C 189 15.00 -28.47 13.78
C ILE C 189 16.12 -29.05 14.62
N TRP C 190 17.04 -28.22 15.06
CA TRP C 190 18.14 -28.67 15.91
C TRP C 190 18.52 -27.53 16.80
N GLY C 191 19.33 -27.77 17.83
CA GLY C 191 19.74 -26.61 18.60
C GLY C 191 21.09 -26.72 19.28
N VAL C 192 21.44 -25.65 19.97
CA VAL C 192 22.70 -25.51 20.70
C VAL C 192 22.48 -25.15 22.16
N HIS C 193 23.09 -25.91 23.04
CA HIS C 193 22.99 -25.62 24.46
C HIS C 193 23.97 -24.51 24.85
N HIS C 194 23.54 -23.58 25.70
CA HIS C 194 24.35 -22.48 26.23
C HIS C 194 24.37 -22.49 27.77
N PRO C 195 25.34 -23.16 28.40
CA PRO C 195 25.50 -23.34 29.83
C PRO C 195 25.72 -22.00 30.49
N ASN C 196 25.42 -21.88 31.78
CA ASN C 196 25.69 -20.58 32.39
C ASN C 196 27.03 -20.50 33.10
N ASP C 197 27.80 -21.56 32.97
CA ASP C 197 29.09 -21.67 33.64
C ASP C 197 29.93 -22.72 32.99
N GLU C 198 31.24 -22.53 33.03
CA GLU C 198 32.16 -23.54 32.52
C GLU C 198 31.94 -24.88 33.20
N THR C 199 31.57 -24.85 34.48
CA THR C 199 31.33 -26.06 35.23
C THR C 199 30.25 -26.88 34.57
N GLU C 200 29.17 -26.24 34.11
CA GLU C 200 28.06 -26.94 33.49
C GLU C 200 28.51 -27.51 32.15
N GLN C 201 29.29 -26.73 31.41
CA GLN C 201 29.78 -27.20 30.12
C GLN C 201 30.62 -28.45 30.29
N ARG C 202 31.44 -28.47 31.33
CA ARG C 202 32.26 -29.63 31.52
C ARG C 202 31.48 -30.85 32.00
N THR C 203 30.50 -30.70 32.90
CA THR C 203 29.82 -31.90 33.35
C THR C 203 28.86 -32.45 32.30
N LEU C 204 28.43 -31.63 31.35
CA LEU C 204 27.60 -32.16 30.29
C LEU C 204 28.39 -32.68 29.10
N TYR C 205 29.49 -32.00 28.72
CA TYR C 205 30.18 -32.36 27.48
C TYR C 205 31.69 -32.69 27.53
N GLN C 206 32.40 -32.47 28.64
CA GLN C 206 33.87 -32.59 28.76
C GLN C 206 34.65 -31.52 28.00
N ASN C 207 34.38 -31.39 26.72
CA ASN C 207 34.99 -30.40 25.86
C ASN C 207 34.39 -29.05 26.14
N VAL C 208 35.21 -28.00 26.15
CA VAL C 208 34.70 -26.65 26.35
C VAL C 208 34.69 -25.83 25.07
N GLY C 209 35.76 -25.87 24.29
CA GLY C 209 35.84 -25.09 23.05
C GLY C 209 35.11 -25.82 21.91
N THR C 210 33.82 -26.02 22.10
CA THR C 210 32.99 -26.80 21.20
C THR C 210 32.33 -25.99 20.13
N TYR C 211 31.81 -26.71 19.16
CA TYR C 211 31.02 -26.14 18.09
C TYR C 211 30.01 -27.12 17.59
N VAL C 212 29.00 -26.58 16.93
CA VAL C 212 28.00 -27.36 16.24
C VAL C 212 27.98 -26.90 14.78
N SER C 213 28.17 -27.84 13.86
CA SER C 213 28.23 -27.54 12.43
C SER C 213 27.18 -28.29 11.66
N VAL C 214 26.38 -27.57 10.91
CA VAL C 214 25.32 -28.18 10.16
C VAL C 214 25.27 -27.69 8.71
N GLY C 215 25.04 -28.60 7.76
CA GLY C 215 24.85 -28.10 6.41
C GLY C 215 24.23 -29.06 5.41
N THR C 216 23.81 -28.47 4.30
CA THR C 216 23.12 -29.10 3.17
C THR C 216 23.72 -28.53 1.90
N SER C 217 23.07 -28.71 0.75
CA SER C 217 23.61 -28.14 -0.46
C SER C 217 23.48 -26.60 -0.46
N THR C 218 22.59 -26.06 0.38
CA THR C 218 22.36 -24.62 0.49
C THR C 218 22.66 -24.02 1.87
N LEU C 219 22.65 -24.86 2.90
CA LEU C 219 22.86 -24.43 4.28
C LEU C 219 24.29 -24.60 4.71
N ASN C 220 24.85 -23.59 5.33
CA ASN C 220 26.18 -23.68 5.84
C ASN C 220 26.29 -22.89 7.14
N LYS C 221 26.14 -23.55 8.28
CA LYS C 221 26.24 -22.83 9.55
C LYS C 221 27.11 -23.49 10.59
N ARG C 222 27.80 -22.64 11.35
CA ARG C 222 28.59 -23.08 12.48
C ARG C 222 28.32 -22.19 13.66
N SER C 223 27.95 -22.79 14.78
CA SER C 223 27.69 -22.04 16.00
C SER C 223 28.53 -22.56 17.12
N THR C 224 28.80 -21.69 18.09
CA THR C 224 29.54 -22.09 19.27
C THR C 224 28.65 -21.71 20.45
N PRO C 225 28.78 -22.34 21.61
CA PRO C 225 28.06 -21.99 22.79
C PRO C 225 28.57 -20.71 23.40
N ASP C 226 27.67 -19.99 24.05
CA ASP C 226 27.98 -18.82 24.84
C ASP C 226 27.83 -19.18 26.30
N ILE C 227 28.95 -19.39 26.99
CA ILE C 227 28.88 -19.82 28.38
C ILE C 227 28.97 -18.62 29.27
N ALA C 228 27.86 -18.26 29.92
CA ALA C 228 27.85 -17.03 30.72
C ALA C 228 26.72 -16.95 31.73
N THR C 229 26.93 -16.17 32.79
CA THR C 229 25.84 -15.94 33.73
C THR C 229 24.74 -15.11 33.14
N ARG C 230 23.53 -15.60 33.32
CA ARG C 230 22.30 -14.99 32.85
C ARG C 230 21.28 -15.12 33.98
N PRO C 231 20.22 -14.30 34.03
CA PRO C 231 19.12 -14.40 34.98
C PRO C 231 18.44 -15.73 34.85
N LYS C 232 17.92 -16.27 35.94
CA LYS C 232 17.22 -17.52 35.83
C LYS C 232 15.83 -17.37 35.26
N VAL C 233 15.50 -18.28 34.35
CA VAL C 233 14.19 -18.39 33.75
C VAL C 233 13.74 -19.82 33.98
N ASN C 234 12.57 -20.02 34.54
CA ASN C 234 12.05 -21.35 34.84
C ASN C 234 13.05 -22.12 35.71
N GLY C 235 13.76 -21.39 36.59
CA GLY C 235 14.73 -21.97 37.51
C GLY C 235 16.13 -22.20 36.92
N GLN C 236 16.32 -21.97 35.62
CA GLN C 236 17.62 -22.24 35.03
C GLN C 236 18.33 -21.00 34.52
N GLY C 237 19.65 -20.95 34.77
CA GLY C 237 20.46 -19.80 34.31
C GLY C 237 21.00 -20.00 32.91
N GLY C 238 20.68 -21.14 32.34
CA GLY C 238 21.12 -21.56 31.02
C GLY C 238 20.11 -21.19 29.95
N ARG C 239 20.52 -21.30 28.68
CA ARG C 239 19.63 -21.05 27.56
C ARG C 239 19.82 -22.10 26.48
N MET C 240 18.77 -22.45 25.76
CA MET C 240 18.93 -23.34 24.62
C MET C 240 18.43 -22.67 23.34
N GLU C 241 19.27 -22.67 22.31
CA GLU C 241 18.97 -22.00 21.05
C GLU C 241 18.59 -22.94 19.92
N PHE C 242 17.42 -22.76 19.34
CA PHE C 242 16.99 -23.65 18.25
C PHE C 242 17.04 -22.97 16.89
N SER C 243 17.39 -23.74 15.88
CA SER C 243 17.49 -23.30 14.49
C SER C 243 16.76 -24.28 13.61
N TRP C 244 16.49 -23.90 12.37
CA TRP C 244 15.83 -24.84 11.49
C TRP C 244 16.20 -24.65 10.03
N THR C 245 15.96 -25.68 9.25
CA THR C 245 16.18 -25.60 7.81
C THR C 245 15.23 -26.50 7.07
N LEU C 246 15.01 -26.20 5.79
CA LEU C 246 14.25 -27.12 4.98
C LEU C 246 15.20 -27.88 4.11
N LEU C 247 15.16 -29.18 4.24
CA LEU C 247 16.00 -30.05 3.49
C LEU C 247 15.25 -30.40 2.23
N ASP C 248 15.84 -30.13 1.08
CA ASP C 248 15.09 -30.32 -0.14
C ASP C 248 15.07 -31.78 -0.53
N MET C 249 14.41 -32.07 -1.61
CA MET C 249 14.23 -33.44 -1.98
C MET C 249 15.52 -34.02 -2.51
N TRP C 250 15.90 -35.20 -1.99
CA TRP C 250 17.12 -35.94 -2.33
C TRP C 250 18.37 -35.23 -1.86
N ASP C 251 18.23 -34.18 -1.06
CA ASP C 251 19.39 -33.50 -0.51
C ASP C 251 19.79 -34.16 0.79
N THR C 252 21.02 -33.99 1.19
CA THR C 252 21.50 -34.55 2.44
C THR C 252 21.89 -33.54 3.48
N ILE C 253 21.39 -33.73 4.70
CA ILE C 253 21.75 -32.84 5.79
C ILE C 253 22.79 -33.53 6.61
N ASN C 254 23.84 -32.81 6.92
CA ASN C 254 24.94 -33.33 7.68
C ASN C 254 25.17 -32.59 8.98
N PHE C 255 25.09 -33.32 10.08
CA PHE C 255 25.33 -32.77 11.40
C PHE C 255 26.66 -33.23 11.92
N GLU C 256 27.38 -32.32 12.56
CA GLU C 256 28.62 -32.61 13.24
C GLU C 256 28.74 -31.81 14.53
N SER C 257 29.11 -32.46 15.61
CA SER C 257 29.29 -31.70 16.86
C SER C 257 30.34 -32.21 17.81
N THR C 258 31.01 -31.27 18.45
CA THR C 258 32.01 -31.59 19.46
C THR C 258 31.47 -31.32 20.85
N GLY C 259 30.21 -30.94 20.88
CA GLY C 259 29.48 -30.65 22.11
C GLY C 259 28.36 -29.68 21.84
N ASN C 260 27.47 -29.60 22.81
CA ASN C 260 26.34 -28.70 22.83
C ASN C 260 25.29 -28.95 21.76
N LEU C 261 25.24 -30.15 21.19
CA LEU C 261 24.22 -30.45 20.20
C LEU C 261 22.97 -31.12 20.71
N ILE C 262 21.85 -30.51 20.35
CA ILE C 262 20.55 -31.07 20.61
C ILE C 262 20.10 -31.54 19.24
N ALA C 263 20.18 -32.83 19.01
CA ALA C 263 19.93 -33.38 17.69
C ALA C 263 18.47 -33.61 17.52
N PRO C 264 17.90 -33.54 16.34
CA PRO C 264 16.55 -33.96 16.11
C PRO C 264 16.50 -35.46 16.13
N GLU C 265 15.39 -36.03 16.56
CA GLU C 265 15.23 -37.45 16.34
C GLU C 265 14.32 -37.56 15.15
N TYR C 266 13.35 -36.64 15.09
CA TYR C 266 12.37 -36.66 14.03
C TYR C 266 12.44 -35.43 13.16
N GLY C 267 12.09 -35.61 11.89
CA GLY C 267 11.95 -34.49 10.97
C GLY C 267 10.49 -34.41 10.62
N PHE C 268 10.05 -33.32 10.03
CA PHE C 268 8.66 -33.23 9.67
C PHE C 268 8.47 -33.13 8.17
N LYS C 269 8.03 -34.20 7.55
CA LYS C 269 7.90 -34.18 6.10
C LYS C 269 6.71 -33.37 5.78
N ILE C 270 6.77 -32.49 4.83
CA ILE C 270 5.54 -31.81 4.55
C ILE C 270 4.75 -32.75 3.66
N SER C 271 3.58 -33.20 4.10
CA SER C 271 2.82 -34.15 3.29
C SER C 271 1.77 -33.43 2.47
N LYS C 272 1.31 -32.30 2.98
CA LYS C 272 0.30 -31.47 2.31
C LYS C 272 0.71 -30.04 2.43
N ARG C 273 0.71 -29.33 1.29
CA ARG C 273 1.20 -27.96 1.20
C ARG C 273 0.15 -26.89 0.87
N GLY C 274 -1.11 -27.20 1.06
CA GLY C 274 -2.09 -26.18 0.71
C GLY C 274 -2.11 -25.04 1.73
N SER C 275 -2.77 -23.96 1.39
CA SER C 275 -2.86 -22.79 2.26
C SER C 275 -3.68 -23.05 3.52
N SER C 276 -3.24 -22.46 4.64
CA SER C 276 -3.93 -22.54 5.92
C SER C 276 -3.76 -21.24 6.70
N GLY C 277 -2.88 -21.23 7.70
CA GLY C 277 -2.60 -20.05 8.50
C GLY C 277 -2.72 -20.33 9.99
N ILE C 278 -2.14 -19.44 10.80
CA ILE C 278 -2.16 -19.58 12.25
C ILE C 278 -3.06 -18.49 12.83
N MET C 279 -4.06 -18.92 13.58
CA MET C 279 -5.04 -18.03 14.18
C MET C 279 -4.81 -17.89 15.67
N LYS C 280 -4.79 -16.67 16.18
CA LYS C 280 -4.62 -16.48 17.62
C LYS C 280 -5.95 -16.29 18.30
N THR C 281 -6.29 -17.23 19.16
CA THR C 281 -7.55 -17.22 19.88
C THR C 281 -7.52 -18.12 21.08
N GLU C 282 -8.29 -17.76 22.09
CA GLU C 282 -8.35 -18.54 23.31
C GLU C 282 -9.58 -19.43 23.43
N GLY C 283 -10.33 -19.57 22.36
CA GLY C 283 -11.51 -20.43 22.40
C GLY C 283 -11.11 -21.86 22.08
N THR C 284 -12.10 -22.74 21.91
CA THR C 284 -11.85 -24.14 21.61
C THR C 284 -12.70 -24.58 20.45
N LEU C 285 -12.38 -25.72 19.85
CA LEU C 285 -13.18 -26.23 18.75
C LEU C 285 -14.50 -26.78 19.22
N GLU C 286 -15.56 -26.38 18.53
CA GLU C 286 -16.92 -26.79 18.75
C GLU C 286 -17.35 -27.77 17.66
N ASN C 287 -18.40 -28.53 17.91
CA ASN C 287 -18.85 -29.46 16.87
C ASN C 287 -19.75 -28.74 15.83
N CYS C 288 -19.10 -28.01 14.92
CA CYS C 288 -19.71 -27.18 13.85
C CYS C 288 -18.77 -27.11 12.66
N GLU C 289 -19.31 -26.64 11.53
CA GLU C 289 -18.54 -26.51 10.30
C GLU C 289 -18.64 -25.12 9.71
N THR C 290 -17.60 -24.75 8.98
CA THR C 290 -17.58 -23.47 8.29
C THR C 290 -16.76 -23.46 7.02
N LYS C 291 -17.06 -22.51 6.15
CA LYS C 291 -16.22 -22.24 4.97
C LYS C 291 -15.25 -21.01 5.15
N CYS C 292 -15.42 -20.28 6.27
CA CYS C 292 -14.62 -19.06 6.57
C CYS C 292 -14.59 -18.88 8.10
N GLN C 293 -13.41 -18.79 8.72
CA GLN C 293 -13.27 -18.70 10.17
C GLN C 293 -12.47 -17.48 10.63
N THR C 294 -12.99 -16.70 11.60
CA THR C 294 -12.19 -15.57 12.12
C THR C 294 -11.85 -15.92 13.58
N PRO C 295 -10.90 -15.25 14.25
CA PRO C 295 -10.57 -15.44 15.64
C PRO C 295 -11.74 -15.22 16.61
N LEU C 296 -12.77 -14.50 16.17
CA LEU C 296 -13.91 -14.22 17.03
C LEU C 296 -15.02 -15.23 16.85
N GLY C 297 -14.88 -16.11 15.87
CA GLY C 297 -15.93 -17.07 15.55
C GLY C 297 -16.15 -17.23 14.05
N ALA C 298 -16.81 -18.32 13.68
CA ALA C 298 -17.07 -18.65 12.30
C ALA C 298 -18.09 -17.75 11.61
N ILE C 299 -17.92 -17.56 10.29
CA ILE C 299 -18.96 -16.75 9.58
C ILE C 299 -19.57 -17.49 8.38
N ASN C 300 -20.90 -17.44 8.24
CA ASN C 300 -21.63 -18.04 7.08
C ASN C 300 -22.07 -16.83 6.26
N THR C 301 -21.38 -16.54 5.15
CA THR C 301 -21.68 -15.27 4.44
C THR C 301 -22.11 -15.44 2.98
N THR C 302 -22.85 -14.45 2.47
CA THR C 302 -23.25 -14.43 1.04
C THR C 302 -22.98 -13.03 0.50
N LEU C 303 -22.55 -12.10 1.38
CA LEU C 303 -22.31 -10.72 0.96
C LEU C 303 -20.81 -10.44 0.80
N PRO C 304 -20.40 -9.47 -0.04
CA PRO C 304 -19.03 -9.09 -0.31
C PRO C 304 -18.20 -8.50 0.81
N PHE C 305 -18.81 -7.92 1.86
CA PHE C 305 -18.03 -7.33 2.93
C PHE C 305 -18.44 -7.85 4.29
N HIS C 306 -17.53 -7.79 5.25
CA HIS C 306 -17.88 -8.14 6.62
C HIS C 306 -17.15 -7.21 7.57
N ASN C 307 -17.64 -7.11 8.78
CA ASN C 307 -16.97 -6.29 9.78
C ASN C 307 -16.62 -7.03 11.05
N VAL C 308 -16.27 -8.32 10.95
CA VAL C 308 -15.96 -9.09 12.15
C VAL C 308 -14.49 -8.98 12.57
N HIS C 309 -13.56 -9.21 11.67
CA HIS C 309 -12.15 -9.14 12.05
C HIS C 309 -11.25 -9.06 10.81
N PRO C 310 -10.15 -8.28 10.80
CA PRO C 310 -9.15 -8.24 9.75
C PRO C 310 -8.49 -9.56 9.38
N LEU C 311 -8.39 -10.49 10.32
CA LEU C 311 -7.73 -11.73 9.99
C LEU C 311 -8.76 -12.79 9.82
N THR C 312 -8.53 -13.67 8.87
CA THR C 312 -9.43 -14.77 8.68
C THR C 312 -8.78 -15.88 7.90
N ILE C 313 -9.24 -17.11 8.11
CA ILE C 313 -8.74 -18.21 7.31
C ILE C 313 -9.90 -18.86 6.59
N GLY C 314 -9.91 -18.77 5.27
CA GLY C 314 -11.00 -19.35 4.49
C GLY C 314 -11.32 -18.51 3.27
N GLU C 315 -12.43 -18.84 2.62
CA GLU C 315 -12.84 -18.11 1.44
C GLU C 315 -13.87 -17.10 1.95
N CYS C 316 -13.39 -15.86 2.23
CA CYS C 316 -14.08 -14.83 3.01
C CYS C 316 -14.37 -13.53 2.25
N PRO C 317 -15.36 -12.73 2.73
CA PRO C 317 -15.71 -11.40 2.29
C PRO C 317 -14.57 -10.45 2.66
N LYS C 318 -14.52 -9.28 2.06
CA LYS C 318 -13.50 -8.30 2.40
C LYS C 318 -13.83 -7.64 3.73
N TYR C 319 -12.83 -7.39 4.57
CA TYR C 319 -13.08 -6.70 5.84
C TYR C 319 -13.03 -5.20 5.69
N VAL C 320 -14.01 -4.51 6.25
CA VAL C 320 -14.01 -3.05 6.24
C VAL C 320 -14.17 -2.48 7.61
N LYS C 321 -13.64 -1.29 7.83
CA LYS C 321 -13.80 -0.63 9.09
C LYS C 321 -15.07 0.19 9.07
N SER C 322 -16.19 -0.50 9.09
CA SER C 322 -17.50 0.13 9.00
C SER C 322 -18.61 -0.62 9.66
N GLU C 323 -19.54 0.13 10.23
CA GLU C 323 -20.75 -0.42 10.83
C GLU C 323 -21.85 -0.71 9.80
N LYS C 324 -21.84 -0.02 8.67
CA LYS C 324 -22.95 -0.19 7.74
C LYS C 324 -22.67 0.13 6.27
N LEU C 325 -22.97 -0.81 5.39
CA LEU C 325 -22.87 -0.60 3.96
C LEU C 325 -24.12 -1.13 3.33
N VAL C 326 -25.07 -0.27 3.03
CA VAL C 326 -26.32 -0.74 2.48
C VAL C 326 -26.63 -0.02 1.19
N LEU C 327 -26.89 -0.79 0.13
CA LEU C 327 -27.19 -0.26 -1.18
C LEU C 327 -28.66 -0.13 -1.39
N ALA C 328 -29.10 1.04 -1.76
CA ALA C 328 -30.50 1.17 -2.08
C ALA C 328 -30.68 0.41 -3.35
N THR C 329 -31.78 -0.30 -3.51
CA THR C 329 -32.01 -0.92 -4.78
C THR C 329 -33.35 -0.42 -5.18
N GLY C 330 -34.10 -0.05 -4.16
CA GLY C 330 -35.47 0.35 -4.31
C GLY C 330 -35.67 1.83 -4.42
N LEU C 331 -36.91 2.22 -4.23
CA LEU C 331 -37.35 3.57 -4.43
C LEU C 331 -37.34 4.29 -3.13
N ARG C 332 -37.29 5.62 -3.15
CA ARG C 332 -37.42 6.28 -1.88
C ARG C 332 -38.79 5.88 -1.39
N ASN C 333 -38.89 5.43 -0.15
CA ASN C 333 -40.17 4.94 0.33
C ASN C 333 -41.02 6.04 0.85
N VAL C 334 -41.63 6.77 -0.05
CA VAL C 334 -42.45 7.88 0.38
C VAL C 334 -43.89 7.40 0.55
N PRO C 335 -44.42 7.36 1.79
CA PRO C 335 -45.73 6.86 2.15
C PRO C 335 -46.77 7.90 1.86
N ILE C 346 -54.85 8.12 -6.65
CA ILE C 346 -55.35 9.51 -6.82
C ILE C 346 -54.17 10.48 -6.65
N ALA C 347 -52.95 9.99 -6.60
CA ALA C 347 -51.76 10.87 -6.57
C ALA C 347 -50.70 10.28 -7.46
N GLY C 348 -49.80 11.10 -7.93
CA GLY C 348 -48.67 10.66 -8.74
C GLY C 348 -47.38 10.52 -7.99
N PHE C 349 -46.29 10.50 -8.72
CA PHE C 349 -44.94 10.49 -8.12
C PHE C 349 -44.82 11.79 -7.34
N ILE C 350 -45.57 12.81 -7.74
CA ILE C 350 -45.45 14.15 -7.09
C ILE C 350 -45.81 14.08 -5.60
N GLU C 351 -46.85 13.36 -5.21
CA GLU C 351 -47.15 13.25 -3.77
C GLU C 351 -46.55 12.00 -3.08
N GLY C 352 -45.97 11.03 -3.81
CA GLY C 352 -45.49 9.78 -3.19
C GLY C 352 -45.95 8.52 -3.91
N GLY C 353 -45.68 7.35 -3.35
CA GLY C 353 -45.98 6.08 -4.00
C GLY C 353 -47.29 5.51 -3.62
N TRP C 354 -48.01 4.99 -4.61
CA TRP C 354 -49.26 4.30 -4.32
C TRP C 354 -48.84 3.13 -3.46
N GLN C 355 -49.57 2.79 -2.38
CA GLN C 355 -49.21 1.57 -1.60
C GLN C 355 -49.93 0.41 -2.26
N GLY C 356 -50.75 0.69 -3.25
CA GLY C 356 -51.48 -0.34 -3.99
C GLY C 356 -50.65 -1.35 -4.74
N MET C 357 -49.54 -0.97 -5.37
CA MET C 357 -48.78 -1.87 -6.29
C MET C 357 -47.74 -2.85 -5.72
N VAL C 358 -47.65 -4.07 -6.27
CA VAL C 358 -46.60 -5.04 -5.86
C VAL C 358 -46.02 -5.70 -7.12
N ASP C 359 -46.61 -5.46 -8.30
CA ASP C 359 -46.16 -6.09 -9.52
C ASP C 359 -45.04 -5.34 -10.26
N GLY C 360 -44.43 -4.36 -9.60
CA GLY C 360 -43.37 -3.58 -10.21
C GLY C 360 -42.99 -2.35 -9.39
N TRP C 361 -42.22 -1.47 -9.99
CA TRP C 361 -41.75 -0.26 -9.32
C TRP C 361 -42.45 0.96 -9.84
N TYR C 362 -42.67 1.01 -11.13
CA TYR C 362 -43.27 2.20 -11.68
C TYR C 362 -44.54 1.71 -12.27
N GLY C 363 -45.59 2.51 -12.27
CA GLY C 363 -46.84 2.03 -12.84
C GLY C 363 -47.94 3.04 -12.94
N TYR C 364 -49.12 2.56 -13.32
CA TYR C 364 -50.27 3.39 -13.59
C TYR C 364 -51.48 3.10 -12.73
N HIS C 365 -52.26 4.14 -12.44
CA HIS C 365 -53.53 3.95 -11.72
C HIS C 365 -54.70 3.43 -12.59
N HIS C 366 -54.76 3.87 -13.84
CA HIS C 366 -55.83 3.50 -14.78
C HIS C 366 -57.30 3.73 -14.35
N SER C 367 -57.70 4.92 -13.88
CA SER C 367 -59.12 5.01 -13.53
C SER C 367 -59.95 5.06 -14.80
N ASN C 368 -61.09 4.38 -14.84
CA ASN C 368 -61.97 4.40 -16.00
C ASN C 368 -63.38 4.01 -15.58
N ASP C 369 -64.31 3.90 -16.54
CA ASP C 369 -65.71 3.60 -16.23
C ASP C 369 -66.00 2.11 -16.03
N GLN C 370 -65.02 1.24 -16.26
CA GLN C 370 -65.24 -0.19 -16.04
C GLN C 370 -64.77 -0.49 -14.63
N GLY C 371 -63.81 0.31 -14.19
CA GLY C 371 -63.22 0.25 -12.87
C GLY C 371 -61.73 0.53 -12.89
N SER C 372 -61.28 1.17 -11.81
CA SER C 372 -59.89 1.53 -11.60
C SER C 372 -59.08 0.37 -11.09
N GLY C 373 -57.77 0.50 -11.08
CA GLY C 373 -56.92 -0.52 -10.56
C GLY C 373 -55.53 -0.27 -11.04
N TYR C 374 -54.61 -0.33 -10.09
CA TYR C 374 -53.23 -0.04 -10.43
C TYR C 374 -52.68 -1.17 -11.21
N ALA C 375 -51.65 -0.97 -12.00
CA ALA C 375 -50.86 -1.98 -12.68
C ALA C 375 -49.47 -1.46 -12.94
N ALA C 376 -48.50 -2.35 -12.87
CA ALA C 376 -47.14 -1.92 -13.15
C ALA C 376 -46.89 -1.71 -14.62
N ASP C 377 -45.96 -0.81 -14.89
CA ASP C 377 -45.46 -0.60 -16.22
C ASP C 377 -44.30 -1.58 -16.33
N LYS C 378 -44.56 -2.70 -17.02
CA LYS C 378 -43.58 -3.77 -17.06
C LYS C 378 -42.37 -3.43 -17.88
N GLU C 379 -42.54 -2.65 -18.95
CA GLU C 379 -41.39 -2.31 -19.77
C GLU C 379 -40.40 -1.47 -18.98
N SER C 380 -40.92 -0.45 -18.30
CA SER C 380 -40.11 0.46 -17.53
C SER C 380 -39.50 -0.20 -16.32
N THR C 381 -40.31 -0.97 -15.59
CA THR C 381 -39.78 -1.61 -14.42
C THR C 381 -38.73 -2.59 -14.81
N GLN C 382 -38.94 -3.38 -15.86
CA GLN C 382 -37.95 -4.38 -16.21
C GLN C 382 -36.65 -3.74 -16.66
N LYS C 383 -36.70 -2.64 -17.40
CA LYS C 383 -35.44 -2.04 -17.79
C LYS C 383 -34.71 -1.50 -16.57
N ALA C 384 -35.46 -0.86 -15.68
CA ALA C 384 -34.86 -0.32 -14.48
C ALA C 384 -34.36 -1.40 -13.57
N PHE C 385 -35.08 -2.51 -13.53
CA PHE C 385 -34.76 -3.65 -12.71
C PHE C 385 -33.44 -4.22 -13.12
N ASP C 386 -33.24 -4.43 -14.41
CA ASP C 386 -31.99 -4.96 -14.90
C ASP C 386 -30.91 -3.94 -14.66
N GLY C 387 -31.24 -2.65 -14.76
CA GLY C 387 -30.28 -1.61 -14.49
C GLY C 387 -29.79 -1.77 -13.04
N ILE C 388 -30.72 -1.91 -12.11
CA ILE C 388 -30.37 -2.06 -10.70
C ILE C 388 -29.62 -3.35 -10.43
N THR C 389 -30.00 -4.48 -11.01
CA THR C 389 -29.26 -5.68 -10.71
C THR C 389 -27.87 -5.62 -11.32
N ASN C 390 -27.72 -4.97 -12.49
CA ASN C 390 -26.40 -4.85 -13.09
C ASN C 390 -25.56 -3.96 -12.21
N LYS C 391 -26.16 -2.93 -11.65
CA LYS C 391 -25.48 -2.00 -10.78
C LYS C 391 -24.96 -2.69 -9.57
N VAL C 392 -25.79 -3.53 -8.94
CA VAL C 392 -25.36 -4.23 -7.76
C VAL C 392 -24.24 -5.15 -8.11
N ASN C 393 -24.34 -5.86 -9.22
CA ASN C 393 -23.28 -6.76 -9.60
C ASN C 393 -22.00 -6.02 -9.92
N SER C 394 -22.07 -4.85 -10.52
CA SER C 394 -20.86 -4.11 -10.81
C SER C 394 -20.21 -3.67 -9.50
N VAL C 395 -21.01 -3.33 -8.50
CA VAL C 395 -20.50 -2.95 -7.20
C VAL C 395 -19.85 -4.12 -6.45
N ILE C 396 -20.48 -5.28 -6.44
CA ILE C 396 -19.95 -6.41 -5.65
C ILE C 396 -18.93 -7.31 -6.39
N GLU C 397 -19.03 -7.43 -7.71
CA GLU C 397 -18.15 -8.29 -8.52
C GLU C 397 -16.77 -7.70 -8.69
N LYS C 398 -16.60 -6.46 -8.29
CA LYS C 398 -15.32 -5.81 -8.41
C LYS C 398 -14.50 -6.02 -7.15
N MET C 399 -15.07 -6.69 -6.14
CA MET C 399 -14.30 -6.97 -4.96
C MET C 399 -13.66 -8.31 -5.17
N ASN C 400 -12.36 -8.34 -4.99
CA ASN C 400 -11.60 -9.54 -5.19
C ASN C 400 -10.85 -9.93 -3.95
N THR C 401 -11.21 -11.09 -3.41
CA THR C 401 -10.60 -11.62 -2.22
C THR C 401 -10.06 -13.00 -2.55
N GLN C 402 -9.24 -13.52 -1.65
CA GLN C 402 -8.63 -14.83 -1.85
C GLN C 402 -8.37 -15.47 -0.50
N PHE C 403 -8.19 -16.77 -0.48
CA PHE C 403 -7.79 -17.39 0.76
C PHE C 403 -6.42 -16.83 1.10
N GLU C 404 -6.24 -16.27 2.30
CA GLU C 404 -4.93 -15.73 2.64
C GLU C 404 -4.62 -15.73 4.13
N ALA C 405 -3.44 -16.21 4.50
CA ALA C 405 -3.03 -16.16 5.90
C ALA C 405 -2.45 -14.78 6.17
N VAL C 406 -3.35 -13.83 6.39
CA VAL C 406 -2.99 -12.43 6.49
C VAL C 406 -2.02 -12.08 7.62
N GLY C 407 -2.21 -12.66 8.79
CA GLY C 407 -1.37 -12.26 9.91
C GLY C 407 0.09 -12.68 9.82
N LYS C 408 0.97 -11.80 10.30
CA LYS C 408 2.41 -12.03 10.36
C LYS C 408 2.92 -11.68 11.73
N GLU C 409 4.00 -12.32 12.12
CA GLU C 409 4.61 -12.03 13.39
C GLU C 409 6.00 -11.48 13.16
N PHE C 410 6.41 -10.56 14.03
CA PHE C 410 7.71 -9.92 13.94
C PHE C 410 8.40 -10.00 15.29
N SER C 411 9.73 -10.01 15.29
CA SER C 411 10.47 -10.06 16.55
C SER C 411 10.54 -8.69 17.15
N ASN C 412 11.05 -8.58 18.35
CA ASN C 412 11.14 -7.30 19.02
C ASN C 412 12.25 -6.40 18.50
N LEU C 413 13.03 -6.89 17.54
CA LEU C 413 14.08 -6.11 16.93
C LEU C 413 13.70 -5.72 15.53
N GLU C 414 12.44 -5.95 15.17
CA GLU C 414 11.93 -5.65 13.86
C GLU C 414 10.79 -4.66 13.91
N ARG C 415 10.85 -3.69 14.83
CA ARG C 415 9.77 -2.75 15.01
C ARG C 415 9.58 -1.94 13.76
N ARG C 416 10.67 -1.58 13.07
CA ARG C 416 10.48 -0.79 11.87
C ARG C 416 9.67 -1.55 10.82
N LEU C 417 9.91 -2.85 10.71
CA LEU C 417 9.23 -3.67 9.72
C LEU C 417 7.81 -3.97 10.15
N GLU C 418 7.60 -4.21 11.44
CA GLU C 418 6.28 -4.47 11.94
C GLU C 418 5.40 -3.28 11.70
N ASN C 419 5.96 -2.08 11.92
CA ASN C 419 5.21 -0.87 11.73
C ASN C 419 4.95 -0.64 10.26
N LEU C 420 5.89 -1.02 9.40
CA LEU C 420 5.69 -0.86 7.97
C LEU C 420 4.54 -1.77 7.57
N ASN C 421 4.56 -3.02 8.03
CA ASN C 421 3.53 -4.00 7.71
C ASN C 421 2.18 -3.52 8.19
N LYS C 422 2.13 -3.03 9.42
CA LYS C 422 0.88 -2.58 9.97
C LYS C 422 0.39 -1.39 9.20
N LYS C 423 1.26 -0.43 8.88
CA LYS C 423 0.85 0.74 8.16
C LYS C 423 0.28 0.35 6.81
N MET C 424 0.91 -0.61 6.15
CA MET C 424 0.47 -1.08 4.87
C MET C 424 -0.94 -1.63 4.97
N GLU C 425 -1.18 -2.52 5.94
CA GLU C 425 -2.47 -3.14 6.11
C GLU C 425 -3.54 -2.14 6.51
N ASP C 426 -3.20 -1.18 7.37
CA ASP C 426 -4.16 -0.19 7.82
C ASP C 426 -4.44 0.74 6.67
N GLY C 427 -3.41 1.02 5.87
CA GLY C 427 -3.51 1.87 4.72
C GLY C 427 -4.46 1.29 3.72
N PHE C 428 -4.32 0.00 3.42
CA PHE C 428 -5.21 -0.60 2.46
C PHE C 428 -6.60 -0.71 3.04
N LEU C 429 -6.72 -0.91 4.35
CA LEU C 429 -8.04 -0.98 4.93
C LEU C 429 -8.70 0.37 4.77
N ASP C 430 -7.99 1.49 5.01
CA ASP C 430 -8.58 2.80 4.85
C ASP C 430 -8.97 3.06 3.43
N VAL C 431 -8.18 2.61 2.47
CA VAL C 431 -8.49 2.82 1.08
C VAL C 431 -9.73 2.05 0.70
N TRP C 432 -9.82 0.79 1.11
CA TRP C 432 -10.97 0.00 0.75
C TRP C 432 -12.21 0.36 1.54
N THR C 433 -12.05 0.82 2.78
CA THR C 433 -13.20 1.21 3.56
C THR C 433 -13.75 2.45 2.93
N TYR C 434 -12.87 3.37 2.58
CA TYR C 434 -13.22 4.59 1.91
C TYR C 434 -13.89 4.30 0.60
N ASN C 435 -13.32 3.43 -0.21
CA ASN C 435 -13.92 3.13 -1.49
C ASN C 435 -15.27 2.46 -1.31
N ALA C 436 -15.40 1.56 -0.33
CA ALA C 436 -16.67 0.88 -0.12
C ALA C 436 -17.73 1.83 0.35
N GLU C 437 -17.41 2.73 1.27
CA GLU C 437 -18.41 3.64 1.77
C GLU C 437 -18.73 4.70 0.77
N LEU C 438 -17.72 5.18 0.06
CA LEU C 438 -17.94 6.22 -0.90
C LEU C 438 -18.76 5.67 -2.03
N LEU C 439 -18.46 4.46 -2.47
CA LEU C 439 -19.20 3.89 -3.57
C LEU C 439 -20.64 3.67 -3.15
N VAL C 440 -20.88 3.20 -1.93
CA VAL C 440 -22.26 3.03 -1.51
C VAL C 440 -22.97 4.36 -1.48
N LEU C 441 -22.36 5.40 -0.94
CA LEU C 441 -23.05 6.68 -0.90
C LEU C 441 -23.26 7.29 -2.28
N MET C 442 -22.27 7.19 -3.17
CA MET C 442 -22.42 7.77 -4.50
C MET C 442 -23.48 7.03 -5.26
N GLU C 443 -23.51 5.71 -5.08
CA GLU C 443 -24.48 4.94 -5.79
C GLU C 443 -25.85 5.12 -5.19
N ASN C 444 -25.98 5.30 -3.88
CA ASN C 444 -27.31 5.48 -3.37
C ASN C 444 -27.87 6.80 -3.83
N GLU C 445 -27.02 7.81 -3.98
CA GLU C 445 -27.51 9.08 -4.48
C GLU C 445 -27.98 8.90 -5.90
N ARG C 446 -27.20 8.20 -6.72
CA ARG C 446 -27.57 8.00 -8.10
C ARG C 446 -28.75 7.07 -8.27
N THR C 447 -28.89 6.08 -7.38
CA THR C 447 -29.98 5.13 -7.44
C THR C 447 -31.27 5.84 -7.20
N LEU C 448 -31.29 6.71 -6.20
CA LEU C 448 -32.50 7.40 -5.94
C LEU C 448 -32.79 8.40 -7.05
N ASP C 449 -31.75 9.06 -7.63
CA ASP C 449 -32.00 9.98 -8.74
C ASP C 449 -32.49 9.22 -9.96
N PHE C 450 -31.95 8.01 -10.17
CA PHE C 450 -32.28 7.11 -11.25
C PHE C 450 -33.74 6.79 -11.20
N HIS C 451 -34.21 6.41 -10.04
CA HIS C 451 -35.61 6.06 -9.91
C HIS C 451 -36.50 7.26 -10.08
N ASP C 452 -36.13 8.42 -9.57
CA ASP C 452 -36.99 9.59 -9.74
C ASP C 452 -37.01 10.01 -11.21
N SER C 453 -35.87 9.85 -11.87
CA SER C 453 -35.73 10.15 -13.27
C SER C 453 -36.59 9.23 -14.09
N ASN C 454 -36.61 7.94 -13.76
CA ASN C 454 -37.41 6.98 -14.51
C ASN C 454 -38.89 7.23 -14.35
N VAL C 455 -39.34 7.67 -13.19
CA VAL C 455 -40.76 7.92 -13.06
C VAL C 455 -41.09 9.12 -13.92
N LYS C 456 -40.23 10.15 -13.88
CA LYS C 456 -40.44 11.33 -14.70
C LYS C 456 -40.38 10.97 -16.17
N ASN C 457 -39.50 10.05 -16.56
CA ASN C 457 -39.40 9.66 -17.94
C ASN C 457 -40.71 9.05 -18.39
N LEU C 458 -41.40 8.30 -17.51
CA LEU C 458 -42.71 7.80 -17.91
C LEU C 458 -43.66 8.95 -18.05
N TYR C 459 -43.57 9.91 -17.15
CA TYR C 459 -44.48 11.03 -17.22
C TYR C 459 -44.35 11.73 -18.57
N ASP C 460 -43.12 11.96 -19.04
CA ASP C 460 -42.94 12.62 -20.32
C ASP C 460 -43.15 11.68 -21.50
N LYS C 461 -42.82 10.39 -21.36
CA LYS C 461 -43.06 9.47 -22.45
C LYS C 461 -44.53 9.47 -22.77
N VAL C 462 -45.32 9.43 -21.71
CA VAL C 462 -46.76 9.44 -21.80
C VAL C 462 -47.28 10.79 -22.25
N ARG C 463 -46.77 11.89 -21.71
CA ARG C 463 -47.24 13.20 -22.15
C ARG C 463 -47.01 13.40 -23.64
N MET C 464 -45.86 12.95 -24.15
CA MET C 464 -45.55 13.12 -25.59
C MET C 464 -46.50 12.24 -26.42
N GLN C 465 -46.75 11.01 -25.95
CA GLN C 465 -47.63 10.10 -26.67
C GLN C 465 -49.07 10.62 -26.71
N LEU C 466 -49.50 11.25 -25.61
CA LEU C 466 -50.85 11.77 -25.46
C LEU C 466 -51.09 13.16 -26.06
N ARG C 467 -50.03 13.94 -26.23
CA ARG C 467 -50.07 15.28 -26.78
C ARG C 467 -51.11 16.18 -26.11
N ASP C 468 -52.01 16.74 -26.92
CA ASP C 468 -53.00 17.69 -26.45
C ASP C 468 -54.38 17.07 -26.26
N ASN C 469 -54.45 15.74 -26.26
CA ASN C 469 -55.75 15.10 -26.12
C ASN C 469 -56.06 14.84 -24.65
N VAL C 470 -55.10 15.25 -23.81
CA VAL C 470 -55.14 15.16 -22.37
C VAL C 470 -54.72 16.46 -21.74
N LYS C 471 -55.00 16.62 -20.46
CA LYS C 471 -54.47 17.76 -19.75
C LYS C 471 -53.72 17.29 -18.53
N GLU C 472 -52.64 17.98 -18.22
CA GLU C 472 -51.91 17.64 -17.02
C GLU C 472 -52.63 18.24 -15.85
N LEU C 473 -52.74 17.51 -14.76
CA LEU C 473 -53.37 18.05 -13.58
C LEU C 473 -52.38 18.66 -12.61
N GLY C 474 -51.10 18.48 -12.88
CA GLY C 474 -50.05 19.04 -12.05
C GLY C 474 -49.72 18.20 -10.82
N ASN C 475 -50.39 17.05 -10.69
CA ASN C 475 -50.19 16.16 -9.51
C ASN C 475 -49.73 14.78 -10.00
N GLY C 476 -49.13 14.68 -11.19
CA GLY C 476 -48.61 13.39 -11.69
C GLY C 476 -49.70 12.56 -12.38
N CYS C 477 -50.76 13.22 -12.86
CA CYS C 477 -51.88 12.57 -13.55
C CYS C 477 -52.32 13.29 -14.82
N PHE C 478 -52.79 12.50 -15.78
CA PHE C 478 -53.31 13.00 -17.04
C PHE C 478 -54.79 12.74 -17.21
N GLU C 479 -55.57 13.80 -17.35
CA GLU C 479 -57.01 13.64 -17.54
C GLU C 479 -57.32 13.68 -19.02
N PHE C 480 -58.10 12.75 -19.49
CA PHE C 480 -58.42 12.67 -20.90
C PHE C 480 -59.57 13.56 -21.26
N TYR C 481 -59.56 14.06 -22.50
CA TYR C 481 -60.68 14.86 -22.99
C TYR C 481 -61.68 14.01 -23.77
N HIS C 482 -61.51 12.71 -23.71
CA HIS C 482 -62.38 11.78 -24.38
C HIS C 482 -62.59 10.57 -23.55
N LYS C 483 -63.67 9.86 -23.83
CA LYS C 483 -63.91 8.62 -23.13
C LYS C 483 -62.71 7.72 -23.45
N CYS C 484 -62.06 7.15 -22.42
CA CYS C 484 -60.88 6.29 -22.56
C CYS C 484 -61.13 5.01 -21.76
N ASP C 485 -61.59 3.99 -22.46
CA ASP C 485 -61.97 2.73 -21.83
C ASP C 485 -60.77 1.85 -21.66
N ASP C 486 -60.96 0.68 -21.08
CA ASP C 486 -59.87 -0.26 -20.87
C ASP C 486 -58.95 -0.41 -22.09
N GLU C 487 -59.52 -0.59 -23.28
CA GLU C 487 -58.73 -0.72 -24.50
C GLU C 487 -57.76 0.46 -24.75
N CYS C 488 -58.20 1.72 -24.43
CA CYS C 488 -57.46 2.97 -24.51
C CYS C 488 -56.37 2.96 -23.46
N MET C 489 -56.72 2.62 -22.24
CA MET C 489 -55.75 2.64 -21.16
C MET C 489 -54.64 1.64 -21.41
N ASN C 490 -54.99 0.53 -22.06
CA ASN C 490 -54.07 -0.50 -22.41
C ASN C 490 -53.13 -0.06 -23.52
N SER C 491 -53.54 0.97 -24.25
CA SER C 491 -52.76 1.48 -25.37
C SER C 491 -51.81 2.54 -24.83
N VAL C 492 -52.31 3.33 -23.87
CA VAL C 492 -51.54 4.42 -23.27
C VAL C 492 -50.34 3.86 -22.53
N LYS C 493 -50.51 2.73 -21.85
CA LYS C 493 -49.40 2.12 -21.13
C LYS C 493 -48.25 1.58 -22.01
N ASN C 494 -48.41 1.44 -23.37
CA ASN C 494 -47.37 0.97 -24.29
C ASN C 494 -47.26 1.96 -25.47
N GLY C 495 -46.55 1.61 -26.57
CA GLY C 495 -46.26 2.55 -27.69
C GLY C 495 -47.38 2.87 -28.68
N THR C 496 -48.56 3.26 -28.20
CA THR C 496 -49.64 3.64 -29.12
C THR C 496 -50.77 4.47 -28.51
N TYR C 497 -51.32 5.39 -29.31
CA TYR C 497 -52.46 6.24 -28.93
C TYR C 497 -52.83 7.19 -30.06
N ASP C 498 -54.08 7.16 -30.53
CA ASP C 498 -54.48 8.13 -31.58
C ASP C 498 -55.97 8.50 -31.51
N TYR C 499 -56.29 9.68 -30.97
CA TYR C 499 -57.66 10.20 -30.77
C TYR C 499 -57.82 11.64 -31.31
N PRO C 500 -57.88 11.83 -32.64
CA PRO C 500 -57.81 13.11 -33.35
C PRO C 500 -58.86 14.21 -33.18
N LYS C 501 -60.08 13.91 -32.75
CA LYS C 501 -61.07 14.98 -32.68
C LYS C 501 -61.94 14.99 -31.46
N TYR C 502 -61.35 15.20 -30.31
CA TYR C 502 -62.11 15.19 -29.07
C TYR C 502 -62.14 16.50 -28.33
N GLU C 503 -61.80 17.58 -29.00
CA GLU C 503 -61.83 18.86 -28.34
C GLU C 503 -63.27 19.33 -28.22
N GLU C 504 -63.68 19.80 -27.05
CA GLU C 504 -65.01 20.37 -26.90
C GLU C 504 -64.86 21.82 -26.52
N GLU C 505 -63.77 22.06 -25.80
CA GLU C 505 -63.36 23.35 -25.24
C GLU C 505 -62.81 24.38 -26.28
N SER C 506 -62.49 23.90 -27.50
CA SER C 506 -61.91 24.60 -28.64
C SER C 506 -63.02 25.29 -29.45
N GLN D 1 -16.88 -21.44 -32.23
CA GLN D 1 -16.56 -20.75 -33.48
C GLN D 1 -15.17 -21.12 -34.04
N VAL D 2 -14.13 -21.11 -33.17
CA VAL D 2 -12.73 -21.33 -33.57
C VAL D 2 -12.40 -22.79 -33.73
N GLN D 3 -11.88 -23.14 -34.90
CA GLN D 3 -11.49 -24.49 -35.18
C GLN D 3 -10.12 -24.54 -35.79
N LEU D 4 -9.40 -25.59 -35.51
CA LEU D 4 -8.10 -25.78 -36.09
C LEU D 4 -8.12 -27.12 -36.82
N ARG D 5 -7.65 -27.14 -38.07
CA ARG D 5 -7.66 -28.39 -38.84
C ARG D 5 -6.26 -28.72 -39.32
N GLU D 6 -5.91 -30.00 -39.35
CA GLU D 6 -4.55 -30.33 -39.78
C GLU D 6 -4.46 -31.35 -40.90
N SER D 7 -3.38 -31.25 -41.67
CA SER D 7 -3.05 -32.18 -42.73
C SER D 7 -1.55 -32.35 -42.88
N GLY D 8 -1.16 -33.40 -43.59
CA GLY D 8 0.25 -33.69 -43.84
C GLY D 8 0.36 -34.97 -44.64
N PRO D 9 1.59 -35.41 -44.99
CA PRO D 9 1.90 -36.58 -45.80
C PRO D 9 1.54 -37.92 -45.19
N GLY D 10 1.37 -37.97 -43.87
CA GLY D 10 1.07 -39.22 -43.19
C GLY D 10 2.34 -40.03 -42.95
N LEU D 11 2.99 -40.42 -44.03
CA LEU D 11 4.22 -41.19 -43.96
C LEU D 11 5.46 -40.40 -44.38
N VAL D 12 6.46 -40.45 -43.52
CA VAL D 12 7.75 -39.82 -43.70
C VAL D 12 8.82 -40.91 -43.59
N LYS D 13 9.80 -40.93 -44.48
CA LYS D 13 10.83 -41.95 -44.36
C LYS D 13 11.92 -41.43 -43.42
N PRO D 14 12.70 -42.28 -42.76
CA PRO D 14 13.81 -41.87 -41.97
C PRO D 14 14.73 -41.01 -42.81
N SER D 15 15.26 -39.99 -42.16
CA SER D 15 16.16 -38.97 -42.69
C SER D 15 15.51 -37.99 -43.65
N GLN D 16 14.19 -38.05 -43.79
CA GLN D 16 13.47 -37.08 -44.60
C GLN D 16 12.92 -35.98 -43.74
N THR D 17 12.30 -35.00 -44.38
CA THR D 17 11.72 -33.90 -43.67
C THR D 17 10.22 -34.08 -43.49
N LEU D 18 9.78 -33.89 -42.26
CA LEU D 18 8.38 -33.97 -41.86
C LEU D 18 7.78 -32.60 -42.00
N SER D 19 6.65 -32.50 -42.66
CA SER D 19 6.03 -31.19 -42.83
C SER D 19 4.53 -31.23 -42.67
N LEU D 20 4.04 -30.48 -41.68
CA LEU D 20 2.62 -30.42 -41.36
C LEU D 20 2.06 -29.03 -41.47
N THR D 21 0.82 -28.93 -41.90
CA THR D 21 0.15 -27.63 -41.99
C THR D 21 -1.18 -27.62 -41.21
N CYS D 22 -1.39 -26.57 -40.38
CA CYS D 22 -2.59 -26.29 -39.58
C CYS D 22 -3.32 -25.08 -40.17
N THR D 23 -4.60 -25.23 -40.41
CA THR D 23 -5.39 -24.15 -40.92
C THR D 23 -6.28 -23.64 -39.83
N VAL D 24 -6.20 -22.35 -39.59
CA VAL D 24 -6.95 -21.70 -38.54
C VAL D 24 -8.24 -21.14 -39.15
N SER D 25 -9.38 -21.43 -38.53
CA SER D 25 -10.66 -20.95 -39.04
C SER D 25 -11.52 -20.33 -37.95
N GLY D 26 -11.99 -19.11 -38.21
CA GLY D 26 -12.82 -18.37 -37.25
C GLY D 26 -12.00 -17.48 -36.31
N ASP D 27 -10.68 -17.46 -36.53
CA ASP D 27 -9.74 -16.66 -35.72
C ASP D 27 -8.62 -16.11 -36.60
N SER D 28 -8.63 -14.81 -36.91
CA SER D 28 -7.61 -14.30 -37.81
C SER D 28 -6.22 -14.49 -37.21
N ILE D 29 -5.37 -15.20 -37.95
CA ILE D 29 -4.08 -15.60 -37.42
C ILE D 29 -3.20 -14.41 -37.13
N SER D 30 -3.34 -13.36 -37.94
CA SER D 30 -2.56 -12.15 -37.87
C SER D 30 -3.15 -11.03 -37.03
N ASN D 31 -4.38 -11.17 -36.55
CA ASN D 31 -4.97 -10.06 -35.82
C ASN D 31 -5.17 -10.32 -34.35
N GLY D 32 -5.35 -11.59 -33.96
CA GLY D 32 -5.64 -11.89 -32.58
C GLY D 32 -4.56 -11.45 -31.59
N GLY D 33 -3.28 -11.49 -32.01
CA GLY D 33 -2.21 -11.13 -31.12
C GLY D 33 -1.92 -12.26 -30.14
N LEU D 34 -2.28 -13.47 -30.56
CA LEU D 34 -2.16 -14.68 -29.78
C LEU D 34 -1.01 -15.50 -30.24
N TYR D 35 -0.59 -16.47 -29.44
CA TYR D 35 0.50 -17.33 -29.89
C TYR D 35 -0.05 -18.64 -30.41
N TRP D 36 0.54 -19.13 -31.48
CA TRP D 36 0.12 -20.37 -32.07
C TRP D 36 1.12 -21.48 -31.76
N ASN D 37 0.65 -22.59 -31.20
CA ASN D 37 1.52 -23.67 -30.74
C ASN D 37 1.42 -24.99 -31.47
N TRP D 38 2.55 -25.71 -31.46
CA TRP D 38 2.61 -27.11 -31.89
C TRP D 38 2.96 -27.96 -30.67
N ILE D 39 2.26 -29.09 -30.53
CA ILE D 39 2.41 -30.08 -29.44
C ILE D 39 2.34 -31.48 -30.06
N ARG D 40 3.03 -32.47 -29.50
CA ARG D 40 2.88 -33.84 -30.00
C ARG D 40 2.87 -34.94 -28.93
N GLN D 41 2.29 -36.10 -29.28
CA GLN D 41 2.37 -37.28 -28.41
C GLN D 41 2.93 -38.50 -29.10
N ARG D 42 4.06 -38.98 -28.60
CA ARG D 42 4.69 -40.15 -29.13
C ARG D 42 3.89 -41.30 -28.55
N PRO D 43 3.87 -42.50 -29.12
CA PRO D 43 3.17 -43.62 -28.52
C PRO D 43 3.68 -43.86 -27.10
N GLY D 44 2.77 -44.14 -26.16
CA GLY D 44 3.13 -44.44 -24.76
C GLY D 44 3.34 -43.18 -23.89
N ARG D 45 4.11 -42.27 -24.44
CA ARG D 45 4.51 -41.00 -23.84
C ARG D 45 3.41 -39.94 -23.80
N GLY D 46 3.61 -38.94 -22.92
CA GLY D 46 2.64 -37.86 -22.74
C GLY D 46 2.88 -36.68 -23.67
N LEU D 47 2.25 -35.56 -23.36
CA LEU D 47 2.33 -34.37 -24.21
C LEU D 47 3.69 -33.72 -24.16
N GLU D 48 4.23 -33.41 -25.33
CA GLU D 48 5.49 -32.70 -25.47
C GLU D 48 5.27 -31.44 -26.27
N TRP D 49 5.66 -30.31 -25.72
CA TRP D 49 5.52 -29.07 -26.44
C TRP D 49 6.62 -28.96 -27.49
N ILE D 50 6.26 -28.53 -28.69
CA ILE D 50 7.22 -28.41 -29.79
C ILE D 50 7.76 -27.00 -29.94
N GLY D 51 6.85 -26.04 -29.99
CA GLY D 51 7.24 -24.66 -30.24
C GLY D 51 6.05 -23.78 -30.54
N TYR D 52 6.30 -22.50 -30.76
CA TYR D 52 5.24 -21.57 -31.11
C TYR D 52 5.69 -20.38 -31.90
N ILE D 53 4.72 -19.78 -32.56
CA ILE D 53 4.94 -18.56 -33.33
C ILE D 53 3.93 -17.49 -32.93
N TYR D 54 4.36 -16.24 -32.86
CA TYR D 54 3.48 -15.15 -32.49
C TYR D 54 2.67 -14.80 -33.72
N TYR D 55 1.78 -13.81 -33.65
CA TYR D 55 1.00 -13.50 -34.85
C TYR D 55 1.93 -13.00 -35.96
N ASN D 56 3.06 -12.42 -35.56
CA ASN D 56 4.11 -11.93 -36.44
C ASN D 56 5.11 -13.07 -36.50
N GLY D 57 6.28 -12.86 -37.07
CA GLY D 57 7.20 -13.98 -37.23
C GLY D 57 8.05 -14.39 -36.01
N VAL D 58 7.86 -13.75 -34.86
CA VAL D 58 8.71 -14.14 -33.74
C VAL D 58 8.38 -15.57 -33.39
N THR D 59 9.41 -16.39 -33.33
CA THR D 59 9.22 -17.81 -33.10
C THR D 59 10.16 -18.36 -32.01
N THR D 60 9.64 -19.26 -31.17
CA THR D 60 10.42 -19.92 -30.14
C THR D 60 10.29 -21.43 -30.28
N TYR D 61 11.27 -22.18 -29.77
CA TYR D 61 11.24 -23.63 -29.89
C TYR D 61 11.64 -24.36 -28.64
N ASN D 62 11.21 -25.62 -28.53
CA ASN D 62 11.69 -26.51 -27.48
C ASN D 62 13.15 -26.77 -27.80
N PRO D 63 14.12 -26.43 -26.93
CA PRO D 63 15.54 -26.59 -27.14
C PRO D 63 15.97 -27.98 -27.60
N SER D 64 15.22 -29.04 -27.25
CA SER D 64 15.64 -30.39 -27.65
C SER D 64 15.59 -30.57 -29.17
N LEU D 65 14.85 -29.72 -29.85
CA LEU D 65 14.70 -29.77 -31.30
C LEU D 65 15.44 -28.62 -31.96
N ARG D 66 16.31 -27.92 -31.24
CA ARG D 66 16.95 -26.75 -31.83
C ARG D 66 17.76 -27.02 -33.09
N SER D 67 18.29 -28.22 -33.27
CA SER D 67 19.06 -28.52 -34.47
C SER D 67 18.20 -29.02 -35.63
N ARG D 68 16.91 -29.30 -35.37
CA ARG D 68 16.00 -29.90 -36.35
C ARG D 68 14.72 -29.14 -36.72
N ILE D 69 14.30 -28.18 -35.90
CA ILE D 69 13.00 -27.56 -36.11
C ILE D 69 12.91 -26.14 -36.64
N ALA D 70 11.89 -25.94 -37.46
CA ALA D 70 11.51 -24.63 -37.95
C ALA D 70 9.97 -24.52 -37.94
N ILE D 71 9.48 -23.35 -37.56
CA ILE D 71 8.06 -23.01 -37.54
C ILE D 71 7.84 -21.70 -38.26
N SER D 72 6.77 -21.63 -39.04
CA SER D 72 6.45 -20.40 -39.76
C SER D 72 4.96 -20.25 -40.00
N LEU D 73 4.52 -19.05 -40.36
CA LEU D 73 3.11 -18.89 -40.71
C LEU D 73 2.93 -18.05 -41.95
N GLU D 74 1.83 -18.30 -42.64
CA GLU D 74 1.40 -17.53 -43.79
C GLU D 74 0.10 -16.83 -43.44
N THR D 75 0.17 -15.51 -43.29
CA THR D 75 -1.00 -14.77 -42.84
C THR D 75 -2.10 -14.81 -43.85
N ALA D 76 -1.73 -14.85 -45.10
CA ALA D 76 -2.66 -14.84 -46.23
C ALA D 76 -3.64 -15.99 -46.21
N LYS D 77 -3.24 -17.13 -45.67
CA LYS D 77 -4.11 -18.29 -45.68
C LYS D 77 -4.51 -18.71 -44.29
N ASN D 78 -4.18 -17.92 -43.27
CA ASN D 78 -4.43 -18.35 -41.90
C ASN D 78 -3.78 -19.70 -41.63
N GLN D 79 -2.54 -19.90 -42.08
CA GLN D 79 -1.90 -21.19 -41.84
C GLN D 79 -0.60 -21.17 -41.09
N LEU D 80 -0.43 -22.21 -40.30
CA LEU D 80 0.78 -22.48 -39.55
C LEU D 80 1.46 -23.69 -40.10
N SER D 81 2.76 -23.74 -40.04
CA SER D 81 3.41 -24.98 -40.44
C SER D 81 4.60 -25.33 -39.57
N LEU D 82 4.82 -26.63 -39.50
CA LEU D 82 5.91 -27.25 -38.78
C LEU D 82 6.80 -28.06 -39.69
N ARG D 83 8.09 -27.82 -39.59
CA ARG D 83 9.08 -28.55 -40.35
C ARG D 83 10.17 -29.17 -39.48
N LEU D 84 10.34 -30.49 -39.59
CA LEU D 84 11.40 -31.19 -38.84
C LEU D 84 12.34 -31.93 -39.76
N SER D 85 13.63 -31.61 -39.67
CA SER D 85 14.62 -32.26 -40.52
C SER D 85 15.13 -33.51 -39.82
N SER D 86 15.82 -34.38 -40.56
CA SER D 86 16.45 -35.59 -40.01
C SER D 86 15.50 -36.38 -39.13
N VAL D 87 14.32 -36.63 -39.64
CA VAL D 87 13.26 -37.33 -38.94
C VAL D 87 13.55 -38.81 -38.73
N SER D 88 13.28 -39.29 -37.51
CA SER D 88 13.52 -40.70 -37.25
C SER D 88 12.35 -41.36 -36.54
N ALA D 89 12.54 -42.57 -36.07
CA ALA D 89 11.47 -43.34 -35.45
C ALA D 89 10.87 -42.63 -34.23
N ALA D 90 11.70 -41.88 -33.52
CA ALA D 90 11.32 -41.15 -32.31
C ALA D 90 10.33 -40.04 -32.60
N ASP D 91 10.21 -39.65 -33.86
CA ASP D 91 9.34 -38.57 -34.26
C ASP D 91 7.94 -39.06 -34.63
N THR D 92 7.69 -40.38 -34.53
CA THR D 92 6.33 -40.84 -34.79
C THR D 92 5.48 -40.27 -33.68
N ALA D 93 4.41 -39.59 -34.03
CA ALA D 93 3.59 -38.98 -33.01
C ALA D 93 2.29 -38.45 -33.56
N ILE D 94 1.36 -38.18 -32.66
CA ILE D 94 0.20 -37.42 -33.07
C ILE D 94 0.59 -35.99 -32.89
N TYR D 95 0.49 -35.22 -33.94
CA TYR D 95 0.83 -33.82 -33.88
C TYR D 95 -0.44 -33.04 -33.72
N TYR D 96 -0.38 -31.98 -32.92
CA TYR D 96 -1.50 -31.09 -32.70
C TYR D 96 -1.07 -29.64 -32.82
N CYS D 97 -1.95 -28.79 -33.34
CA CYS D 97 -1.83 -27.33 -33.29
C CYS D 97 -2.83 -26.82 -32.24
N ALA D 98 -2.49 -25.71 -31.59
CA ALA D 98 -3.36 -25.13 -30.57
C ALA D 98 -3.21 -23.61 -30.44
N ARG D 99 -4.26 -22.96 -29.98
CA ARG D 99 -4.23 -21.52 -29.76
C ARG D 99 -3.94 -21.17 -28.31
N GLU D 100 -3.04 -20.22 -28.09
CA GLU D 100 -2.73 -19.74 -26.74
C GLU D 100 -3.37 -18.41 -26.39
N GLY D 101 -4.28 -18.48 -25.43
CA GLY D 101 -5.06 -17.35 -24.93
C GLY D 101 -4.43 -16.89 -23.62
N TRP D 102 -5.05 -15.94 -22.93
CA TRP D 102 -4.48 -15.46 -21.68
C TRP D 102 -5.45 -14.78 -20.72
N VAL D 103 -5.03 -14.71 -19.46
CA VAL D 103 -5.72 -14.03 -18.38
C VAL D 103 -4.77 -12.94 -17.87
N PRO D 104 -5.14 -11.67 -17.75
CA PRO D 104 -4.24 -10.69 -17.19
C PRO D 104 -4.11 -11.13 -15.75
N ASP D 105 -2.95 -11.04 -15.15
CA ASP D 105 -2.81 -11.54 -13.79
C ASP D 105 -1.79 -10.73 -13.01
N TYR D 106 -1.58 -11.08 -11.76
CA TYR D 106 -0.69 -10.38 -10.87
C TYR D 106 0.76 -10.56 -11.28
N GLY D 107 1.04 -11.64 -11.98
CA GLY D 107 2.39 -11.97 -12.45
C GLY D 107 2.55 -11.73 -13.96
N GLY D 108 1.59 -11.09 -14.60
CA GLY D 108 1.64 -10.91 -16.06
C GLY D 108 0.70 -11.86 -16.74
N ARG D 109 0.60 -11.76 -18.06
CA ARG D 109 -0.39 -12.57 -18.75
C ARG D 109 -0.17 -14.04 -18.45
N ASN D 110 -1.25 -14.70 -18.07
CA ASN D 110 -1.25 -16.10 -17.71
C ASN D 110 -1.83 -16.89 -18.86
N TYR D 111 -0.96 -17.60 -19.55
CA TYR D 111 -1.28 -18.28 -20.79
C TYR D 111 -1.83 -19.69 -20.63
N TYR D 112 -2.74 -20.06 -21.54
CA TYR D 112 -3.36 -21.40 -21.61
C TYR D 112 -3.80 -21.78 -23.02
N LEU D 113 -3.98 -23.07 -23.31
CA LEU D 113 -4.41 -23.50 -24.64
C LEU D 113 -5.87 -23.94 -24.68
N ASP D 114 -6.73 -23.09 -25.23
CA ASP D 114 -8.15 -23.40 -25.25
C ASP D 114 -8.57 -24.21 -26.46
N PHE D 115 -8.25 -23.71 -27.64
CA PHE D 115 -8.62 -24.40 -28.87
C PHE D 115 -7.51 -25.26 -29.40
N TRP D 116 -7.84 -26.52 -29.60
CA TRP D 116 -6.93 -27.53 -30.14
C TRP D 116 -7.54 -28.07 -31.40
N GLY D 117 -6.71 -28.51 -32.33
CA GLY D 117 -7.22 -29.17 -33.51
C GLY D 117 -7.41 -30.65 -33.21
N GLN D 118 -7.77 -31.43 -34.22
CA GLN D 118 -7.98 -32.86 -33.99
C GLN D 118 -6.64 -33.58 -33.99
N GLY D 119 -5.70 -32.99 -34.70
CA GLY D 119 -4.37 -33.55 -34.81
C GLY D 119 -4.28 -34.53 -35.94
N THR D 120 -3.07 -34.99 -36.19
CA THR D 120 -2.83 -35.94 -37.25
C THR D 120 -1.66 -36.84 -36.91
N LEU D 121 -1.68 -38.06 -37.40
CA LEU D 121 -0.58 -38.99 -37.12
C LEU D 121 0.46 -39.02 -38.18
N VAL D 122 1.70 -38.89 -37.76
CA VAL D 122 2.78 -39.04 -38.68
C VAL D 122 3.58 -40.25 -38.28
N THR D 123 3.74 -41.15 -39.22
CA THR D 123 4.48 -42.39 -39.07
C THR D 123 5.81 -42.28 -39.73
N VAL D 124 6.87 -42.65 -39.02
CA VAL D 124 8.16 -42.63 -39.66
C VAL D 124 8.62 -44.07 -39.82
N SER D 125 8.83 -44.49 -41.07
CA SER D 125 9.19 -45.89 -41.34
C SER D 125 9.86 -46.09 -42.71
N SER D 126 10.49 -47.27 -42.91
CA SER D 126 11.16 -47.71 -44.15
C SER D 126 10.29 -48.69 -44.96
N GLN E 1 -32.69 4.48 26.37
CA GLN E 1 -33.68 3.44 26.08
C GLN E 1 -33.37 2.11 26.77
N VAL E 2 -32.10 1.64 26.70
CA VAL E 2 -31.68 0.33 27.22
C VAL E 2 -31.42 0.36 28.70
N GLN E 3 -32.08 -0.54 29.41
CA GLN E 3 -31.91 -0.65 30.84
C GLN E 3 -31.71 -2.08 31.24
N LEU E 4 -30.94 -2.28 32.28
CA LEU E 4 -30.72 -3.61 32.80
C LEU E 4 -31.14 -3.59 34.26
N ARG E 5 -31.95 -4.56 34.68
CA ARG E 5 -32.41 -4.60 36.07
C ARG E 5 -32.04 -5.92 36.72
N GLU E 6 -31.69 -5.89 38.00
CA GLU E 6 -31.31 -7.16 38.63
C GLU E 6 -32.04 -7.50 39.91
N SER E 7 -32.14 -8.80 40.17
CA SER E 7 -32.73 -9.33 41.39
C SER E 7 -32.05 -10.63 41.80
N GLY E 8 -32.29 -11.02 43.04
CA GLY E 8 -31.72 -12.25 43.59
C GLY E 8 -32.14 -12.39 45.05
N PRO E 9 -31.73 -13.47 45.74
CA PRO E 9 -32.08 -13.82 47.11
C PRO E 9 -31.55 -12.87 48.17
N GLY E 10 -30.52 -12.10 47.85
CA GLY E 10 -29.92 -11.19 48.82
C GLY E 10 -28.94 -11.95 49.72
N LEU E 11 -29.45 -12.90 50.48
CA LEU E 11 -28.64 -13.70 51.38
C LEU E 11 -28.46 -15.14 50.91
N VAL E 12 -27.20 -15.56 50.88
CA VAL E 12 -26.79 -16.91 50.52
C VAL E 12 -25.98 -17.47 51.70
N LYS E 13 -26.21 -18.71 52.08
CA LYS E 13 -25.42 -19.26 53.18
C LYS E 13 -24.15 -19.86 52.59
N PRO E 14 -23.06 -19.99 53.35
CA PRO E 14 -21.87 -20.65 52.92
C PRO E 14 -22.23 -22.04 52.45
N SER E 15 -21.57 -22.45 51.38
CA SER E 15 -21.69 -23.73 50.69
C SER E 15 -22.99 -23.88 49.90
N GLN E 16 -23.78 -22.82 49.80
CA GLN E 16 -24.98 -22.85 48.99
C GLN E 16 -24.70 -22.27 47.62
N THR E 17 -25.71 -22.30 46.77
CA THR E 17 -25.58 -21.76 45.44
C THR E 17 -26.18 -20.37 45.35
N LEU E 18 -25.40 -19.46 44.78
CA LEU E 18 -25.79 -18.08 44.56
C LEU E 18 -26.42 -18.00 43.19
N SER E 19 -27.58 -17.38 43.10
CA SER E 19 -28.24 -17.28 41.81
C SER E 19 -28.88 -15.93 41.58
N LEU E 20 -28.41 -15.25 40.54
CA LEU E 20 -28.89 -13.92 40.19
C LEU E 20 -29.47 -13.86 38.80
N THR E 21 -30.50 -13.04 38.63
CA THR E 21 -31.11 -12.85 37.31
C THR E 21 -31.16 -11.37 36.91
N CYS E 22 -30.72 -11.07 35.66
CA CYS E 22 -30.72 -9.77 35.01
C CYS E 22 -31.77 -9.74 33.90
N THR E 23 -32.61 -8.73 33.92
CA THR E 23 -33.62 -8.61 32.90
C THR E 23 -33.23 -7.45 32.00
N VAL E 24 -33.19 -7.75 30.72
CA VAL E 24 -32.80 -6.79 29.72
C VAL E 24 -34.06 -6.14 29.16
N SER E 25 -34.10 -4.81 29.10
CA SER E 25 -35.26 -4.10 28.59
C SER E 25 -34.88 -3.03 27.58
N GLY E 26 -35.52 -3.07 26.40
CA GLY E 26 -35.25 -2.10 25.34
C GLY E 26 -34.18 -2.59 24.36
N ASP E 27 -33.67 -3.80 24.58
CA ASP E 27 -32.62 -4.41 23.76
C ASP E 27 -32.86 -5.91 23.63
N SER E 28 -33.32 -6.39 22.46
CA SER E 28 -33.63 -7.81 22.37
C SER E 28 -32.37 -8.65 22.60
N ILE E 29 -32.44 -9.53 23.59
CA ILE E 29 -31.27 -10.25 24.03
C ILE E 29 -30.74 -11.17 22.94
N SER E 30 -31.66 -11.72 22.14
CA SER E 30 -31.37 -12.65 21.07
C SER E 30 -31.13 -12.04 19.70
N ASN E 31 -31.35 -10.75 19.53
CA ASN E 31 -31.22 -10.19 18.19
C ASN E 31 -30.04 -9.26 18.03
N GLY E 32 -29.62 -8.60 19.11
CA GLY E 32 -28.56 -7.61 19.00
C GLY E 32 -27.23 -8.17 18.48
N GLY E 33 -26.92 -9.43 18.82
CA GLY E 33 -25.66 -10.01 18.39
C GLY E 33 -24.52 -9.49 19.27
N LEU E 34 -24.88 -9.08 20.47
CA LEU E 34 -23.98 -8.48 21.44
C LEU E 34 -23.64 -9.46 22.52
N TYR E 35 -22.61 -9.18 23.30
CA TYR E 35 -22.30 -10.09 24.39
C TYR E 35 -22.83 -9.54 25.70
N TRP E 36 -23.34 -10.42 26.52
CA TRP E 36 -23.87 -10.02 27.80
C TRP E 36 -22.92 -10.42 28.93
N ASN E 37 -22.53 -9.48 29.77
CA ASN E 37 -21.53 -9.71 30.81
C ASN E 37 -22.00 -9.64 32.24
N TRP E 38 -21.30 -10.39 33.10
CA TRP E 38 -21.42 -10.29 34.55
C TRP E 38 -20.08 -9.77 35.10
N ILE E 39 -20.16 -8.83 36.03
CA ILE E 39 -19.03 -8.19 36.72
C ILE E 39 -19.37 -8.04 38.21
N ARG E 40 -18.39 -8.11 39.11
CA ARG E 40 -18.69 -7.86 40.53
C ARG E 40 -17.64 -7.07 41.29
N GLN E 41 -18.05 -6.45 42.40
CA GLN E 41 -17.11 -5.79 43.32
C GLN E 41 -17.21 -6.28 44.75
N ARG E 42 -16.13 -6.85 45.23
CA ARG E 42 -16.08 -7.35 46.59
C ARG E 42 -15.84 -6.09 47.42
N PRO E 43 -16.14 -6.03 48.70
CA PRO E 43 -15.83 -4.87 49.52
C PRO E 43 -14.34 -4.56 49.45
N GLY E 44 -13.98 -3.27 49.34
CA GLY E 44 -12.57 -2.84 49.31
C GLY E 44 -11.92 -2.92 47.92
N ARG E 45 -12.12 -4.07 47.29
CA ARG E 45 -11.59 -4.46 46.01
C ARG E 45 -12.28 -3.78 44.79
N GLY E 46 -11.59 -3.80 43.65
CA GLY E 46 -12.11 -3.18 42.44
C GLY E 46 -12.94 -4.13 41.59
N LEU E 47 -13.17 -3.74 40.34
CA LEU E 47 -14.02 -4.51 39.45
C LEU E 47 -13.37 -5.81 39.01
N GLU E 48 -14.13 -6.90 39.10
CA GLU E 48 -13.69 -8.20 38.65
C GLU E 48 -14.67 -8.73 37.62
N TRP E 49 -14.17 -9.09 36.45
CA TRP E 49 -15.03 -9.63 35.43
C TRP E 49 -15.37 -11.08 35.77
N ILE E 50 -16.62 -11.47 35.62
CA ILE E 50 -17.06 -12.82 35.92
C ILE E 50 -17.13 -13.72 34.71
N GLY E 51 -17.78 -13.23 33.67
CA GLY E 51 -17.99 -14.03 32.47
C GLY E 51 -19.00 -13.39 31.54
N TYR E 52 -19.24 -14.05 30.40
CA TYR E 52 -20.23 -13.56 29.45
C TYR E 52 -20.84 -14.62 28.60
N ILE E 53 -21.98 -14.28 28.05
CA ILE E 53 -22.70 -15.13 27.12
C ILE E 53 -23.04 -14.37 25.84
N TYR E 54 -22.96 -15.03 24.70
CA TYR E 54 -23.26 -14.40 23.44
C TYR E 54 -24.76 -14.39 23.29
N TYR E 55 -25.31 -13.87 22.20
CA TYR E 55 -26.78 -13.86 22.11
C TYR E 55 -27.31 -15.31 22.06
N ASN E 56 -26.47 -16.21 21.57
CA ASN E 56 -26.73 -17.63 21.48
C ASN E 56 -26.10 -18.21 22.74
N GLY E 57 -26.00 -19.52 22.85
CA GLY E 57 -25.50 -20.09 24.10
C GLY E 57 -23.96 -20.11 24.29
N VAL E 58 -23.18 -19.57 23.35
CA VAL E 58 -21.75 -19.66 23.55
C VAL E 58 -21.40 -18.84 24.78
N THR E 59 -20.70 -19.47 25.71
CA THR E 59 -20.38 -18.83 26.98
C THR E 59 -18.91 -18.95 27.35
N THR E 60 -18.33 -17.89 27.91
CA THR E 60 -16.96 -17.88 28.39
C THR E 60 -16.93 -17.45 29.85
N TYR E 61 -15.87 -17.84 30.57
CA TYR E 61 -15.77 -17.49 31.99
C TYR E 61 -14.40 -17.05 32.42
N ASN E 62 -14.34 -16.31 33.53
CA ASN E 62 -13.09 -15.99 34.18
C ASN E 62 -12.55 -17.29 34.72
N PRO E 63 -11.37 -17.78 34.32
CA PRO E 63 -10.78 -19.05 34.73
C PRO E 63 -10.74 -19.26 36.24
N SER E 64 -10.67 -18.20 37.05
CA SER E 64 -10.60 -18.39 38.50
C SER E 64 -11.87 -19.02 39.07
N LEU E 65 -12.96 -18.93 38.33
CA LEU E 65 -14.24 -19.48 38.72
C LEU E 65 -14.58 -20.72 37.92
N ARG E 66 -13.63 -21.29 37.18
CA ARG E 66 -13.97 -22.40 36.31
C ARG E 66 -14.57 -23.62 37.01
N SER E 67 -14.27 -23.84 38.29
CA SER E 67 -14.83 -24.97 39.00
C SER E 67 -16.18 -24.67 39.65
N ARG E 68 -16.59 -23.39 39.67
CA ARG E 68 -17.79 -22.94 40.36
C ARG E 68 -18.88 -22.24 39.53
N ILE E 69 -18.56 -21.75 38.35
CA ILE E 69 -19.50 -20.90 37.61
C ILE E 69 -20.20 -21.45 36.39
N ALA E 70 -21.45 -21.03 36.26
CA ALA E 70 -22.27 -21.28 35.09
C ALA E 70 -23.07 -20.02 34.75
N ILE E 71 -23.18 -19.72 33.46
CA ILE E 71 -23.96 -18.60 32.92
C ILE E 71 -24.87 -19.10 31.82
N SER E 72 -26.09 -18.59 31.80
CA SER E 72 -27.05 -18.99 30.77
C SER E 72 -28.05 -17.88 30.48
N LEU E 73 -28.76 -17.99 29.36
CA LEU E 73 -29.80 -17.02 29.08
C LEU E 73 -31.07 -17.67 28.58
N GLU E 74 -32.19 -17.00 28.84
CA GLU E 74 -33.49 -17.39 28.34
C GLU E 74 -33.97 -16.32 27.38
N THR E 75 -34.01 -16.64 26.10
CA THR E 75 -34.35 -15.63 25.11
C THR E 75 -35.76 -15.16 25.24
N ALA E 76 -36.62 -16.08 25.66
CA ALA E 76 -38.05 -15.83 25.80
C ALA E 76 -38.37 -14.70 26.75
N LYS E 77 -37.55 -14.48 27.76
CA LYS E 77 -37.83 -13.46 28.74
C LYS E 77 -36.80 -12.34 28.72
N ASN E 78 -35.90 -12.35 27.74
CA ASN E 78 -34.81 -11.38 27.76
C ASN E 78 -34.04 -11.44 29.08
N GLN E 79 -33.75 -12.65 29.56
CA GLN E 79 -33.02 -12.73 30.83
C GLN E 79 -31.72 -13.49 30.81
N LEU E 80 -30.81 -12.98 31.62
CA LEU E 80 -29.50 -13.57 31.87
C LEU E 80 -29.44 -14.09 33.27
N SER E 81 -28.71 -15.15 33.49
CA SER E 81 -28.51 -15.56 34.86
C SER E 81 -27.11 -16.06 35.15
N LEU E 82 -26.75 -15.88 36.41
CA LEU E 82 -25.49 -16.29 36.98
C LEU E 82 -25.66 -17.26 38.11
N ARG E 83 -24.94 -18.36 38.05
CA ARG E 83 -24.96 -19.37 39.09
C ARG E 83 -23.58 -19.71 39.62
N LEU E 84 -23.37 -19.56 40.93
CA LEU E 84 -22.09 -19.91 41.55
C LEU E 84 -22.26 -20.95 42.64
N SER E 85 -21.57 -22.08 42.51
CA SER E 85 -21.66 -23.14 43.49
C SER E 85 -20.62 -22.92 44.57
N SER E 86 -20.76 -23.62 45.70
CA SER E 86 -19.79 -23.58 46.79
C SER E 86 -19.43 -22.15 47.20
N VAL E 87 -20.44 -21.34 47.39
CA VAL E 87 -20.29 -19.94 47.72
C VAL E 87 -19.74 -19.69 49.11
N SER E 88 -18.79 -18.77 49.21
CA SER E 88 -18.23 -18.48 50.53
C SER E 88 -18.14 -16.99 50.80
N ALA E 89 -17.47 -16.60 51.87
CA ALA E 89 -17.39 -15.20 52.28
C ALA E 89 -16.78 -14.31 51.19
N ALA E 90 -15.86 -14.87 50.42
CA ALA E 90 -15.15 -14.16 49.36
C ALA E 90 -16.08 -13.75 48.22
N ASP E 91 -17.26 -14.35 48.16
CA ASP E 91 -18.21 -14.09 47.10
C ASP E 91 -19.17 -12.96 47.47
N THR E 92 -19.02 -12.36 48.65
CA THR E 92 -19.88 -11.22 48.96
C THR E 92 -19.47 -10.12 48.00
N ALA E 93 -20.42 -9.57 47.29
CA ALA E 93 -20.08 -8.55 46.31
C ALA E 93 -21.30 -7.85 45.76
N ILE E 94 -21.07 -6.72 45.13
CA ILE E 94 -22.13 -6.14 44.34
C ILE E 94 -21.99 -6.75 42.98
N TYR E 95 -23.04 -7.37 42.51
CA TYR E 95 -23.02 -7.98 41.21
C TYR E 95 -23.66 -7.04 40.25
N TYR E 96 -23.12 -6.98 39.03
CA TYR E 96 -23.65 -6.17 37.97
C TYR E 96 -23.74 -6.97 36.67
N CYS E 97 -24.77 -6.70 35.86
CA CYS E 97 -24.88 -7.15 34.48
C CYS E 97 -24.59 -5.94 33.57
N ALA E 98 -24.02 -6.20 32.39
CA ALA E 98 -23.71 -5.14 31.44
C ALA E 98 -23.75 -5.61 29.98
N ARG E 99 -24.00 -4.67 29.09
CA ARG E 99 -24.02 -4.96 27.66
C ARG E 99 -22.71 -4.61 27.00
N GLU E 100 -22.19 -5.51 26.16
CA GLU E 100 -20.97 -5.26 25.40
C GLU E 100 -21.20 -4.90 23.94
N GLY E 101 -20.86 -3.66 23.62
CA GLY E 101 -21.01 -3.06 22.29
C GLY E 101 -19.65 -3.09 21.62
N TRP E 102 -19.54 -2.49 20.43
CA TRP E 102 -18.26 -2.50 19.74
C TRP E 102 -18.06 -1.41 18.69
N VAL E 103 -16.79 -1.17 18.36
CA VAL E 103 -16.34 -0.26 17.32
C VAL E 103 -15.58 -1.10 16.29
N PRO E 104 -15.86 -1.07 15.00
CA PRO E 104 -15.07 -1.80 14.05
C PRO E 104 -13.73 -1.12 14.12
N ASP E 105 -12.63 -1.83 14.05
CA ASP E 105 -11.34 -1.18 14.19
C ASP E 105 -10.27 -1.88 13.36
N TYR E 106 -9.06 -1.36 13.41
CA TYR E 106 -7.96 -1.88 12.63
C TYR E 106 -7.52 -3.25 13.12
N GLY E 107 -7.80 -3.53 14.39
CA GLY E 107 -7.45 -4.80 15.02
C GLY E 107 -8.66 -5.71 15.21
N GLY E 108 -9.81 -5.38 14.62
CA GLY E 108 -11.03 -6.16 14.84
C GLY E 108 -11.95 -5.44 15.78
N ARG E 109 -13.13 -6.01 16.01
CA ARG E 109 -14.09 -5.30 16.82
C ARG E 109 -13.51 -4.96 18.17
N ASN E 110 -13.66 -3.70 18.55
CA ASN E 110 -13.15 -3.17 19.79
C ASN E 110 -14.30 -3.02 20.75
N TYR E 111 -14.32 -3.90 21.74
CA TYR E 111 -15.43 -4.03 22.66
C TYR E 111 -15.36 -3.12 23.89
N TYR E 112 -16.55 -2.69 24.34
CA TYR E 112 -16.73 -1.86 25.55
C TYR E 112 -18.09 -2.06 26.22
N LEU E 113 -18.23 -1.71 27.50
CA LEU E 113 -19.50 -1.87 28.19
C LEU E 113 -20.24 -0.55 28.40
N ASP E 114 -21.28 -0.30 27.62
CA ASP E 114 -21.98 0.96 27.71
C ASP E 114 -23.10 0.95 28.73
N PHE E 115 -24.00 0.00 28.61
CA PHE E 115 -25.13 -0.10 29.53
C PHE E 115 -24.86 -1.07 30.65
N TRP E 116 -25.02 -0.56 31.86
CA TRP E 116 -24.85 -1.31 33.09
C TRP E 116 -26.15 -1.26 33.85
N GLY E 117 -26.43 -2.28 34.63
CA GLY E 117 -27.59 -2.24 35.49
C GLY E 117 -27.21 -1.55 36.79
N GLN E 118 -28.13 -1.52 37.75
CA GLN E 118 -27.84 -0.87 39.02
C GLN E 118 -27.03 -1.81 39.90
N GLY E 119 -27.23 -3.09 39.67
CA GLY E 119 -26.55 -4.12 40.43
C GLY E 119 -27.31 -4.47 41.68
N THR E 120 -26.82 -5.49 42.36
CA THR E 120 -27.44 -5.96 43.58
C THR E 120 -26.41 -6.54 44.52
N LEU E 121 -26.65 -6.44 45.81
CA LEU E 121 -25.71 -6.99 46.78
C LEU E 121 -26.06 -8.36 47.25
N VAL E 122 -25.07 -9.24 47.18
CA VAL E 122 -25.27 -10.55 47.73
C VAL E 122 -24.33 -10.72 48.90
N THR E 123 -24.91 -11.06 50.04
CA THR E 123 -24.20 -11.28 51.28
C THR E 123 -24.09 -12.75 51.54
N VAL E 124 -22.88 -13.21 51.87
CA VAL E 124 -22.75 -14.61 52.21
C VAL E 124 -22.44 -14.70 53.70
N SER E 125 -23.32 -15.37 54.44
CA SER E 125 -23.14 -15.42 55.90
C SER E 125 -23.91 -16.58 56.55
N SER E 126 -23.58 -16.90 57.83
CA SER E 126 -24.22 -17.95 58.66
C SER E 126 -25.21 -17.34 59.69
N ASP F 1 14.44 -27.03 -18.63
CA ASP F 1 13.96 -25.84 -17.93
C ASP F 1 13.22 -26.28 -16.63
N ILE F 2 11.97 -25.80 -16.35
CA ILE F 2 11.23 -26.16 -15.14
C ILE F 2 10.50 -27.46 -15.40
N GLN F 3 10.80 -28.46 -14.59
CA GLN F 3 10.21 -29.74 -14.81
C GLN F 3 9.01 -29.93 -13.95
N MET F 4 8.08 -30.72 -14.45
CA MET F 4 6.88 -31.01 -13.71
C MET F 4 6.72 -32.46 -13.32
N THR F 5 6.47 -32.68 -12.04
CA THR F 5 6.23 -34.01 -11.52
C THR F 5 4.77 -34.16 -11.17
N GLN F 6 4.15 -35.15 -11.77
CA GLN F 6 2.75 -35.40 -11.52
C GLN F 6 2.59 -36.71 -10.80
N SER F 7 1.70 -36.74 -9.81
CA SER F 7 1.47 -37.94 -9.01
C SER F 7 0.05 -37.95 -8.46
N PRO F 8 -0.65 -39.09 -8.39
CA PRO F 8 -0.34 -40.48 -8.71
C PRO F 8 -0.16 -40.71 -10.20
N SER F 9 0.47 -41.83 -10.57
CA SER F 9 0.58 -42.15 -11.98
C SER F 9 -0.74 -42.69 -12.51
N SER F 10 -1.53 -43.28 -11.61
CA SER F 10 -2.83 -43.79 -11.93
C SER F 10 -3.69 -43.83 -10.69
N LEU F 11 -4.99 -43.69 -10.92
CA LEU F 11 -6.03 -43.76 -9.90
C LEU F 11 -7.12 -44.72 -10.30
N SER F 12 -7.78 -45.27 -9.30
CA SER F 12 -8.96 -46.08 -9.52
C SER F 12 -9.97 -45.70 -8.48
N ALA F 13 -11.14 -45.29 -8.93
CA ALA F 13 -12.17 -44.85 -7.99
C ALA F 13 -13.55 -45.16 -8.50
N SER F 14 -14.49 -45.30 -7.58
CA SER F 14 -15.86 -45.63 -7.92
C SER F 14 -16.69 -44.44 -8.28
N VAL F 15 -17.80 -44.68 -8.94
CA VAL F 15 -18.68 -43.59 -9.23
C VAL F 15 -19.21 -43.04 -7.91
N GLY F 16 -19.12 -41.73 -7.76
CA GLY F 16 -19.53 -40.99 -6.58
C GLY F 16 -18.36 -40.63 -5.67
N ASP F 17 -17.20 -41.25 -5.87
CA ASP F 17 -15.99 -41.00 -5.08
C ASP F 17 -15.34 -39.68 -5.42
N ARG F 18 -14.57 -39.16 -4.48
CA ARG F 18 -13.78 -37.97 -4.72
C ARG F 18 -12.32 -38.34 -4.74
N VAL F 19 -11.60 -37.83 -5.72
CA VAL F 19 -10.17 -38.10 -5.82
C VAL F 19 -9.34 -36.86 -6.02
N THR F 20 -8.06 -36.97 -5.71
CA THR F 20 -7.16 -35.87 -6.00
C THR F 20 -5.93 -36.34 -6.75
N ILE F 21 -5.44 -35.43 -7.60
CA ILE F 21 -4.23 -35.57 -8.41
C ILE F 21 -3.37 -34.35 -8.13
N THR F 22 -2.08 -34.49 -7.92
CA THR F 22 -1.30 -33.27 -7.67
C THR F 22 -0.17 -33.02 -8.68
N CYS F 23 0.28 -31.75 -8.74
CA CYS F 23 1.39 -31.23 -9.55
C CYS F 23 2.47 -30.63 -8.64
N ARG F 24 3.71 -31.00 -8.88
CA ARG F 24 4.79 -30.38 -8.14
C ARG F 24 5.80 -29.82 -9.13
N ALA F 25 6.08 -28.54 -9.00
CA ALA F 25 7.00 -27.91 -9.94
C ALA F 25 8.38 -27.89 -9.35
N SER F 26 9.41 -28.01 -10.20
CA SER F 26 10.78 -27.90 -9.71
C SER F 26 11.13 -26.47 -9.30
N HIS F 27 10.33 -25.50 -9.76
CA HIS F 27 10.53 -24.09 -9.46
C HIS F 27 9.22 -23.37 -9.20
N ASN F 28 9.30 -22.11 -8.83
CA ASN F 28 8.12 -21.33 -8.54
C ASN F 28 7.43 -20.90 -9.81
N ILE F 29 6.23 -21.43 -10.05
CA ILE F 29 5.52 -21.12 -11.27
C ILE F 29 4.32 -20.21 -11.03
N GLN F 30 4.28 -19.55 -9.88
CA GLN F 30 3.38 -18.45 -9.55
C GLN F 30 1.95 -18.43 -10.07
N ASN F 31 1.12 -19.44 -9.82
CA ASN F 31 -0.27 -19.47 -10.34
C ASN F 31 -0.41 -19.61 -11.86
N PHE F 32 0.60 -20.16 -12.54
CA PHE F 32 0.58 -20.39 -13.98
C PHE F 32 0.43 -21.87 -14.36
N LEU F 33 -0.30 -22.61 -13.55
CA LEU F 33 -0.55 -24.03 -13.83
C LEU F 33 -1.89 -24.27 -14.50
N ASN F 34 -1.87 -25.00 -15.60
CA ASN F 34 -3.13 -25.36 -16.25
C ASN F 34 -3.33 -26.89 -16.18
N TRP F 35 -4.59 -27.33 -16.05
CA TRP F 35 -4.88 -28.76 -16.07
C TRP F 35 -5.66 -29.14 -17.29
N TYR F 36 -5.28 -30.27 -17.90
CA TYR F 36 -5.96 -30.77 -19.09
C TYR F 36 -6.49 -32.18 -18.95
N GLN F 37 -7.64 -32.44 -19.58
CA GLN F 37 -8.28 -33.76 -19.61
C GLN F 37 -8.21 -34.43 -20.97
N GLN F 38 -7.50 -35.53 -21.09
CA GLN F 38 -7.40 -36.16 -22.39
C GLN F 38 -8.11 -37.49 -22.49
N LYS F 39 -9.20 -37.50 -23.24
CA LYS F 39 -9.94 -38.73 -23.42
C LYS F 39 -9.29 -39.43 -24.61
N PRO F 40 -9.29 -40.76 -24.68
CA PRO F 40 -8.71 -41.48 -25.79
C PRO F 40 -9.30 -41.03 -27.10
N GLY F 41 -8.44 -40.81 -28.08
CA GLY F 41 -8.86 -40.40 -29.42
C GLY F 41 -9.07 -38.89 -29.57
N LYS F 42 -8.89 -38.13 -28.49
CA LYS F 42 -9.11 -36.69 -28.56
C LYS F 42 -7.91 -35.85 -28.15
N ALA F 43 -7.86 -34.62 -28.67
CA ALA F 43 -6.87 -33.66 -28.24
C ALA F 43 -7.23 -33.31 -26.80
N PRO F 44 -6.29 -32.96 -25.91
CA PRO F 44 -6.57 -32.58 -24.55
C PRO F 44 -7.51 -31.41 -24.45
N LYS F 45 -8.42 -31.45 -23.47
CA LYS F 45 -9.34 -30.35 -23.22
C LYS F 45 -8.89 -29.58 -21.99
N LEU F 46 -8.96 -28.27 -22.04
CA LEU F 46 -8.62 -27.50 -20.85
C LEU F 46 -9.71 -27.56 -19.83
N LEU F 47 -9.34 -27.89 -18.59
CA LEU F 47 -10.29 -27.89 -17.49
C LEU F 47 -10.11 -26.68 -16.61
N ILE F 48 -8.88 -26.52 -16.15
CA ILE F 48 -8.56 -25.49 -15.19
C ILE F 48 -7.42 -24.62 -15.66
N TYR F 49 -7.58 -23.32 -15.59
CA TYR F 49 -6.48 -22.46 -15.94
C TYR F 49 -6.12 -21.52 -14.83
N ALA F 50 -4.88 -21.09 -14.86
CA ALA F 50 -4.40 -20.17 -13.83
C ALA F 50 -4.67 -20.73 -12.43
N ALA F 51 -4.32 -22.01 -12.22
CA ALA F 51 -4.44 -22.78 -10.98
C ALA F 51 -5.85 -23.18 -10.58
N SER F 52 -6.79 -22.24 -10.52
CA SER F 52 -8.13 -22.55 -10.01
C SER F 52 -9.34 -22.09 -10.82
N THR F 53 -9.18 -21.56 -12.02
CA THR F 53 -10.35 -21.05 -12.73
C THR F 53 -10.87 -22.08 -13.72
N LEU F 54 -12.16 -22.38 -13.69
CA LEU F 54 -12.61 -23.37 -14.65
C LEU F 54 -12.86 -22.76 -16.00
N GLN F 55 -12.56 -23.53 -17.02
CA GLN F 55 -12.86 -23.14 -18.37
C GLN F 55 -14.34 -23.24 -18.60
N SER F 56 -14.86 -22.34 -19.42
CA SER F 56 -16.28 -22.38 -19.68
C SER F 56 -16.68 -23.73 -20.23
N GLY F 57 -17.78 -24.28 -19.71
CA GLY F 57 -18.29 -25.57 -20.15
C GLY F 57 -17.81 -26.74 -19.30
N VAL F 58 -16.84 -26.50 -18.42
CA VAL F 58 -16.32 -27.54 -17.56
C VAL F 58 -17.26 -27.79 -16.38
N PRO F 59 -17.68 -29.03 -16.11
CA PRO F 59 -18.57 -29.38 -15.03
C PRO F 59 -18.04 -28.92 -13.69
N SER F 60 -18.96 -28.50 -12.82
CA SER F 60 -18.71 -27.96 -11.49
C SER F 60 -18.07 -28.93 -10.52
N ARG F 61 -18.05 -30.20 -10.88
CA ARG F 61 -17.43 -31.23 -10.05
C ARG F 61 -15.91 -31.06 -10.05
N PHE F 62 -15.39 -30.35 -11.04
CA PHE F 62 -13.95 -30.14 -11.13
C PHE F 62 -13.58 -28.87 -10.41
N SER F 63 -12.49 -28.93 -9.67
CA SER F 63 -11.97 -27.76 -8.99
C SER F 63 -10.51 -27.97 -8.71
N GLY F 64 -9.85 -26.95 -8.22
CA GLY F 64 -8.46 -27.10 -7.87
C GLY F 64 -7.94 -25.82 -7.28
N SER F 65 -6.75 -25.91 -6.73
CA SER F 65 -6.10 -24.79 -6.09
C SER F 65 -4.63 -25.02 -5.92
N GLY F 66 -3.90 -23.99 -5.56
CA GLY F 66 -2.49 -24.19 -5.29
C GLY F 66 -1.73 -22.90 -5.21
N SER F 67 -0.45 -23.03 -4.96
CA SER F 67 0.43 -21.89 -4.84
C SER F 67 1.79 -22.26 -5.37
N ARG F 68 2.76 -21.41 -5.14
CA ARG F 68 4.07 -21.70 -5.68
C ARG F 68 4.51 -23.12 -5.37
N THR F 69 4.91 -23.82 -6.43
CA THR F 69 5.45 -25.19 -6.47
C THR F 69 4.49 -26.35 -6.18
N ASP F 70 3.24 -26.09 -5.75
CA ASP F 70 2.33 -27.19 -5.40
C ASP F 70 0.86 -26.94 -5.69
N PHE F 71 0.29 -27.77 -6.55
CA PHE F 71 -1.11 -27.62 -6.95
C PHE F 71 -1.92 -28.92 -6.93
N THR F 72 -3.21 -28.80 -6.64
CA THR F 72 -4.09 -29.97 -6.62
C THR F 72 -5.34 -29.87 -7.47
N LEU F 73 -5.62 -30.96 -8.19
CA LEU F 73 -6.84 -31.17 -8.96
C LEU F 73 -7.75 -32.05 -8.17
N THR F 74 -8.94 -31.56 -7.91
CA THR F 74 -9.91 -32.33 -7.16
C THR F 74 -11.11 -32.63 -8.02
N ILE F 75 -11.47 -33.90 -8.07
CA ILE F 75 -12.63 -34.25 -8.85
C ILE F 75 -13.63 -34.92 -7.93
N SER F 76 -14.76 -34.26 -7.66
CA SER F 76 -15.74 -34.84 -6.76
C SER F 76 -16.83 -35.53 -7.54
N SER F 77 -17.63 -36.38 -6.88
CA SER F 77 -18.76 -36.99 -7.54
C SER F 77 -18.38 -37.58 -8.89
N LEU F 78 -17.33 -38.42 -8.93
CA LEU F 78 -16.89 -38.97 -10.21
C LEU F 78 -17.96 -39.70 -10.93
N GLN F 79 -18.09 -39.42 -12.22
CA GLN F 79 -19.08 -40.08 -13.06
C GLN F 79 -18.37 -41.03 -14.01
N PRO F 80 -19.04 -42.04 -14.61
CA PRO F 80 -18.48 -42.95 -15.60
C PRO F 80 -17.79 -42.22 -16.75
N GLU F 81 -18.28 -41.03 -17.09
CA GLU F 81 -17.74 -40.19 -18.15
C GLU F 81 -16.37 -39.56 -17.87
N ASP F 82 -15.95 -39.50 -16.61
CA ASP F 82 -14.71 -38.82 -16.22
C ASP F 82 -13.49 -39.73 -16.32
N PHE F 83 -13.38 -40.41 -17.45
CA PHE F 83 -12.29 -41.30 -17.75
C PHE F 83 -11.32 -40.59 -18.62
N ALA F 84 -10.13 -40.34 -18.11
CA ALA F 84 -9.16 -39.58 -18.89
C ALA F 84 -7.78 -39.61 -18.28
N ALA F 85 -6.79 -39.23 -19.07
CA ALA F 85 -5.51 -38.94 -18.49
C ALA F 85 -5.55 -37.46 -18.10
N TYR F 86 -5.02 -37.11 -16.96
CA TYR F 86 -5.01 -35.70 -16.61
C TYR F 86 -3.60 -35.16 -16.62
N TYR F 87 -3.39 -33.99 -17.21
CA TYR F 87 -2.03 -33.46 -17.32
C TYR F 87 -1.81 -32.09 -16.67
N CYS F 88 -0.60 -31.91 -16.09
CA CYS F 88 -0.09 -30.67 -15.48
C CYS F 88 0.70 -29.85 -16.53
N GLN F 89 0.30 -28.60 -16.80
CA GLN F 89 1.05 -27.74 -17.74
C GLN F 89 1.62 -26.49 -17.07
N GLN F 90 2.91 -26.26 -17.24
CA GLN F 90 3.55 -25.11 -16.64
C GLN F 90 3.78 -24.02 -17.65
N SER F 91 3.00 -22.94 -17.56
CA SER F 91 3.00 -21.81 -18.48
C SER F 91 3.90 -20.66 -18.06
N TYR F 92 4.59 -20.82 -16.96
CA TYR F 92 5.41 -19.76 -16.40
C TYR F 92 6.54 -19.26 -17.32
N GLY F 93 7.34 -20.15 -17.93
CA GLY F 93 8.45 -19.73 -18.78
C GLY F 93 8.16 -19.93 -20.28
N LEU F 94 9.19 -19.72 -21.14
CA LEU F 94 8.97 -19.89 -22.59
C LEU F 94 8.95 -21.34 -23.04
N PRO F 95 9.90 -22.23 -22.62
CA PRO F 95 9.99 -23.60 -23.05
C PRO F 95 8.98 -24.40 -22.27
N ARG F 96 7.72 -24.18 -22.56
CA ARG F 96 6.61 -24.71 -21.79
C ARG F 96 6.68 -26.20 -21.63
N THR F 97 6.40 -26.70 -20.41
CA THR F 97 6.50 -28.15 -20.18
C THR F 97 5.24 -28.76 -19.57
N PHE F 98 5.15 -30.08 -19.68
CA PHE F 98 4.04 -30.86 -19.12
C PHE F 98 4.53 -31.97 -18.18
N GLY F 99 3.66 -32.40 -17.28
CA GLY F 99 3.92 -33.54 -16.41
C GLY F 99 3.65 -34.84 -17.17
N GLN F 100 3.73 -35.97 -16.49
CA GLN F 100 3.60 -37.28 -17.13
C GLN F 100 2.21 -37.73 -17.54
N GLY F 101 1.19 -37.28 -16.83
CA GLY F 101 -0.17 -37.67 -17.08
C GLY F 101 -0.65 -38.73 -16.11
N THR F 102 -1.74 -38.44 -15.42
CA THR F 102 -2.31 -39.35 -14.45
C THR F 102 -3.48 -40.08 -15.06
N ARG F 103 -3.47 -41.39 -15.01
CA ARG F 103 -4.57 -42.13 -15.64
C ARG F 103 -5.65 -42.53 -14.64
N LEU F 104 -6.83 -41.89 -14.74
CA LEU F 104 -7.94 -42.13 -13.82
C LEU F 104 -9.05 -42.99 -14.41
N GLU F 105 -9.21 -44.19 -13.80
CA GLU F 105 -10.20 -45.20 -14.16
C GLU F 105 -11.42 -45.11 -13.25
N ILE F 106 -12.61 -45.17 -13.85
CA ILE F 106 -13.85 -45.06 -13.08
C ILE F 106 -14.63 -46.39 -13.00
N LYS F 107 -15.04 -46.79 -11.77
CA LYS F 107 -15.82 -48.02 -11.45
C LYS F 107 -17.29 -47.68 -11.03
N ASP G 1 -4.13 -13.97 32.77
CA ASP G 1 -3.97 -13.54 31.39
C ASP G 1 -3.19 -12.19 31.35
N ILE G 2 -3.68 -11.13 30.64
CA ILE G 2 -2.99 -9.83 30.55
C ILE G 2 -3.39 -9.01 31.76
N GLN G 3 -2.41 -8.62 32.54
CA GLN G 3 -2.71 -7.89 33.74
C GLN G 3 -2.58 -6.42 33.52
N MET G 4 -3.37 -5.68 34.26
CA MET G 4 -3.32 -4.24 34.17
C MET G 4 -2.87 -3.55 35.43
N THR G 5 -1.89 -2.67 35.28
CA THR G 5 -1.37 -1.88 36.36
C THR G 5 -1.83 -0.45 36.21
N GLN G 6 -2.50 0.05 37.21
CA GLN G 6 -2.97 1.41 37.18
C GLN G 6 -2.25 2.23 38.22
N SER G 7 -1.89 3.45 37.86
CA SER G 7 -1.15 4.34 38.76
C SER G 7 -1.43 5.80 38.42
N PRO G 8 -1.57 6.71 39.38
CA PRO G 8 -1.47 6.66 40.84
C PRO G 8 -2.59 5.87 41.48
N SER G 9 -2.40 5.46 42.74
CA SER G 9 -3.49 4.77 43.43
C SER G 9 -4.54 5.77 43.88
N SER G 10 -4.10 7.00 44.09
CA SER G 10 -4.98 8.09 44.47
C SER G 10 -4.37 9.41 44.06
N LEU G 11 -5.26 10.35 43.78
CA LEU G 11 -4.94 11.73 43.44
C LEU G 11 -5.69 12.71 44.30
N SER G 12 -5.12 13.88 44.47
CA SER G 12 -5.79 14.98 45.13
C SER G 12 -5.49 16.23 44.34
N ALA G 13 -6.54 16.89 43.89
CA ALA G 13 -6.35 18.08 43.07
C ALA G 13 -7.46 19.08 43.31
N SER G 14 -7.15 20.35 43.06
CA SER G 14 -8.10 21.43 43.26
C SER G 14 -9.01 21.64 42.09
N VAL G 15 -10.11 22.33 42.33
CA VAL G 15 -10.97 22.66 41.23
C VAL G 15 -10.22 23.59 40.30
N GLY G 16 -10.25 23.24 39.02
CA GLY G 16 -9.57 23.95 37.95
C GLY G 16 -8.25 23.30 37.52
N ASP G 17 -7.72 22.40 38.35
CA ASP G 17 -6.47 21.69 38.08
C ASP G 17 -6.62 20.63 37.01
N ARG G 18 -5.50 20.29 36.39
CA ARG G 18 -5.47 19.21 35.42
C ARG G 18 -4.68 18.07 35.99
N VAL G 19 -5.21 16.85 35.87
CA VAL G 19 -4.50 15.68 36.37
C VAL G 19 -4.42 14.57 35.35
N THR G 20 -3.48 13.66 35.57
CA THR G 20 -3.42 12.49 34.74
C THR G 20 -3.34 11.21 35.56
N ILE G 21 -3.94 10.17 34.98
CA ILE G 21 -3.96 8.81 35.51
C ILE G 21 -3.47 7.89 34.40
N THR G 22 -2.60 6.94 34.67
CA THR G 22 -2.17 6.10 33.56
C THR G 22 -2.47 4.59 33.75
N CYS G 23 -2.47 3.85 32.61
CA CYS G 23 -2.65 2.40 32.48
C CYS G 23 -1.42 1.78 31.84
N ARG G 24 -0.92 0.71 32.43
CA ARG G 24 0.17 -0.02 31.81
C ARG G 24 -0.22 -1.47 31.68
N ALA G 25 -0.15 -1.98 30.47
CA ALA G 25 -0.56 -3.36 30.25
C ALA G 25 0.66 -4.25 30.28
N SER G 26 0.50 -5.48 30.76
CA SER G 26 1.60 -6.43 30.74
C SER G 26 1.92 -6.91 29.32
N HIS G 27 0.97 -6.70 28.40
CA HIS G 27 1.12 -7.10 27.00
C HIS G 27 0.54 -6.06 26.05
N ASN G 28 0.71 -6.27 24.76
CA ASN G 28 0.22 -5.35 23.77
C ASN G 28 -1.27 -5.48 23.59
N ILE G 29 -2.02 -4.45 23.99
CA ILE G 29 -3.46 -4.51 23.89
C ILE G 29 -4.02 -3.62 22.79
N GLN G 30 -3.17 -3.21 21.86
CA GLN G 30 -3.52 -2.59 20.58
C GLN G 30 -4.71 -1.63 20.50
N ASN G 31 -4.78 -0.56 21.27
CA ASN G 31 -5.93 0.38 21.22
C ASN G 31 -7.26 -0.18 21.74
N PHE G 32 -7.23 -1.22 22.58
CA PHE G 32 -8.42 -1.82 23.17
C PHE G 32 -8.59 -1.50 24.66
N LEU G 33 -8.18 -0.30 25.07
CA LEU G 33 -8.33 0.14 26.45
C LEU G 33 -9.56 1.02 26.66
N ASN G 34 -10.37 0.66 27.64
CA ASN G 34 -11.51 1.50 27.97
C ASN G 34 -11.33 2.11 29.38
N TRP G 35 -11.81 3.34 29.57
CA TRP G 35 -11.76 3.95 30.90
C TRP G 35 -13.14 4.13 31.48
N TYR G 36 -13.29 3.80 32.76
CA TYR G 36 -14.57 3.95 33.45
C TYR G 36 -14.52 4.83 34.70
N GLN G 37 -15.60 5.56 34.93
CA GLN G 37 -15.76 6.43 36.09
C GLN G 37 -16.77 5.90 37.09
N GLN G 38 -16.34 5.54 38.29
CA GLN G 38 -17.28 5.00 39.24
C GLN G 38 -17.55 5.89 40.44
N LYS G 39 -18.74 6.45 40.48
CA LYS G 39 -19.09 7.31 41.59
C LYS G 39 -19.64 6.39 42.66
N PRO G 40 -19.51 6.69 43.95
CA PRO G 40 -20.03 5.87 45.01
C PRO G 40 -21.50 5.63 44.83
N GLY G 41 -21.92 4.37 45.01
CA GLY G 41 -23.32 4.00 44.89
C GLY G 41 -23.79 3.71 43.47
N LYS G 42 -22.90 3.86 42.49
CA LYS G 42 -23.29 3.65 41.10
C LYS G 42 -22.44 2.61 40.37
N ALA G 43 -23.03 2.01 39.34
CA ALA G 43 -22.29 1.13 38.45
C ALA G 43 -21.33 2.02 37.69
N PRO G 44 -20.15 1.57 37.27
CA PRO G 44 -19.20 2.34 36.51
C PRO G 44 -19.78 2.89 35.23
N LYS G 45 -19.42 4.12 34.88
CA LYS G 45 -19.86 4.73 33.64
C LYS G 45 -18.71 4.73 32.65
N LEU G 46 -18.98 4.43 31.39
CA LEU G 46 -17.92 4.50 30.41
C LEU G 46 -17.61 5.92 30.02
N LEU G 47 -16.33 6.28 30.06
CA LEU G 47 -15.90 7.61 29.65
C LEU G 47 -15.24 7.56 28.30
N ILE G 48 -14.24 6.70 28.20
CA ILE G 48 -13.43 6.61 27.00
C ILE G 48 -13.35 5.21 26.47
N TYR G 49 -13.58 5.04 25.19
CA TYR G 49 -13.43 3.73 24.63
C TYR G 49 -12.44 3.71 23.49
N ALA G 50 -11.89 2.54 23.27
CA ALA G 50 -10.91 2.37 22.20
C ALA G 50 -9.79 3.42 22.33
N ALA G 51 -9.25 3.55 23.54
CA ALA G 51 -8.15 4.44 23.94
C ALA G 51 -8.48 5.93 24.01
N SER G 52 -9.06 6.50 22.95
CA SER G 52 -9.29 7.95 22.92
C SER G 52 -10.65 8.47 22.52
N THR G 53 -11.66 7.62 22.34
CA THR G 53 -12.94 8.14 21.88
C THR G 53 -13.90 8.37 23.03
N LEU G 54 -14.50 9.55 23.13
CA LEU G 54 -15.40 9.72 24.25
C LEU G 54 -16.75 9.14 23.98
N GLN G 55 -17.33 8.61 25.03
CA GLN G 55 -18.68 8.12 24.96
C GLN G 55 -19.64 9.28 24.90
N SER G 56 -20.73 9.10 24.18
CA SER G 56 -21.68 10.17 24.08
C SER G 56 -22.15 10.60 25.45
N GLY G 57 -22.20 11.91 25.67
CA GLY G 57 -22.65 12.46 26.95
C GLY G 57 -21.50 12.76 27.92
N VAL G 58 -20.29 12.32 27.59
CA VAL G 58 -19.14 12.55 28.43
C VAL G 58 -18.61 13.97 28.23
N PRO G 59 -18.41 14.78 29.29
CA PRO G 59 -17.92 16.12 29.21
C PRO G 59 -16.58 16.19 28.50
N SER G 60 -16.39 17.27 27.74
CA SER G 60 -15.22 17.55 26.90
C SER G 60 -13.92 17.72 27.68
N ARG G 61 -14.03 17.87 28.98
CA ARG G 61 -12.86 18.01 29.84
C ARG G 61 -12.09 16.69 29.91
N PHE G 62 -12.76 15.58 29.56
CA PHE G 62 -12.12 14.28 29.59
C PHE G 62 -11.51 13.97 28.25
N SER G 63 -10.31 13.43 28.28
CA SER G 63 -9.64 13.02 27.06
C SER G 63 -8.62 11.97 27.41
N GLY G 64 -8.01 11.39 26.40
CA GLY G 64 -6.97 10.41 26.66
C GLY G 64 -6.40 9.93 25.36
N SER G 65 -5.30 9.21 25.48
CA SER G 65 -4.59 8.68 24.33
C SER G 65 -3.66 7.58 24.73
N GLY G 66 -3.12 6.87 23.76
CA GLY G 66 -2.13 5.86 24.09
C GLY G 66 -1.87 4.93 22.96
N SER G 67 -0.96 4.00 23.20
CA SER G 67 -0.58 3.02 22.21
C SER G 67 -0.26 1.73 22.90
N ARG G 68 0.30 0.79 22.17
CA ARG G 68 0.57 -0.48 22.79
C ARG G 68 1.28 -0.34 24.12
N THR G 69 0.71 -1.00 25.12
CA THR G 69 1.15 -1.12 26.52
C THR G 69 1.07 0.13 27.41
N ASP G 70 0.74 1.32 26.87
CA ASP G 70 0.73 2.54 27.70
C ASP G 70 -0.32 3.57 27.32
N PHE G 71 -1.22 3.86 28.25
CA PHE G 71 -2.30 4.81 28.00
C PHE G 71 -2.50 5.83 29.11
N THR G 72 -2.96 7.03 28.73
CA THR G 72 -3.22 8.08 29.71
C THR G 72 -4.61 8.70 29.66
N LEU G 73 -5.19 8.87 30.84
CA LEU G 73 -6.44 9.59 31.06
C LEU G 73 -6.11 10.96 31.56
N THR G 74 -6.59 11.96 30.85
CA THR G 74 -6.35 13.34 31.24
C THR G 74 -7.66 14.00 31.59
N ILE G 75 -7.69 14.63 32.75
CA ILE G 75 -8.90 15.32 33.12
C ILE G 75 -8.55 16.77 33.37
N SER G 76 -9.00 17.67 32.51
CA SER G 76 -8.67 19.09 32.68
C SER G 76 -9.80 19.81 33.39
N SER G 77 -9.52 21.01 33.89
CA SER G 77 -10.58 21.80 34.49
C SER G 77 -11.43 21.00 35.46
N LEU G 78 -10.79 20.32 36.43
CA LEU G 78 -11.55 19.48 37.35
C LEU G 78 -12.61 20.24 38.08
N GLN G 79 -13.80 19.67 38.13
CA GLN G 79 -14.93 20.26 38.83
C GLN G 79 -15.22 19.46 40.10
N PRO G 80 -15.92 20.01 41.11
CA PRO G 80 -16.33 19.29 42.31
C PRO G 80 -17.04 17.98 42.02
N GLU G 81 -17.76 17.93 40.89
CA GLU G 81 -18.49 16.76 40.46
C GLU G 81 -17.64 15.57 39.98
N ASP G 82 -16.36 15.79 39.66
CA ASP G 82 -15.50 14.75 39.10
C ASP G 82 -14.81 13.93 40.18
N PHE G 83 -15.61 13.47 41.13
CA PHE G 83 -15.15 12.64 42.21
C PHE G 83 -15.49 11.22 41.91
N ALA G 84 -14.48 10.41 41.71
CA ALA G 84 -14.74 9.02 41.34
C ALA G 84 -13.51 8.16 41.41
N ALA G 85 -13.73 6.85 41.39
CA ALA G 85 -12.61 5.97 41.16
C ALA G 85 -12.53 5.80 39.64
N TYR G 86 -11.34 5.81 39.08
CA TYR G 86 -11.25 5.61 37.64
C TYR G 86 -10.60 4.28 37.35
N TYR G 87 -11.17 3.51 36.43
CA TYR G 87 -10.63 2.18 36.13
C TYR G 87 -10.18 1.95 34.69
N CYS G 88 -9.09 1.15 34.55
CA CYS G 88 -8.49 0.69 33.29
C CYS G 88 -9.09 -0.68 32.89
N GLN G 89 -9.71 -0.79 31.71
CA GLN G 89 -10.24 -2.09 31.24
C GLN G 89 -9.56 -2.57 29.96
N GLN G 90 -9.07 -3.80 29.97
CA GLN G 90 -8.40 -4.36 28.81
C GLN G 90 -9.30 -5.32 28.07
N SER G 91 -9.78 -4.90 26.90
CA SER G 91 -10.74 -5.64 26.07
C SER G 91 -10.08 -6.49 24.98
N TYR G 92 -8.77 -6.50 24.96
CA TYR G 92 -8.04 -7.21 23.93
C TYR G 92 -8.29 -8.72 23.85
N GLY G 93 -8.26 -9.44 24.98
CA GLY G 93 -8.47 -10.90 24.97
C GLY G 93 -9.84 -11.31 25.49
N LEU G 94 -10.06 -12.63 25.67
CA LEU G 94 -11.37 -13.09 26.18
C LEU G 94 -11.54 -12.91 27.69
N PRO G 95 -10.56 -13.29 28.56
CA PRO G 95 -10.68 -13.21 30.00
C PRO G 95 -10.43 -11.79 30.40
N ARG G 96 -11.36 -10.92 30.09
CA ARG G 96 -11.21 -9.48 30.22
C ARG G 96 -10.82 -9.07 31.63
N THR G 97 -9.86 -8.14 31.73
CA THR G 97 -9.39 -7.73 33.07
C THR G 97 -9.45 -6.22 33.30
N PHE G 98 -9.39 -5.85 34.59
CA PHE G 98 -9.38 -4.46 35.02
C PHE G 98 -8.17 -4.14 35.91
N GLY G 99 -7.80 -2.87 35.96
CA GLY G 99 -6.76 -2.36 36.86
C GLY G 99 -7.35 -2.17 38.26
N GLN G 100 -6.56 -1.62 39.17
CA GLN G 100 -6.97 -1.48 40.56
C GLN G 100 -7.97 -0.39 40.89
N GLY G 101 -7.98 0.69 40.12
CA GLY G 101 -8.84 1.82 40.36
C GLY G 101 -8.11 2.97 41.04
N THR G 102 -8.14 4.13 40.43
CA THR G 102 -7.49 5.31 40.97
C THR G 102 -8.49 6.19 41.64
N ARG G 103 -8.25 6.55 42.89
CA ARG G 103 -9.24 7.37 43.59
C ARG G 103 -8.90 8.85 43.55
N LEU G 104 -9.70 9.62 42.79
CA LEU G 104 -9.47 11.06 42.63
C LEU G 104 -10.41 11.94 43.44
N GLU G 105 -9.80 12.67 44.39
CA GLU G 105 -10.47 13.60 45.31
C GLU G 105 -10.35 15.03 44.81
N ILE G 106 -11.47 15.77 44.85
CA ILE G 106 -11.48 17.14 44.36
C ILE G 106 -11.62 18.19 45.49
N LYS G 107 -10.74 19.22 45.49
CA LYS G 107 -10.70 20.35 46.47
C LYS G 107 -11.15 21.69 45.81
N GLN H 1 4.51 38.84 -15.97
CA GLN H 1 3.91 39.80 -15.05
C GLN H 1 4.86 40.22 -13.91
N VAL H 2 5.52 39.24 -13.26
CA VAL H 2 6.37 39.47 -12.08
C VAL H 2 7.76 39.95 -12.45
N GLN H 3 8.14 41.07 -11.87
CA GLN H 3 9.45 41.63 -12.12
C GLN H 3 10.10 42.03 -10.82
N LEU H 4 11.40 41.92 -10.79
CA LEU H 4 12.16 42.33 -9.64
C LEU H 4 13.16 43.37 -10.09
N ARG H 5 13.24 44.50 -9.39
CA ARG H 5 14.17 45.56 -9.78
C ARG H 5 15.11 45.90 -8.65
N GLU H 6 16.36 46.21 -8.94
CA GLU H 6 17.29 46.51 -7.85
C GLU H 6 18.03 47.82 -7.96
N SER H 7 18.39 48.37 -6.80
CA SER H 7 19.19 49.57 -6.70
C SER H 7 20.08 49.54 -5.47
N GLY H 8 21.06 50.43 -5.46
CA GLY H 8 22.00 50.53 -4.34
C GLY H 8 23.02 51.61 -4.64
N PRO H 9 23.98 51.87 -3.73
CA PRO H 9 25.01 52.90 -3.82
C PRO H 9 26.04 52.73 -4.92
N GLY H 10 26.18 51.50 -5.42
CA GLY H 10 27.17 51.22 -6.44
C GLY H 10 28.56 51.02 -5.82
N LEU H 11 29.07 52.06 -5.18
CA LEU H 11 30.36 52.01 -4.52
C LEU H 11 30.28 52.01 -3.01
N VAL H 12 30.97 51.05 -2.41
CA VAL H 12 31.09 50.87 -0.98
C VAL H 12 32.58 50.90 -0.62
N LYS H 13 32.97 51.60 0.42
CA LYS H 13 34.39 51.60 0.77
C LYS H 13 34.65 50.41 1.69
N PRO H 14 35.87 49.88 1.78
CA PRO H 14 36.22 48.85 2.71
C PRO H 14 35.85 49.28 4.10
N SER H 15 35.35 48.32 4.86
CA SER H 15 34.90 48.44 6.24
C SER H 15 33.59 49.20 6.40
N GLN H 16 32.93 49.54 5.30
CA GLN H 16 31.63 50.17 5.37
C GLN H 16 30.54 49.13 5.20
N THR H 17 29.30 49.60 5.31
CA THR H 17 28.17 48.71 5.16
C THR H 17 27.57 48.81 3.76
N LEU H 18 27.36 47.65 3.16
CA LEU H 18 26.77 47.51 1.84
C LEU H 18 25.28 47.38 2.03
N SER H 19 24.51 48.15 1.30
CA SER H 19 23.06 48.07 1.43
C SER H 19 22.33 48.14 0.12
N LEU H 20 21.60 47.07 -0.20
CA LEU H 20 20.86 46.97 -1.44
C LEU H 20 19.38 46.79 -1.23
N THR H 21 18.58 47.36 -2.12
CA THR H 21 17.13 47.21 -2.04
C THR H 21 16.55 46.66 -3.36
N CYS H 22 15.67 45.63 -3.25
CA CYS H 22 14.93 44.98 -4.33
C CYS H 22 13.45 45.33 -4.22
N THR H 23 12.88 45.79 -5.32
CA THR H 23 11.47 46.11 -5.31
C THR H 23 10.75 45.07 -6.12
N VAL H 24 9.74 44.49 -5.50
CA VAL H 24 8.96 43.44 -6.10
C VAL H 24 7.73 44.07 -6.77
N SER H 25 7.47 43.73 -8.02
CA SER H 25 6.33 44.28 -8.74
C SER H 25 5.51 43.21 -9.44
N GLY H 26 4.20 43.21 -9.19
CA GLY H 26 3.30 42.22 -9.79
C GLY H 26 3.11 40.98 -8.92
N ASP H 27 3.74 40.97 -7.75
CA ASP H 27 3.69 39.86 -6.79
C ASP H 27 3.67 40.38 -5.36
N SER H 28 2.53 40.34 -4.68
CA SER H 28 2.50 40.93 -3.33
C SER H 28 3.47 40.19 -2.41
N ILE H 29 4.40 40.95 -1.84
CA ILE H 29 5.48 40.36 -1.09
C ILE H 29 4.98 39.65 0.15
N SER H 30 3.91 40.17 0.74
CA SER H 30 3.30 39.66 1.95
C SER H 30 2.18 38.66 1.77
N ASN H 31 1.73 38.43 0.54
CA ASN H 31 0.60 37.53 0.38
C ASN H 31 0.93 36.23 -0.30
N GLY H 32 1.95 36.21 -1.15
CA GLY H 32 2.27 35.01 -1.91
C GLY H 32 2.61 33.79 -1.04
N GLY H 33 3.24 34.01 0.12
CA GLY H 33 3.62 32.91 0.98
C GLY H 33 4.88 32.23 0.42
N LEU H 34 5.64 32.99 -0.35
CA LEU H 34 6.83 32.54 -1.02
C LEU H 34 8.06 33.03 -0.32
N TYR H 35 9.21 32.45 -0.65
CA TYR H 35 10.43 32.94 -0.01
C TYR H 35 11.18 33.87 -0.96
N TRP H 36 11.72 34.91 -0.41
CA TRP H 36 12.47 35.86 -1.20
C TRP H 36 13.97 35.71 -0.96
N ASN H 37 14.74 35.53 -2.04
CA ASN H 37 16.18 35.24 -1.94
C ASN H 37 17.12 36.30 -2.45
N TRP H 38 18.32 36.31 -1.85
CA TRP H 38 19.46 37.08 -2.34
C TRP H 38 20.54 36.08 -2.78
N ILE H 39 21.15 36.33 -3.94
CA ILE H 39 22.21 35.54 -4.56
C ILE H 39 23.27 36.50 -5.13
N ARG H 40 24.55 36.12 -5.16
CA ARG H 40 25.55 36.98 -5.81
C ARG H 40 26.62 36.24 -6.61
N GLN H 41 27.24 36.97 -7.55
CA GLN H 41 28.41 36.44 -8.29
C GLN H 41 29.63 37.32 -8.21
N ARG H 42 30.68 36.80 -7.61
CA ARG H 42 31.92 37.52 -7.49
C ARG H 42 32.56 37.38 -8.87
N PRO H 43 33.48 38.24 -9.31
CA PRO H 43 34.14 38.06 -10.59
C PRO H 43 34.82 36.69 -10.65
N GLY H 44 34.72 36.00 -11.78
CA GLY H 44 35.36 34.69 -11.98
C GLY H 44 34.55 33.51 -11.45
N ARG H 45 34.09 33.67 -10.22
CA ARG H 45 33.33 32.72 -9.43
C ARG H 45 31.86 32.55 -9.87
N GLY H 46 31.26 31.43 -9.45
CA GLY H 46 29.88 31.13 -9.80
C GLY H 46 28.87 31.67 -8.80
N LEU H 47 27.64 31.17 -8.88
CA LEU H 47 26.56 31.66 -8.03
C LEU H 47 26.73 31.26 -6.58
N GLU H 48 26.58 32.21 -5.69
CA GLU H 48 26.62 31.98 -4.25
C GLU H 48 25.31 32.44 -3.63
N TRP H 49 24.65 31.56 -2.92
CA TRP H 49 23.42 31.95 -2.25
C TRP H 49 23.75 32.75 -1.01
N ILE H 50 23.03 33.85 -0.79
CA ILE H 50 23.26 34.71 0.36
C ILE H 50 22.34 34.42 1.52
N GLY H 51 21.05 34.35 1.23
CA GLY H 51 20.05 34.17 2.28
C GLY H 51 18.65 34.41 1.76
N TYR H 52 17.66 34.24 2.65
CA TYR H 52 16.28 34.50 2.28
C TYR H 52 15.40 34.88 3.44
N ILE H 53 14.29 35.49 3.08
CA ILE H 53 13.27 35.88 4.03
C ILE H 53 11.90 35.37 3.59
N TYR H 54 11.09 34.92 4.52
CA TYR H 54 9.77 34.42 4.21
C TYR H 54 8.87 35.61 4.01
N TYR H 55 7.58 35.42 3.71
CA TYR H 55 6.74 36.61 3.51
C TYR H 55 6.63 37.41 4.83
N ASN H 56 6.80 36.70 5.94
CA ASN H 56 6.80 37.25 7.28
C ASN H 56 8.27 37.46 7.61
N GLY H 57 8.62 37.77 8.84
CA GLY H 57 10.01 38.08 9.12
C GLY H 57 10.97 36.89 9.33
N VAL H 58 10.51 35.66 9.17
CA VAL H 58 11.44 34.56 9.41
C VAL H 58 12.53 34.64 8.37
N THR H 59 13.77 34.65 8.83
CA THR H 59 14.90 34.82 7.93
C THR H 59 16.01 33.80 8.18
N THR H 60 16.62 33.30 7.09
CA THR H 60 17.73 32.37 7.17
C THR H 60 18.91 32.92 6.38
N TYR H 61 20.13 32.48 6.71
CA TYR H 61 21.31 32.98 6.04
C TYR H 61 22.33 31.91 5.70
N ASN H 62 23.18 32.19 4.71
CA ASN H 62 24.33 31.36 4.43
C ASN H 62 25.26 31.51 5.60
N PRO H 63 25.61 30.45 6.35
CA PRO H 63 26.44 30.48 7.54
C PRO H 63 27.77 31.20 7.35
N SER H 64 28.33 31.26 6.14
CA SER H 64 29.62 31.94 5.95
C SER H 64 29.53 33.44 6.21
N LEU H 65 28.32 33.99 6.18
CA LEU H 65 28.07 35.39 6.40
C LEU H 65 27.40 35.62 7.74
N ARG H 66 27.36 34.62 8.62
CA ARG H 66 26.62 34.78 9.86
C ARG H 66 27.08 35.94 10.75
N SER H 67 28.34 36.34 10.67
CA SER H 67 28.82 37.44 11.48
C SER H 67 28.62 38.82 10.83
N ARG H 68 28.23 38.83 9.54
CA ARG H 68 28.12 40.06 8.75
C ARG H 68 26.75 40.39 8.14
N ILE H 69 25.85 39.43 8.02
CA ILE H 69 24.62 39.66 7.27
C ILE H 69 23.30 39.82 8.01
N ALA H 70 22.48 40.69 7.46
CA ALA H 70 21.11 40.89 7.89
C ALA H 70 20.22 41.08 6.64
N ILE H 71 19.03 40.48 6.68
CA ILE H 71 18.01 40.58 5.64
C ILE H 71 16.69 40.97 6.27
N SER H 72 15.96 41.85 5.61
CA SER H 72 14.65 42.28 6.11
C SER H 72 13.72 42.68 4.98
N LEU H 73 12.42 42.78 5.28
CA LEU H 73 11.51 43.28 4.27
C LEU H 73 10.52 44.27 4.84
N GLU H 74 10.06 45.17 3.96
CA GLU H 74 9.02 46.13 4.27
C GLU H 74 7.80 45.80 3.42
N THR H 75 6.75 45.31 4.07
CA THR H 75 5.59 44.86 3.31
C THR H 75 4.91 45.99 2.62
N ALA H 76 4.94 47.14 3.25
CA ALA H 76 4.28 48.35 2.77
C ALA H 76 4.74 48.78 1.39
N LYS H 77 5.99 48.51 1.05
CA LYS H 77 6.52 48.94 -0.23
C LYS H 77 6.87 47.78 -1.14
N ASN H 78 6.51 46.56 -0.74
CA ASN H 78 6.96 45.40 -1.51
C ASN H 78 8.47 45.40 -1.68
N GLN H 79 9.21 45.70 -0.61
CA GLN H 79 10.67 45.71 -0.75
C GLN H 79 11.44 44.79 0.17
N LEU H 80 12.52 44.28 -0.39
CA LEU H 80 13.49 43.45 0.30
C LEU H 80 14.78 44.19 0.43
N SER H 81 15.51 43.96 1.50
CA SER H 81 16.83 44.56 1.56
C SER H 81 17.87 43.64 2.17
N LEU H 82 19.09 43.88 1.72
CA LEU H 82 20.28 43.20 2.15
C LEU H 82 21.29 44.13 2.76
N ARG H 83 21.78 43.78 3.93
CA ARG H 83 22.79 44.56 4.61
C ARG H 83 24.00 43.73 5.01
N LEU H 84 25.19 44.15 4.56
CA LEU H 84 26.43 43.45 4.91
C LEU H 84 27.41 44.38 5.60
N SER H 85 27.83 44.02 6.81
CA SER H 85 28.77 44.85 7.56
C SER H 85 30.19 44.43 7.22
N SER H 86 31.17 45.26 7.57
CA SER H 86 32.58 44.95 7.39
C SER H 86 32.90 44.46 5.98
N VAL H 87 32.42 45.20 5.00
CA VAL H 87 32.56 44.86 3.60
C VAL H 87 33.98 45.00 3.08
N SER H 88 34.43 44.01 2.32
CA SER H 88 35.78 44.08 1.78
C SER H 88 35.82 43.75 0.30
N ALA H 89 37.02 43.59 -0.24
CA ALA H 89 37.20 43.36 -1.68
C ALA H 89 36.47 42.10 -2.15
N ALA H 90 36.38 41.10 -1.29
CA ALA H 90 35.75 39.82 -1.58
C ALA H 90 34.25 39.95 -1.80
N ASP H 91 33.67 41.07 -1.39
CA ASP H 91 32.25 41.31 -1.51
C ASP H 91 31.89 41.99 -2.82
N THR H 92 32.88 42.27 -3.69
CA THR H 92 32.51 42.85 -4.98
C THR H 92 31.76 41.77 -5.72
N ALA H 93 30.59 42.09 -6.19
CA ALA H 93 29.79 41.08 -6.87
C ALA H 93 28.59 41.65 -7.57
N ILE H 94 28.00 40.86 -8.45
CA ILE H 94 26.71 41.23 -8.95
C ILE H 94 25.73 40.63 -7.99
N TYR H 95 24.88 41.44 -7.45
CA TYR H 95 23.88 40.98 -6.51
C TYR H 95 22.60 40.81 -7.25
N TYR H 96 21.86 39.77 -6.92
CA TYR H 96 20.56 39.50 -7.49
C TYR H 96 19.54 39.16 -6.41
N CYS H 97 18.28 39.57 -6.61
CA CYS H 97 17.13 39.13 -5.82
C CYS H 97 16.35 38.15 -6.71
N ALA H 98 15.68 37.18 -6.06
CA ALA H 98 14.88 36.19 -6.77
C ALA H 98 13.70 35.65 -5.96
N ARG H 99 12.68 35.20 -6.65
CA ARG H 99 11.52 34.61 -6.02
C ARG H 99 11.59 33.10 -5.97
N GLU H 100 11.29 32.50 -4.83
CA GLU H 100 11.25 31.05 -4.70
C GLU H 100 9.85 30.46 -4.69
N GLY H 101 9.57 29.69 -5.75
CA GLY H 101 8.29 29.04 -5.99
C GLY H 101 8.43 27.59 -5.58
N TRP H 102 7.40 26.77 -5.83
CA TRP H 102 7.48 25.37 -5.45
C TRP H 102 6.54 24.42 -6.19
N VAL H 103 6.89 23.14 -6.14
CA VAL H 103 6.12 22.03 -6.68
C VAL H 103 5.77 21.12 -5.50
N PRO H 104 4.53 20.73 -5.23
CA PRO H 104 4.25 19.81 -4.16
C PRO H 104 4.91 18.53 -4.64
N ASP H 105 5.52 17.76 -3.78
CA ASP H 105 6.21 16.57 -4.24
C ASP H 105 6.18 15.47 -3.20
N TYR H 106 6.77 14.34 -3.53
CA TYR H 106 6.77 13.17 -2.67
C TYR H 106 7.61 13.39 -1.42
N GLY H 107 8.57 14.29 -1.53
CA GLY H 107 9.47 14.63 -0.43
C GLY H 107 9.14 15.99 0.22
N GLY H 108 8.01 16.58 -0.12
CA GLY H 108 7.67 17.92 0.39
C GLY H 108 7.87 18.94 -0.68
N ARG H 109 7.54 20.20 -0.37
CA ARG H 109 7.61 21.21 -1.41
C ARG H 109 9.01 21.27 -1.99
N ASN H 110 9.05 21.24 -3.32
CA ASN H 110 10.28 21.27 -4.07
C ASN H 110 10.47 22.65 -4.64
N TYR H 111 11.42 23.37 -4.06
CA TYR H 111 11.64 24.77 -4.33
C TYR H 111 12.57 25.06 -5.50
N TYR H 112 12.28 26.16 -6.21
CA TYR H 112 13.07 26.67 -7.34
C TYR H 112 12.95 28.19 -7.53
N LEU H 113 13.91 28.82 -8.22
CA LEU H 113 13.85 30.26 -8.43
C LEU H 113 13.44 30.63 -9.85
N ASP H 114 12.21 31.07 -10.04
CA ASP H 114 11.73 31.37 -11.37
C ASP H 114 12.02 32.81 -11.80
N PHE H 115 11.59 33.76 -10.99
CA PHE H 115 11.79 35.16 -11.30
C PHE H 115 13.01 35.73 -10.63
N TRP H 116 13.87 36.30 -11.45
CA TRP H 116 15.11 36.93 -11.04
C TRP H 116 15.07 38.38 -11.47
N GLY H 117 15.73 39.24 -10.74
CA GLY H 117 15.85 40.62 -11.18
C GLY H 117 17.03 40.74 -12.11
N GLN H 118 17.35 41.96 -12.52
CA GLN H 118 18.48 42.15 -13.44
C GLN H 118 19.78 42.13 -12.65
N GLY H 119 19.68 42.53 -11.40
CA GLY H 119 20.81 42.57 -10.52
C GLY H 119 21.52 43.89 -10.61
N THR H 120 22.50 44.07 -9.75
CA THR H 120 23.28 45.29 -9.72
C THR H 120 24.69 45.02 -9.25
N LEU H 121 25.64 45.81 -9.72
CA LEU H 121 27.02 45.63 -9.30
C LEU H 121 27.43 46.49 -8.16
N VAL H 122 28.03 45.87 -7.17
CA VAL H 122 28.58 46.62 -6.10
C VAL H 122 30.08 46.44 -6.09
N THR H 123 30.78 47.55 -6.15
CA THR H 123 32.23 47.60 -6.15
C THR H 123 32.73 48.01 -4.81
N VAL H 124 33.70 47.27 -4.28
CA VAL H 124 34.26 47.68 -3.01
C VAL H 124 35.69 48.15 -3.27
N SER H 125 35.96 49.41 -2.97
CA SER H 125 37.29 49.97 -3.26
C SER H 125 37.60 51.23 -2.43
N SER H 126 38.90 51.65 -2.41
CA SER H 126 39.43 52.85 -1.72
C SER H 126 39.69 54.00 -2.72
N ASP I 1 27.51 22.64 4.17
CA ASP I 1 26.35 21.73 4.16
C ASP I 1 26.54 20.71 2.99
N ILE I 2 25.52 20.51 2.09
CA ILE I 2 25.61 19.55 0.99
C ILE I 2 26.29 20.25 -0.17
N GLN I 3 27.41 19.69 -0.60
CA GLN I 3 28.15 20.33 -1.65
C GLN I 3 27.82 19.73 -2.98
N MET I 4 27.92 20.55 -4.00
CA MET I 4 27.65 20.10 -5.34
C MET I 4 28.84 20.13 -6.26
N THR I 5 29.08 19.00 -6.91
CA THR I 5 30.15 18.88 -7.88
C THR I 5 29.57 18.82 -9.28
N GLN I 6 29.99 19.73 -10.11
CA GLN I 6 29.51 19.76 -11.46
C GLN I 6 30.65 19.44 -12.42
N SER I 7 30.34 18.64 -13.43
CA SER I 7 31.36 18.22 -14.41
C SER I 7 30.70 17.91 -15.74
N PRO I 8 31.31 18.25 -16.89
CA PRO I 8 32.60 18.87 -17.21
C PRO I 8 32.67 20.32 -16.78
N SER I 9 33.88 20.86 -16.68
CA SER I 9 34.00 22.28 -16.37
C SER I 9 33.68 23.12 -17.60
N SER I 10 33.91 22.54 -18.77
CA SER I 10 33.61 23.17 -20.03
C SER I 10 33.38 22.12 -21.10
N LEU I 11 32.55 22.49 -22.06
CA LEU I 11 32.22 21.70 -23.24
C LEU I 11 32.41 22.49 -24.50
N SER I 12 32.67 21.78 -25.59
CA SER I 12 32.71 22.38 -26.90
C SER I 12 32.02 21.43 -27.84
N ALA I 13 31.00 21.93 -28.51
CA ALA I 13 30.23 21.07 -29.41
C ALA I 13 29.70 21.85 -30.59
N SER I 14 29.47 21.16 -31.68
CA SER I 14 28.99 21.77 -32.91
C SER I 14 27.49 21.92 -32.95
N VAL I 15 27.02 22.77 -33.82
CA VAL I 15 25.60 22.89 -33.98
C VAL I 15 25.06 21.58 -34.51
N GLY I 16 24.03 21.08 -33.85
CA GLY I 16 23.37 19.83 -34.14
C GLY I 16 23.80 18.69 -33.23
N ASP I 17 24.91 18.87 -32.50
CA ASP I 17 25.43 17.86 -31.56
C ASP I 17 24.61 17.75 -30.31
N ARG I 18 24.72 16.61 -29.65
CA ARG I 18 24.08 16.41 -28.36
C ARG I 18 25.15 16.31 -27.31
N VAL I 19 24.95 17.01 -26.20
CA VAL I 19 25.91 16.96 -25.10
C VAL I 19 25.27 16.70 -23.76
N THR I 20 26.07 16.24 -22.81
CA THR I 20 25.58 16.10 -21.47
C THR I 20 26.49 16.76 -20.45
N ILE I 21 25.86 17.25 -19.40
CA ILE I 21 26.49 17.88 -18.24
C ILE I 21 25.95 17.18 -17.00
N THR I 22 26.77 16.82 -16.03
CA THR I 22 26.19 16.15 -14.87
C THR I 22 26.42 16.88 -13.54
N CYS I 23 25.57 16.54 -12.54
CA CYS I 23 25.58 17.00 -11.15
C CYS I 23 25.78 15.83 -10.20
N ARG I 24 26.70 15.96 -9.26
CA ARG I 24 26.85 14.93 -8.25
C ARG I 24 26.75 15.58 -6.88
N ALA I 25 25.84 15.09 -6.07
CA ALA I 25 25.65 15.68 -4.75
C ALA I 25 26.45 14.91 -3.74
N SER I 26 26.96 15.59 -2.71
CA SER I 26 27.65 14.89 -1.63
C SER I 26 26.68 14.07 -0.77
N HIS I 27 25.39 14.38 -0.86
CA HIS I 27 24.35 13.70 -0.09
C HIS I 27 23.10 13.46 -0.93
N ASN I 28 22.13 12.77 -0.36
CA ASN I 28 20.90 12.47 -1.05
C ASN I 28 19.99 13.67 -1.10
N ILE I 29 19.79 14.23 -2.31
CA ILE I 29 18.97 15.40 -2.43
C ILE I 29 17.62 15.13 -3.08
N GLN I 30 17.22 13.86 -3.10
CA GLN I 30 15.87 13.39 -3.41
C GLN I 30 15.04 14.11 -4.48
N ASN I 31 15.49 14.24 -5.71
CA ASN I 31 14.71 14.95 -6.76
C ASN I 31 14.54 16.46 -6.56
N PHE I 32 15.42 17.10 -5.79
CA PHE I 32 15.39 18.55 -5.53
C PHE I 32 16.50 19.31 -6.26
N LEU I 33 16.87 18.84 -7.45
CA LEU I 33 17.89 19.51 -8.25
C LEU I 33 17.30 20.42 -9.32
N ASN I 34 17.76 21.65 -9.36
CA ASN I 34 17.32 22.56 -10.42
C ASN I 34 18.51 22.91 -11.34
N TRP I 35 18.24 23.10 -12.63
CA TRP I 35 19.29 23.52 -13.55
C TRP I 35 19.03 24.91 -14.08
N TYR I 36 20.08 25.73 -14.12
CA TYR I 36 19.97 27.09 -14.63
C TYR I 36 20.91 27.40 -15.78
N GLN I 37 20.44 28.24 -16.71
CA GLN I 37 21.20 28.70 -17.86
C GLN I 37 21.60 30.17 -17.76
N GLN I 38 22.88 30.46 -17.66
CA GLN I 38 23.28 31.85 -17.53
C GLN I 38 24.01 32.40 -18.74
N LYS I 39 23.34 33.28 -19.46
CA LYS I 39 23.97 33.88 -20.62
C LYS I 39 24.72 35.10 -20.11
N PRO I 40 25.83 35.51 -20.71
CA PRO I 40 26.57 36.67 -20.27
C PRO I 40 25.69 37.88 -20.22
N GLY I 41 25.81 38.65 -19.13
CA GLY I 41 25.04 39.87 -18.95
C GLY I 41 23.64 39.66 -18.37
N LYS I 42 23.26 38.41 -18.13
CA LYS I 42 21.92 38.13 -17.62
C LYS I 42 21.90 37.35 -16.31
N ALA I 43 20.81 37.50 -15.56
CA ALA I 43 20.58 36.70 -14.38
C ALA I 43 20.31 35.29 -14.90
N PRO I 44 20.64 34.21 -14.17
CA PRO I 44 20.38 32.86 -14.58
C PRO I 44 18.91 32.59 -14.84
N LYS I 45 18.62 31.81 -15.88
CA LYS I 45 17.26 31.42 -16.20
C LYS I 45 17.02 29.99 -15.77
N LEU I 46 15.88 29.70 -15.20
CA LEU I 46 15.58 28.32 -14.85
C LEU I 46 15.21 27.51 -16.07
N LEU I 47 15.86 26.35 -16.24
CA LEU I 47 15.54 25.46 -17.32
C LEU I 47 14.75 24.28 -16.83
N ILE I 48 15.32 23.62 -15.84
CA ILE I 48 14.74 22.38 -15.32
C ILE I 48 14.55 22.43 -13.84
N TYR I 49 13.37 22.05 -13.37
CA TYR I 49 13.17 22.01 -11.95
C TYR I 49 12.74 20.64 -11.49
N ALA I 50 13.01 20.37 -10.23
CA ALA I 50 12.65 19.09 -9.66
C ALA I 50 13.18 17.94 -10.52
N ALA I 51 14.47 18.02 -10.88
CA ALA I 51 15.24 17.06 -11.67
C ALA I 51 14.90 16.97 -13.16
N SER I 52 13.63 16.82 -13.51
CA SER I 52 13.26 16.61 -14.92
C SER I 52 12.14 17.45 -15.51
N THR I 53 11.60 18.42 -14.81
CA THR I 53 10.46 19.16 -15.36
C THR I 53 10.90 20.45 -16.03
N LEU I 54 10.49 20.68 -17.27
CA LEU I 54 10.95 21.93 -17.87
C LEU I 54 10.10 23.08 -17.44
N GLN I 55 10.76 24.22 -17.29
CA GLN I 55 10.08 25.45 -17.00
C GLN I 55 9.35 25.92 -18.23
N SER I 56 8.21 26.54 -18.04
CA SER I 56 7.46 27.01 -19.18
C SER I 56 8.31 27.95 -20.01
N GLY I 57 8.28 27.77 -21.33
CA GLY I 57 9.03 28.59 -22.26
C GLY I 57 10.40 28.01 -22.63
N VAL I 58 10.82 26.96 -21.93
CA VAL I 58 12.09 26.33 -22.21
C VAL I 58 11.99 25.42 -23.43
N PRO I 59 12.85 25.54 -24.44
CA PRO I 59 12.85 24.74 -25.64
C PRO I 59 12.93 23.25 -25.32
N SER I 60 12.23 22.46 -26.12
CA SER I 60 12.10 21.01 -25.99
C SER I 60 13.39 20.23 -26.17
N ARG I 61 14.42 20.90 -26.66
CA ARG I 61 15.72 20.28 -26.85
C ARG I 61 16.38 20.02 -25.50
N PHE I 62 15.90 20.70 -24.45
CA PHE I 62 16.46 20.53 -23.12
C PHE I 62 15.69 19.45 -22.40
N SER I 63 16.42 18.59 -21.70
CA SER I 63 15.81 17.56 -20.90
C SER I 63 16.79 17.14 -19.83
N GLY I 64 16.34 16.30 -18.93
CA GLY I 64 17.24 15.80 -17.91
C GLY I 64 16.52 14.83 -17.02
N SER I 65 17.30 14.15 -16.21
CA SER I 65 16.78 13.14 -15.29
C SER I 65 17.77 12.84 -14.22
N GLY I 66 17.34 12.10 -13.20
CA GLY I 66 18.28 11.70 -12.18
C GLY I 66 17.60 11.17 -10.95
N SER I 67 18.41 10.77 -10.01
CA SER I 67 17.93 10.24 -8.75
C SER I 67 18.87 10.63 -7.65
N ARG I 68 18.69 10.05 -6.49
CA ARG I 68 19.53 10.44 -5.38
C ARG I 68 21.01 10.45 -5.77
N THR I 69 21.65 11.58 -5.49
CA THR I 69 23.07 11.89 -5.67
C THR I 69 23.59 12.07 -7.11
N ASP I 70 22.79 11.78 -8.14
CA ASP I 70 23.30 11.86 -9.53
C ASP I 70 22.28 12.29 -10.57
N PHE I 71 22.55 13.41 -11.22
CA PHE I 71 21.63 13.96 -12.22
C PHE I 71 22.31 14.40 -13.51
N THR I 72 21.59 14.29 -14.63
CA THR I 72 22.11 14.70 -15.92
C THR I 72 21.25 15.67 -16.71
N LEU I 73 21.92 16.68 -17.26
CA LEU I 73 21.35 17.65 -18.19
C LEU I 73 21.73 17.26 -19.58
N THR I 74 20.74 17.07 -20.42
CA THR I 74 20.99 16.69 -21.79
C THR I 74 20.50 17.78 -22.72
N ILE I 75 21.37 18.20 -23.62
CA ILE I 75 20.95 19.21 -24.56
C ILE I 75 21.13 18.66 -25.96
N SER I 76 20.03 18.40 -26.66
CA SER I 76 20.13 17.83 -28.00
C SER I 76 20.03 18.93 -29.03
N SER I 77 20.42 18.63 -30.27
CA SER I 77 20.26 19.59 -31.35
C SER I 77 20.76 20.98 -30.96
N LEU I 78 22.00 21.07 -30.47
CA LEU I 78 22.50 22.37 -30.02
C LEU I 78 22.46 23.41 -31.09
N GLN I 79 21.96 24.59 -30.73
CA GLN I 79 21.87 25.71 -31.64
C GLN I 79 22.91 26.76 -31.25
N PRO I 80 23.31 27.69 -32.14
CA PRO I 80 24.23 28.79 -31.84
C PRO I 80 23.80 29.59 -30.61
N GLU I 81 22.49 29.68 -30.37
CA GLU I 81 21.92 30.39 -29.25
C GLU I 81 22.14 29.75 -27.88
N ASP I 82 22.50 28.47 -27.82
CA ASP I 82 22.62 27.75 -26.55
C ASP I 82 24.01 27.90 -25.94
N PHE I 83 24.47 29.13 -25.87
CA PHE I 83 25.74 29.48 -25.30
C PHE I 83 25.53 29.99 -23.91
N ALA I 84 26.00 29.26 -22.93
CA ALA I 84 25.76 29.65 -21.55
C ALA I 84 26.59 28.88 -20.56
N ALA I 85 26.66 29.40 -19.34
CA ALA I 85 27.17 28.56 -18.27
C ALA I 85 25.97 27.83 -17.71
N TYR I 86 26.11 26.56 -17.39
CA TYR I 86 24.98 25.86 -16.81
C TYR I 86 25.26 25.51 -15.37
N TYR I 87 24.31 25.75 -14.48
CA TYR I 87 24.54 25.51 -13.06
C TYR I 87 23.60 24.50 -12.39
N CYS I 88 24.17 23.73 -11.44
CA CYS I 88 23.48 22.75 -10.59
C CYS I 88 23.04 23.41 -9.25
N GLN I 89 21.74 23.41 -8.93
CA GLN I 89 21.27 23.97 -7.65
C GLN I 89 20.62 22.91 -6.76
N GLN I 90 21.07 22.83 -5.52
CA GLN I 90 20.52 21.86 -4.59
C GLN I 90 19.57 22.51 -3.60
N SER I 91 18.27 22.25 -3.78
CA SER I 91 17.18 22.85 -2.99
C SER I 91 16.75 22.01 -1.81
N TYR I 92 17.40 20.90 -1.59
CA TYR I 92 17.02 19.97 -0.54
C TYR I 92 17.05 20.55 0.89
N GLY I 93 18.13 21.25 1.28
CA GLY I 93 18.23 21.79 2.65
C GLY I 93 18.01 23.30 2.70
N LEU I 94 18.25 23.91 3.88
CA LEU I 94 18.06 25.37 3.99
C LEU I 94 19.22 26.19 3.41
N PRO I 95 20.51 25.88 3.68
CA PRO I 95 21.65 26.64 3.22
C PRO I 95 21.91 26.25 1.79
N ARG I 96 21.03 26.65 0.91
CA ARG I 96 21.01 26.22 -0.48
C ARG I 96 22.33 26.44 -1.18
N THR I 97 22.78 25.45 -1.96
CA THR I 97 24.09 25.57 -2.62
C THR I 97 24.03 25.36 -4.13
N PHE I 98 25.09 25.82 -4.81
CA PHE I 98 25.25 25.65 -6.25
C PHE I 98 26.57 24.97 -6.60
N GLY I 99 26.62 24.36 -7.79
CA GLY I 99 27.84 23.77 -8.34
C GLY I 99 28.68 24.88 -8.97
N GLN I 100 29.78 24.51 -9.63
CA GLN I 100 30.71 25.48 -10.18
C GLN I 100 30.31 26.19 -11.46
N GLY I 101 29.50 25.54 -12.29
CA GLY I 101 29.08 26.10 -13.55
C GLY I 101 29.87 25.51 -14.72
N THR I 102 29.16 24.94 -15.67
CA THR I 102 29.77 24.34 -16.84
C THR I 102 29.69 25.28 -18.00
N ARG I 103 30.81 25.58 -18.63
CA ARG I 103 30.76 26.53 -19.74
C ARG I 103 30.69 25.84 -21.10
N LEU I 104 29.52 25.95 -21.76
CA LEU I 104 29.29 25.31 -23.05
C LEU I 104 29.35 26.26 -24.25
N GLU I 105 30.35 26.01 -25.10
CA GLU I 105 30.64 26.76 -26.31
C GLU I 105 30.07 26.05 -27.54
N ILE I 106 29.41 26.82 -28.42
CA ILE I 106 28.78 26.24 -29.60
C ILE I 106 29.50 26.62 -30.91
N LYS I 107 29.82 25.61 -31.77
CA LYS I 107 30.48 25.75 -33.09
C LYS I 107 29.50 25.47 -34.27
#